data_2LIW
#
_entry.id   2LIW
#
loop_
_entity.id
_entity.type
_entity.pdbx_description
1 polymer CurA
2 non-polymer "4'-PHOSPHOPANTETHEINE"
3 non-polymer '3-HYDROXY-3-METHYL-GLUTARIC ACID'
#
_entity_poly.entity_id   1
_entity_poly.type   'polypeptide(L)'
_entity_poly.pdbx_seq_one_letter_code
;SGLVPRGSHMTPQVNQVNLSEIKQVLKQQLAEALYTEESEIAEDQKFVDLGLDSIVGVEWTTTINQTYNLNLKATKLYDY
PTLLELSGYIAQILSSQGT
;
_entity_poly.pdbx_strand_id   A
#
loop_
_chem_comp.id
_chem_comp.type
_chem_comp.name
_chem_comp.formula
MAH non-polymer '3-HYDROXY-3-METHYL-GLUTARIC ACID' 'C6 H10 O5'
PNS non-polymer 4'-PHOSPHOPANTETHEINE 'C11 H23 N2 O7 P S'
#
# COMPACT_ATOMS: atom_id res chain seq x y z
N SER A 1 -5.86 8.92 14.73
CA SER A 1 -6.61 8.51 13.53
C SER A 1 -5.69 7.67 12.66
N GLY A 2 -5.84 6.35 12.64
CA GLY A 2 -4.97 5.49 11.82
C GLY A 2 -5.19 5.61 10.32
N LEU A 3 -6.22 6.33 9.88
CA LEU A 3 -6.54 6.56 8.49
C LEU A 3 -6.94 8.03 8.39
N VAL A 4 -6.02 8.88 7.92
CA VAL A 4 -6.30 10.30 7.78
C VAL A 4 -6.08 10.65 6.30
N PRO A 5 -7.13 10.59 5.47
CA PRO A 5 -7.04 10.90 4.04
C PRO A 5 -7.02 12.41 3.79
N ARG A 6 -6.78 12.81 2.55
CA ARG A 6 -6.75 14.23 2.15
C ARG A 6 -8.18 14.75 2.02
N GLY A 7 -9.13 13.90 1.62
CA GLY A 7 -10.53 14.27 1.47
C GLY A 7 -11.51 13.11 1.38
N SER A 8 -11.07 11.86 1.56
CA SER A 8 -11.91 10.66 1.52
C SER A 8 -12.51 10.46 2.92
N HIS A 9 -13.22 9.35 3.16
CA HIS A 9 -13.82 9.07 4.45
C HIS A 9 -12.85 8.31 5.35
N MET A 10 -13.16 8.26 6.64
CA MET A 10 -12.42 7.56 7.69
C MET A 10 -13.33 6.43 8.16
N THR A 11 -12.82 5.46 8.94
CA THR A 11 -13.59 4.33 9.42
C THR A 11 -13.67 4.37 10.97
N PRO A 12 -14.65 3.70 11.59
CA PRO A 12 -14.85 3.62 13.04
C PRO A 12 -13.93 2.58 13.65
N GLN A 13 -14.25 2.08 14.86
CA GLN A 13 -13.47 1.07 15.53
C GLN A 13 -13.50 -0.21 14.66
N VAL A 14 -12.38 -0.45 14.01
CA VAL A 14 -12.13 -1.57 13.13
C VAL A 14 -10.84 -2.18 13.66
N ASN A 15 -10.98 -3.25 14.45
CA ASN A 15 -9.86 -3.97 15.07
C ASN A 15 -9.17 -4.93 14.10
N GLN A 16 -9.86 -5.27 13.02
CA GLN A 16 -9.40 -6.16 11.97
C GLN A 16 -8.57 -5.33 10.99
N VAL A 17 -7.83 -5.99 10.11
CA VAL A 17 -7.00 -5.30 9.12
C VAL A 17 -7.79 -5.15 7.83
N ASN A 18 -8.55 -4.06 7.77
CA ASN A 18 -9.40 -3.69 6.64
C ASN A 18 -8.56 -3.24 5.45
N LEU A 19 -9.10 -3.36 4.24
CA LEU A 19 -8.46 -2.96 2.99
C LEU A 19 -7.95 -1.52 3.02
N SER A 20 -8.76 -0.59 3.53
CA SER A 20 -8.38 0.81 3.60
C SER A 20 -7.15 1.00 4.47
N GLU A 21 -6.97 0.19 5.53
CA GLU A 21 -5.79 0.35 6.38
C GLU A 21 -4.50 0.20 5.59
N ILE A 22 -4.36 -0.91 4.86
CA ILE A 22 -3.17 -1.19 4.10
C ILE A 22 -3.12 -0.25 2.91
N LYS A 23 -4.23 0.02 2.22
CA LYS A 23 -4.21 0.92 1.08
C LYS A 23 -3.69 2.29 1.48
N GLN A 24 -4.24 2.89 2.54
CA GLN A 24 -3.78 4.21 2.94
C GLN A 24 -2.33 4.17 3.45
N VAL A 25 -1.92 3.08 4.10
CA VAL A 25 -0.56 2.94 4.60
C VAL A 25 0.34 2.91 3.36
N LEU A 26 0.02 2.05 2.39
CA LEU A 26 0.74 1.91 1.15
C LEU A 26 0.81 3.26 0.42
N LYS A 27 -0.18 4.17 0.55
CA LYS A 27 -0.12 5.46 -0.11
C LYS A 27 1.06 6.23 0.45
N GLN A 28 1.12 6.42 1.77
CA GLN A 28 2.21 7.17 2.38
C GLN A 28 3.55 6.59 1.96
N GLN A 29 3.61 5.26 1.99
CA GLN A 29 4.78 4.46 1.66
C GLN A 29 5.17 4.63 0.18
N LEU A 30 4.19 4.75 -0.71
CA LEU A 30 4.44 4.90 -2.14
C LEU A 30 4.91 6.32 -2.42
N ALA A 31 4.22 7.33 -1.88
CA ALA A 31 4.62 8.69 -2.13
C ALA A 31 6.04 8.94 -1.66
N GLU A 32 6.41 8.46 -0.46
CA GLU A 32 7.76 8.67 0.05
C GLU A 32 8.78 7.91 -0.81
N ALA A 33 8.44 6.70 -1.27
CA ALA A 33 9.32 5.90 -2.10
C ALA A 33 9.54 6.55 -3.47
N LEU A 34 8.62 7.41 -3.89
CA LEU A 34 8.63 8.14 -5.14
C LEU A 34 9.02 9.61 -4.95
N TYR A 35 9.42 10.03 -3.74
CA TYR A 35 9.80 11.39 -3.39
C TYR A 35 8.68 12.42 -3.72
N THR A 36 7.41 12.12 -3.43
CA THR A 36 6.30 12.99 -3.72
C THR A 36 5.32 13.03 -2.54
N GLU A 37 4.22 13.75 -2.74
CA GLU A 37 3.18 13.95 -1.76
C GLU A 37 2.05 12.96 -1.95
N GLU A 38 1.41 12.63 -0.84
CA GLU A 38 0.28 11.74 -0.80
C GLU A 38 -0.91 12.39 -1.52
N SER A 39 -0.86 13.72 -1.69
CA SER A 39 -1.86 14.52 -2.37
C SER A 39 -1.92 14.20 -3.87
N GLU A 40 -0.96 13.44 -4.41
CA GLU A 40 -0.94 13.09 -5.82
C GLU A 40 -1.32 11.62 -6.06
N ILE A 41 -1.15 10.78 -5.04
CA ILE A 41 -1.40 9.35 -5.14
C ILE A 41 -2.87 9.00 -5.18
N ALA A 42 -3.20 7.99 -5.97
CA ALA A 42 -4.56 7.48 -6.12
C ALA A 42 -4.52 6.02 -5.71
N GLU A 43 -5.68 5.46 -5.41
CA GLU A 43 -5.87 4.09 -4.97
C GLU A 43 -6.05 3.10 -6.11
N ASP A 44 -6.47 3.66 -7.23
CA ASP A 44 -6.80 3.06 -8.51
C ASP A 44 -5.87 3.48 -9.65
N GLN A 45 -4.81 4.24 -9.39
CA GLN A 45 -3.86 4.68 -10.41
C GLN A 45 -2.62 3.81 -10.35
N LYS A 46 -1.98 3.57 -11.50
CA LYS A 46 -0.80 2.73 -11.56
C LYS A 46 0.39 3.45 -10.96
N PHE A 47 1.14 2.79 -10.09
CA PHE A 47 2.32 3.36 -9.45
C PHE A 47 3.27 3.97 -10.48
N VAL A 48 3.40 3.36 -11.66
CA VAL A 48 4.28 3.87 -12.70
C VAL A 48 3.91 5.31 -13.10
N ASP A 49 2.61 5.65 -13.09
CA ASP A 49 2.13 7.00 -13.44
C ASP A 49 2.52 7.98 -12.33
N LEU A 50 2.64 7.48 -11.10
CA LEU A 50 3.05 8.29 -9.95
C LEU A 50 4.59 8.45 -10.04
N GLY A 51 5.29 7.61 -10.82
CA GLY A 51 6.74 7.63 -11.04
C GLY A 51 7.47 6.33 -10.67
N LEU A 52 6.77 5.22 -10.47
CA LEU A 52 7.35 3.92 -10.10
C LEU A 52 8.14 3.29 -11.24
N ASP A 53 9.45 3.29 -11.08
CA ASP A 53 10.34 2.69 -12.06
C ASP A 53 10.63 1.24 -11.63
N SER A 54 11.17 0.42 -12.53
CA SER A 54 11.48 -0.97 -12.20
C SER A 54 12.40 -1.14 -10.98
N ILE A 55 13.32 -0.20 -10.72
CA ILE A 55 14.23 -0.27 -9.60
C ILE A 55 13.47 0.10 -8.34
N VAL A 56 12.77 1.23 -8.37
CA VAL A 56 11.99 1.72 -7.25
C VAL A 56 10.95 0.67 -6.81
N GLY A 57 10.35 -0.05 -7.76
CA GLY A 57 9.36 -1.06 -7.47
C GLY A 57 9.95 -2.24 -6.69
N VAL A 58 11.13 -2.70 -7.08
CA VAL A 58 11.76 -3.83 -6.40
C VAL A 58 12.28 -3.45 -5.02
N GLU A 59 12.76 -2.23 -4.82
CA GLU A 59 13.24 -1.84 -3.51
C GLU A 59 12.07 -1.58 -2.56
N TRP A 60 10.98 -0.98 -3.06
CA TRP A 60 9.81 -0.67 -2.27
C TRP A 60 9.08 -1.94 -1.81
N THR A 61 9.07 -3.01 -2.62
CA THR A 61 8.42 -4.26 -2.21
C THR A 61 9.00 -4.74 -0.86
N THR A 62 10.27 -4.42 -0.56
CA THR A 62 10.91 -4.82 0.68
C THR A 62 10.32 -4.07 1.87
N THR A 63 10.01 -2.79 1.73
CA THR A 63 9.47 -1.95 2.79
C THR A 63 8.21 -2.58 3.36
N ILE A 64 7.34 -3.05 2.48
CA ILE A 64 6.09 -3.70 2.82
C ILE A 64 6.33 -5.01 3.57
N ASN A 65 7.33 -5.79 3.14
CA ASN A 65 7.63 -7.05 3.78
C ASN A 65 8.01 -6.79 5.21
N GLN A 66 8.86 -5.79 5.42
CA GLN A 66 9.32 -5.41 6.74
C GLN A 66 8.14 -4.88 7.55
N THR A 67 7.27 -4.08 6.92
CA THR A 67 6.12 -3.48 7.56
C THR A 67 5.17 -4.54 8.14
N TYR A 68 4.91 -5.62 7.40
CA TYR A 68 3.98 -6.67 7.83
C TYR A 68 4.60 -8.00 8.22
N ASN A 69 5.93 -8.11 8.18
CA ASN A 69 6.71 -9.31 8.49
C ASN A 69 6.37 -10.45 7.52
N LEU A 70 6.27 -10.11 6.22
CA LEU A 70 5.92 -10.98 5.11
C LEU A 70 7.07 -11.18 4.13
N ASN A 71 6.80 -11.78 2.97
CA ASN A 71 7.78 -12.03 1.91
C ASN A 71 7.07 -11.86 0.57
N LEU A 72 7.51 -10.84 -0.17
CA LEU A 72 7.05 -10.39 -1.47
C LEU A 72 8.27 -9.90 -2.23
N LYS A 73 8.08 -9.79 -3.54
CA LYS A 73 9.10 -9.35 -4.48
C LYS A 73 8.55 -8.39 -5.51
N ALA A 74 9.38 -7.97 -6.46
CA ALA A 74 8.97 -7.05 -7.52
C ALA A 74 7.79 -7.59 -8.31
N THR A 75 7.58 -8.92 -8.31
CA THR A 75 6.45 -9.54 -9.01
C THR A 75 5.14 -8.90 -8.53
N LYS A 76 5.06 -8.54 -7.23
CA LYS A 76 3.85 -7.90 -6.72
C LYS A 76 3.57 -6.57 -7.43
N LEU A 77 4.59 -5.72 -7.58
CA LEU A 77 4.50 -4.40 -8.21
C LEU A 77 4.07 -4.47 -9.69
N TYR A 78 4.21 -5.64 -10.31
CA TYR A 78 3.85 -5.87 -11.69
C TYR A 78 2.50 -6.60 -11.83
N ASP A 79 1.95 -7.16 -10.74
CA ASP A 79 0.67 -7.85 -10.78
C ASP A 79 -0.40 -6.97 -10.14
N TYR A 80 0.00 -6.11 -9.20
CA TYR A 80 -0.83 -5.18 -8.46
C TYR A 80 -0.21 -3.79 -8.53
N PRO A 81 -0.35 -3.08 -9.65
CA PRO A 81 0.19 -1.74 -9.82
C PRO A 81 -0.60 -0.66 -9.08
N THR A 82 -1.66 -0.98 -8.35
CA THR A 82 -2.44 0.01 -7.61
C THR A 82 -2.46 -0.34 -6.12
N LEU A 83 -2.73 0.66 -5.28
CA LEU A 83 -2.80 0.48 -3.84
C LEU A 83 -3.92 -0.47 -3.50
N LEU A 84 -5.07 -0.43 -4.19
CA LEU A 84 -6.19 -1.32 -3.88
C LEU A 84 -5.84 -2.77 -4.13
N GLU A 85 -5.07 -3.04 -5.18
CA GLU A 85 -4.65 -4.40 -5.49
C GLU A 85 -3.56 -4.85 -4.53
N LEU A 86 -2.54 -4.00 -4.35
CA LEU A 86 -1.40 -4.29 -3.48
C LEU A 86 -1.89 -4.50 -2.05
N SER A 87 -2.88 -3.72 -1.61
CA SER A 87 -3.43 -3.83 -0.26
C SER A 87 -4.30 -5.06 -0.12
N GLY A 88 -5.10 -5.41 -1.13
CA GLY A 88 -6.01 -6.54 -1.10
C GLY A 88 -5.32 -7.83 -0.75
N TYR A 89 -4.19 -8.10 -1.39
CA TYR A 89 -3.45 -9.31 -1.15
C TYR A 89 -2.97 -9.36 0.30
N ILE A 90 -2.32 -8.30 0.77
CA ILE A 90 -1.79 -8.19 2.12
C ILE A 90 -2.92 -8.25 3.15
N ALA A 91 -4.09 -7.65 2.89
CA ALA A 91 -5.25 -7.63 3.78
C ALA A 91 -5.57 -9.06 4.24
N GLN A 92 -5.60 -10.01 3.30
CA GLN A 92 -5.90 -11.41 3.60
C GLN A 92 -4.84 -12.04 4.49
N ILE A 93 -3.56 -11.77 4.21
CA ILE A 93 -2.48 -12.33 5.00
C ILE A 93 -2.60 -11.80 6.43
N LEU A 94 -2.73 -10.48 6.62
CA LEU A 94 -2.85 -9.86 7.93
C LEU A 94 -4.11 -10.34 8.65
N SER A 95 -5.24 -10.41 7.95
CA SER A 95 -6.48 -10.86 8.54
C SER A 95 -6.40 -12.35 8.94
N SER A 96 -5.46 -13.10 8.34
CA SER A 96 -5.24 -14.52 8.62
C SER A 96 -4.14 -14.74 9.65
N GLN A 97 -3.20 -13.82 9.86
CA GLN A 97 -2.14 -14.00 10.85
C GLN A 97 -2.72 -14.10 12.26
N GLY A 98 -3.87 -13.48 12.48
CA GLY A 98 -4.57 -13.48 13.74
C GLY A 98 -5.89 -14.16 13.46
N THR A 99 -5.87 -15.47 13.21
CA THR A 99 -7.08 -16.24 12.95
C THR A 99 -7.93 -16.21 14.22
P24 PNS B . 12.63 -4.16 -14.12
O25 PNS B . 12.13 -5.47 -13.68
O26 PNS B . 12.52 -3.81 -15.56
O27 PNS B . 14.19 -4.09 -13.72
C28 PNS B . 14.67 -4.01 -12.38
C29 PNS B . 14.69 -5.31 -11.52
C30 PNS B . 13.39 -5.42 -10.71
C31 PNS B . 15.82 -5.11 -10.48
C32 PNS B . 14.92 -6.58 -12.38
O33 PNS B . 16.22 -6.61 -12.93
C34 PNS B . 14.62 -7.89 -11.65
O35 PNS B . 15.12 -8.14 -10.55
N36 PNS B . 13.58 -8.56 -12.13
C37 PNS B . 12.99 -9.70 -11.46
C38 PNS B . 12.01 -9.19 -10.38
C39 PNS B . 12.29 -9.62 -8.93
O40 PNS B . 11.37 -9.71 -8.11
N41 PNS B . 13.58 -9.76 -8.59
C42 PNS B . 14.10 -10.02 -7.26
C43 PNS B . 14.73 -8.74 -6.71
S44 PNS B . 16.22 -8.95 -5.71
H282 PNS B . 15.68 -3.65 -12.45
H281 PNS B . 14.10 -3.24 -11.86
H303 PNS B . 13.18 -4.48 -10.22
H302 PNS B . 12.53 -5.68 -11.33
H301 PNS B . 13.47 -6.18 -9.93
H313 PNS B . 15.78 -5.89 -9.73
H312 PNS B . 16.80 -5.15 -10.96
H311 PNS B . 15.73 -4.14 -10.01
H32 PNS B . 14.23 -6.55 -13.22
H33 PNS B . 16.85 -6.75 -12.21
H36 PNS B . 13.12 -8.17 -12.93
H372 PNS B . 12.45 -10.31 -12.18
H371 PNS B . 13.77 -10.30 -11.01
H382 PNS B . 11.99 -8.10 -10.42
H381 PNS B . 11.01 -9.55 -10.63
H41 PNS B . 14.28 -9.64 -9.31
H422 PNS B . 13.31 -10.35 -6.58
H421 PNS B . 14.84 -10.80 -7.33
H431 PNS B . 14.99 -8.10 -7.56
H432 PNS B . 13.99 -8.24 -6.12
C1 MAH C . 17.37 -8.81 -6.96
C2 MAH C . 17.52 -9.96 -7.94
C3 MAH C . 18.95 -10.49 -8.05
C4 MAH C . 19.88 -9.37 -8.55
C5 MAH C . 21.26 -9.87 -8.95
C6 MAH C . 19.39 -11.03 -6.68
O1 MAH C . 17.61 -7.63 -7.27
O3 MAH C . 22.13 -10.08 -8.10
O4 MAH C . 21.57 -9.94 -10.27
O7 MAH C . 18.95 -11.57 -8.96
H21 MAH C . 16.88 -10.78 -7.63
H22 MAH C . 17.18 -9.63 -8.93
H41 MAH C . 19.42 -8.89 -9.42
H42 MAH C . 20.00 -8.61 -7.77
H61 MAH C . 18.69 -11.77 -6.34
H62 MAH C . 20.37 -11.50 -6.77
H63 MAH C . 19.44 -10.22 -5.94
HO4 MAH C . 22.47 -10.22 -10.43
HO7 MAH C . 18.67 -11.25 -9.82
N SER A 1 -14.42 3.31 3.38
CA SER A 1 -13.18 3.72 2.69
C SER A 1 -12.96 5.21 2.94
N GLY A 2 -12.14 5.88 2.12
CA GLY A 2 -11.83 7.30 2.21
C GLY A 2 -11.26 7.71 3.56
N LEU A 3 -9.99 7.38 3.78
CA LEU A 3 -9.29 7.70 5.02
C LEU A 3 -8.42 8.93 4.74
N VAL A 4 -8.66 10.04 5.45
CA VAL A 4 -7.92 11.29 5.31
C VAL A 4 -7.34 11.68 6.68
N PRO A 5 -6.10 11.29 7.03
CA PRO A 5 -5.47 11.61 8.31
C PRO A 5 -5.11 13.10 8.42
N ARG A 6 -6.04 13.93 8.90
CA ARG A 6 -5.85 15.38 9.06
C ARG A 6 -6.42 15.96 10.35
N GLY A 7 -7.22 15.22 11.10
CA GLY A 7 -7.85 15.67 12.34
C GLY A 7 -9.24 15.07 12.54
N SER A 8 -9.83 14.47 11.52
CA SER A 8 -11.13 13.83 11.61
C SER A 8 -11.01 12.57 12.48
N HIS A 9 -12.13 12.11 13.03
CA HIS A 9 -12.20 10.93 13.90
C HIS A 9 -11.49 9.73 13.25
N MET A 10 -10.52 9.15 13.97
CA MET A 10 -9.73 8.01 13.54
C MET A 10 -10.60 6.76 13.31
N THR A 11 -10.04 5.73 12.66
CA THR A 11 -10.71 4.47 12.35
C THR A 11 -11.33 3.87 13.65
N PRO A 12 -12.48 3.19 13.56
CA PRO A 12 -13.17 2.58 14.70
C PRO A 12 -12.49 1.25 15.05
N GLN A 13 -13.19 0.35 15.74
CA GLN A 13 -12.62 -0.95 16.05
C GLN A 13 -12.54 -1.70 14.72
N VAL A 14 -11.32 -1.79 14.19
CA VAL A 14 -10.98 -2.46 12.97
C VAL A 14 -9.82 -3.34 13.40
N ASN A 15 -10.16 -4.57 13.77
CA ASN A 15 -9.23 -5.59 14.21
C ASN A 15 -8.45 -6.10 13.01
N GLN A 16 -9.19 -6.51 11.98
CA GLN A 16 -8.66 -7.00 10.74
C GLN A 16 -8.11 -5.79 9.98
N VAL A 17 -7.66 -5.99 8.75
CA VAL A 17 -7.08 -4.92 7.95
C VAL A 17 -7.89 -4.80 6.66
N ASN A 18 -8.88 -3.92 6.73
CA ASN A 18 -9.78 -3.62 5.61
C ASN A 18 -8.94 -3.17 4.43
N LEU A 19 -9.39 -3.44 3.22
CA LEU A 19 -8.72 -3.06 1.99
C LEU A 19 -8.29 -1.59 1.94
N SER A 20 -9.12 -0.68 2.46
CA SER A 20 -8.78 0.74 2.46
C SER A 20 -7.60 1.02 3.38
N GLU A 21 -7.46 0.30 4.50
CA GLU A 21 -6.38 0.48 5.49
C GLU A 21 -4.99 0.36 4.85
N ILE A 22 -4.73 -0.73 4.14
CA ILE A 22 -3.47 -0.98 3.48
C ILE A 22 -3.36 -0.08 2.24
N LYS A 23 -4.41 0.02 1.39
CA LYS A 23 -4.34 0.86 0.19
C LYS A 23 -3.95 2.29 0.52
N GLN A 24 -4.66 2.93 1.44
CA GLN A 24 -4.37 4.32 1.81
C GLN A 24 -2.94 4.46 2.35
N VAL A 25 -2.45 3.44 3.07
CA VAL A 25 -1.11 3.43 3.64
C VAL A 25 -0.10 3.27 2.49
N LEU A 26 -0.34 2.35 1.56
CA LEU A 26 0.54 2.15 0.43
C LEU A 26 0.69 3.47 -0.34
N LYS A 27 -0.31 4.37 -0.37
CA LYS A 27 -0.19 5.64 -1.07
C LYS A 27 0.91 6.46 -0.43
N GLN A 28 0.78 6.73 0.86
CA GLN A 28 1.76 7.54 1.58
C GLN A 28 3.16 6.98 1.44
N GLN A 29 3.23 5.65 1.39
CA GLN A 29 4.46 4.90 1.27
C GLN A 29 5.02 4.96 -0.15
N LEU A 30 4.16 5.07 -1.16
CA LEU A 30 4.53 5.12 -2.57
C LEU A 30 4.98 6.52 -2.95
N ALA A 31 4.22 7.55 -2.55
CA ALA A 31 4.57 8.92 -2.87
C ALA A 31 5.97 9.25 -2.36
N GLU A 32 6.29 8.86 -1.13
CA GLU A 32 7.61 9.14 -0.57
C GLU A 32 8.71 8.40 -1.34
N ALA A 33 8.42 7.18 -1.79
CA ALA A 33 9.36 6.34 -2.54
C ALA A 33 9.58 6.88 -3.95
N LEU A 34 8.61 7.65 -4.48
CA LEU A 34 8.63 8.25 -5.81
C LEU A 34 9.02 9.73 -5.75
N TYR A 35 9.32 10.28 -4.57
CA TYR A 35 9.69 11.67 -4.32
C TYR A 35 8.57 12.64 -4.69
N THR A 36 7.37 12.45 -4.14
CA THR A 36 6.23 13.32 -4.44
C THR A 36 5.24 13.38 -3.28
N GLU A 37 4.12 14.08 -3.50
CA GLU A 37 3.03 14.25 -2.56
C GLU A 37 1.92 13.29 -2.96
N GLU A 38 1.31 12.69 -1.95
CA GLU A 38 0.24 11.73 -2.05
C GLU A 38 -0.92 12.17 -2.92
N SER A 39 -1.16 13.48 -2.98
CA SER A 39 -2.25 14.05 -3.74
C SER A 39 -2.17 13.72 -5.24
N GLU A 40 -0.99 13.31 -5.73
CA GLU A 40 -0.83 12.97 -7.14
C GLU A 40 -1.13 11.50 -7.45
N ILE A 41 -1.10 10.66 -6.42
CA ILE A 41 -1.31 9.22 -6.49
C ILE A 41 -2.79 8.88 -6.60
N ALA A 42 -3.06 7.78 -7.28
CA ALA A 42 -4.41 7.26 -7.50
C ALA A 42 -4.45 5.81 -7.05
N GLU A 43 -5.60 5.39 -6.54
CA GLU A 43 -5.82 4.04 -6.03
C GLU A 43 -5.77 2.96 -7.11
N ASP A 44 -6.27 3.30 -8.29
CA ASP A 44 -6.41 2.49 -9.49
C ASP A 44 -5.40 2.83 -10.60
N GLN A 45 -4.52 3.80 -10.38
CA GLN A 45 -3.52 4.18 -11.37
C GLN A 45 -2.27 3.36 -11.13
N LYS A 46 -1.61 2.98 -12.22
CA LYS A 46 -0.41 2.16 -12.17
C LYS A 46 0.76 2.95 -11.61
N PHE A 47 1.47 2.44 -10.61
CA PHE A 47 2.62 3.09 -9.99
C PHE A 47 3.65 3.47 -11.04
N VAL A 48 3.83 2.63 -12.07
CA VAL A 48 4.77 2.89 -13.15
C VAL A 48 4.49 4.24 -13.79
N ASP A 49 3.22 4.64 -13.90
CA ASP A 49 2.83 5.92 -14.50
C ASP A 49 3.17 7.07 -13.54
N LEU A 50 3.09 6.82 -12.23
CA LEU A 50 3.42 7.79 -11.18
C LEU A 50 4.95 7.98 -11.16
N GLY A 51 5.72 7.01 -11.68
CA GLY A 51 7.19 7.01 -11.77
C GLY A 51 7.88 5.77 -11.19
N LEU A 52 7.13 4.70 -10.91
CA LEU A 52 7.68 3.47 -10.33
C LEU A 52 8.43 2.66 -11.36
N ASP A 53 9.75 2.76 -11.29
CA ASP A 53 10.60 2.01 -12.19
C ASP A 53 10.94 0.70 -11.50
N SER A 54 11.49 -0.23 -12.29
CA SER A 54 11.86 -1.56 -11.84
C SER A 54 12.80 -1.59 -10.62
N ILE A 55 13.64 -0.58 -10.44
CA ILE A 55 14.60 -0.50 -9.33
C ILE A 55 13.83 -0.08 -8.07
N VAL A 56 13.02 0.96 -8.20
CA VAL A 56 12.24 1.49 -7.10
C VAL A 56 11.20 0.45 -6.66
N GLY A 57 10.62 -0.31 -7.59
CA GLY A 57 9.61 -1.31 -7.26
C GLY A 57 10.18 -2.45 -6.43
N VAL A 58 11.43 -2.85 -6.71
CA VAL A 58 12.07 -3.93 -5.99
C VAL A 58 12.45 -3.49 -4.58
N GLU A 59 13.01 -2.30 -4.38
CA GLU A 59 13.38 -1.88 -3.04
C GLU A 59 12.15 -1.54 -2.19
N TRP A 60 11.14 -0.91 -2.79
CA TRP A 60 9.92 -0.53 -2.08
C TRP A 60 9.19 -1.77 -1.55
N THR A 61 9.26 -2.89 -2.30
CA THR A 61 8.63 -4.13 -1.84
C THR A 61 9.13 -4.52 -0.43
N THR A 62 10.37 -4.16 -0.11
CA THR A 62 10.95 -4.51 1.18
C THR A 62 10.28 -3.72 2.30
N THR A 63 10.04 -2.42 2.12
CA THR A 63 9.42 -1.61 3.15
C THR A 63 8.05 -2.20 3.53
N ILE A 64 7.29 -2.66 2.54
CA ILE A 64 5.97 -3.26 2.78
C ILE A 64 6.13 -4.52 3.63
N ASN A 65 7.14 -5.34 3.35
CA ASN A 65 7.38 -6.56 4.09
C ASN A 65 7.62 -6.24 5.55
N GLN A 66 8.48 -5.27 5.82
CA GLN A 66 8.82 -4.88 7.18
C GLN A 66 7.62 -4.25 7.88
N THR A 67 6.80 -3.48 7.14
CA THR A 67 5.63 -2.82 7.68
C THR A 67 4.56 -3.82 8.14
N TYR A 68 4.36 -4.92 7.41
CA TYR A 68 3.36 -5.94 7.76
C TYR A 68 3.96 -7.27 8.25
N ASN A 69 5.29 -7.35 8.38
CA ASN A 69 6.06 -8.53 8.80
C ASN A 69 5.77 -9.72 7.88
N LEU A 70 5.74 -9.47 6.57
CA LEU A 70 5.46 -10.45 5.50
C LEU A 70 6.68 -10.72 4.63
N ASN A 71 6.52 -11.40 3.49
CA ASN A 71 7.61 -11.72 2.55
C ASN A 71 7.11 -11.54 1.13
N LEU A 72 7.64 -10.57 0.41
CA LEU A 72 7.31 -10.21 -0.95
C LEU A 72 8.58 -9.72 -1.62
N LYS A 73 8.48 -9.75 -2.93
CA LYS A 73 9.50 -9.39 -3.87
C LYS A 73 8.91 -8.56 -4.97
N ALA A 74 9.81 -8.08 -5.83
CA ALA A 74 9.53 -7.22 -6.99
C ALA A 74 8.37 -7.70 -7.85
N THR A 75 8.11 -9.02 -7.87
CA THR A 75 7.02 -9.57 -8.65
C THR A 75 5.71 -8.94 -8.19
N LYS A 76 5.56 -8.60 -6.90
CA LYS A 76 4.32 -7.98 -6.44
C LYS A 76 4.06 -6.64 -7.15
N LEU A 77 5.08 -5.78 -7.26
CA LEU A 77 4.98 -4.46 -7.91
C LEU A 77 4.73 -4.58 -9.41
N TYR A 78 4.95 -5.77 -9.98
CA TYR A 78 4.73 -6.06 -11.38
C TYR A 78 3.34 -6.65 -11.59
N ASP A 79 2.91 -7.54 -10.70
CA ASP A 79 1.62 -8.21 -10.75
C ASP A 79 0.46 -7.33 -10.28
N TYR A 80 0.73 -6.43 -9.35
CA TYR A 80 -0.23 -5.53 -8.75
C TYR A 80 0.32 -4.11 -8.79
N PRO A 81 0.24 -3.45 -9.95
CA PRO A 81 0.73 -2.10 -10.14
C PRO A 81 -0.17 -1.01 -9.51
N THR A 82 -1.29 -1.34 -8.86
CA THR A 82 -2.19 -0.34 -8.25
C THR A 82 -2.29 -0.53 -6.74
N LEU A 83 -2.64 0.53 -6.01
CA LEU A 83 -2.77 0.47 -4.56
C LEU A 83 -3.87 -0.51 -4.21
N LEU A 84 -4.95 -0.53 -4.99
CA LEU A 84 -6.06 -1.43 -4.75
C LEU A 84 -5.63 -2.89 -4.84
N GLU A 85 -4.88 -3.25 -5.87
CA GLU A 85 -4.42 -4.61 -6.09
C GLU A 85 -3.32 -5.01 -5.11
N LEU A 86 -2.34 -4.12 -4.90
CA LEU A 86 -1.24 -4.39 -3.98
C LEU A 86 -1.81 -4.62 -2.59
N SER A 87 -2.81 -3.81 -2.23
CA SER A 87 -3.52 -3.88 -0.97
C SER A 87 -4.33 -5.18 -0.89
N GLY A 88 -4.99 -5.55 -2.00
CA GLY A 88 -5.85 -6.71 -2.13
C GLY A 88 -5.18 -8.02 -1.75
N TYR A 89 -3.86 -8.13 -1.89
CA TYR A 89 -3.14 -9.34 -1.51
C TYR A 89 -2.85 -9.27 -0.01
N ILE A 90 -2.24 -8.18 0.44
CA ILE A 90 -1.86 -7.95 1.84
C ILE A 90 -3.07 -8.04 2.78
N ALA A 91 -4.25 -7.52 2.41
CA ALA A 91 -5.47 -7.55 3.21
C ALA A 91 -5.78 -8.99 3.61
N GLN A 92 -5.65 -9.95 2.68
CA GLN A 92 -5.93 -11.36 2.94
C GLN A 92 -4.91 -11.92 3.92
N ILE A 93 -3.62 -11.65 3.69
CA ILE A 93 -2.55 -12.14 4.55
C ILE A 93 -2.77 -11.62 5.97
N LEU A 94 -2.92 -10.32 6.15
CA LEU A 94 -3.12 -9.74 7.48
C LEU A 94 -4.38 -10.29 8.12
N SER A 95 -5.46 -10.44 7.34
CA SER A 95 -6.71 -10.99 7.85
C SER A 95 -6.49 -12.43 8.41
N SER A 96 -5.41 -13.13 8.03
CA SER A 96 -5.11 -14.47 8.56
C SER A 96 -4.11 -14.37 9.72
N GLN A 97 -3.25 -13.34 9.68
CA GLN A 97 -2.25 -13.09 10.70
C GLN A 97 -2.93 -12.72 12.03
N GLY A 98 -4.17 -12.25 11.99
CA GLY A 98 -4.98 -11.86 13.14
C GLY A 98 -6.31 -12.58 13.17
N THR A 99 -6.30 -13.91 12.96
CA THR A 99 -7.51 -14.73 12.99
C THR A 99 -8.26 -14.46 14.29
P24 PNS B . 13.22 -4.69 -13.68
O25 PNS B . 12.87 -6.03 -13.18
O26 PNS B . 13.05 -4.39 -15.12
O27 PNS B . 14.76 -4.40 -13.29
C28 PNS B . 15.24 -4.32 -11.95
C29 PNS B . 15.50 -5.67 -11.20
C30 PNS B . 14.28 -6.01 -10.32
C31 PNS B . 16.66 -5.46 -10.22
C32 PNS B . 15.85 -6.82 -12.18
O33 PNS B . 16.90 -6.47 -13.05
C34 PNS B . 16.19 -8.15 -11.52
O35 PNS B . 17.35 -8.45 -11.21
N36 PNS B . 15.18 -9.02 -11.52
C37 PNS B . 15.29 -10.42 -11.17
C38 PNS B . 13.87 -10.97 -11.00
C39 PNS B . 13.56 -11.24 -9.54
O40 PNS B . 13.35 -12.39 -9.12
N41 PNS B . 13.72 -10.18 -8.75
C42 PNS B . 13.94 -10.23 -7.32
C43 PNS B . 14.26 -8.81 -6.88
S44 PNS B . 14.97 -8.55 -5.22
H282 PNS B . 16.19 -3.79 -12.01
H281 PNS B . 14.58 -3.69 -11.37
H303 PNS B . 13.96 -5.13 -9.78
H302 PNS B . 13.45 -6.38 -10.90
H301 PNS B . 14.53 -6.80 -9.60
H313 PNS B . 16.78 -6.36 -9.61
H312 PNS B . 17.59 -5.27 -10.75
H311 PNS B . 16.44 -4.62 -9.56
H32 PNS B . 14.96 -7.02 -12.77
H33 PNS B . 17.71 -6.39 -12.55
H36 PNS B . 14.28 -8.71 -11.86
H372 PNS B . 15.81 -10.96 -11.95
H371 PNS B . 15.82 -10.51 -10.23
H382 PNS B . 13.19 -10.22 -11.39
H381 PNS B . 13.76 -11.89 -11.58
H41 PNS B . 13.92 -9.29 -9.19
H422 PNS B . 13.06 -10.60 -6.81
H421 PNS B . 14.79 -10.87 -7.11
H431 PNS B . 14.94 -8.36 -7.59
H432 PNS B . 13.33 -8.25 -6.94
C1 MAH C . 14.02 -9.60 -4.27
C2 MAH C . 14.60 -11.01 -4.08
C3 MAH C . 15.61 -11.12 -2.93
C4 MAH C . 16.77 -10.12 -3.09
C5 MAH C . 18.02 -10.43 -2.24
C6 MAH C . 14.89 -10.91 -1.58
O1 MAH C . 12.82 -9.41 -4.52
O3 MAH C . 18.89 -11.17 -2.68
O4 MAH C . 18.16 -9.90 -1.00
O7 MAH C . 16.10 -12.45 -2.96
H21 MAH C . 13.78 -11.71 -3.91
H22 MAH C . 15.10 -11.31 -5.00
H41 MAH C . 17.09 -10.13 -4.14
H42 MAH C . 16.43 -9.12 -2.85
H61 MAH C . 14.12 -11.66 -1.45
H62 MAH C . 15.61 -11.00 -0.76
H63 MAH C . 14.43 -9.92 -1.56
HO4 MAH C . 18.98 -10.18 -0.57
HO7 MAH C . 16.59 -12.57 -3.77
N SER A 1 -13.42 7.88 -1.15
CA SER A 1 -12.50 7.18 -0.25
C SER A 1 -13.12 7.09 1.14
N GLY A 2 -12.72 7.90 2.12
CA GLY A 2 -13.26 7.89 3.48
C GLY A 2 -12.10 8.08 4.45
N LEU A 3 -11.12 7.19 4.38
CA LEU A 3 -9.93 7.21 5.21
C LEU A 3 -9.04 8.33 4.67
N VAL A 4 -8.81 9.40 5.43
CA VAL A 4 -7.98 10.52 5.04
C VAL A 4 -6.87 10.73 6.09
N PRO A 5 -5.61 10.32 5.85
CA PRO A 5 -4.51 10.50 6.80
C PRO A 5 -3.97 11.94 6.82
N ARG A 6 -4.88 12.92 6.94
CA ARG A 6 -4.53 14.34 7.02
C ARG A 6 -4.11 14.71 8.44
N GLY A 7 -4.37 13.85 9.42
CA GLY A 7 -4.07 14.07 10.81
C GLY A 7 -5.41 14.24 11.51
N SER A 8 -6.10 13.12 11.74
CA SER A 8 -7.42 13.07 12.37
C SER A 8 -7.35 12.02 13.49
N HIS A 9 -8.44 11.80 14.23
CA HIS A 9 -8.47 10.82 15.31
C HIS A 9 -8.21 9.42 14.75
N MET A 10 -7.58 8.56 15.53
CA MET A 10 -7.28 7.20 15.10
C MET A 10 -8.57 6.37 15.01
N THR A 11 -8.56 5.32 14.20
CA THR A 11 -9.70 4.43 14.02
C THR A 11 -9.98 3.63 15.30
N PRO A 12 -11.18 3.03 15.44
CA PRO A 12 -11.55 2.21 16.60
C PRO A 12 -10.81 0.87 16.51
N GLN A 13 -11.21 -0.15 17.30
CA GLN A 13 -10.58 -1.47 17.23
C GLN A 13 -10.83 -2.04 15.83
N VAL A 14 -9.81 -1.98 15.00
CA VAL A 14 -9.82 -2.47 13.63
C VAL A 14 -8.70 -3.50 13.55
N ASN A 15 -8.92 -4.61 14.25
CA ASN A 15 -8.02 -5.75 14.29
C ASN A 15 -8.06 -6.40 12.90
N GLN A 16 -9.26 -6.42 12.33
CA GLN A 16 -9.58 -6.92 11.01
C GLN A 16 -9.00 -5.90 10.03
N VAL A 17 -8.76 -6.31 8.78
CA VAL A 17 -8.19 -5.39 7.81
C VAL A 17 -9.02 -5.37 6.52
N ASN A 18 -9.58 -4.18 6.27
CA ASN A 18 -10.39 -3.87 5.11
C ASN A 18 -9.47 -3.41 4.01
N LEU A 19 -9.73 -3.79 2.77
CA LEU A 19 -8.98 -3.42 1.58
C LEU A 19 -8.59 -1.95 1.50
N SER A 20 -9.50 -1.05 1.90
CA SER A 20 -9.22 0.37 1.86
C SER A 20 -8.10 0.76 2.82
N GLU A 21 -8.00 0.10 3.97
CA GLU A 21 -6.98 0.38 4.99
C GLU A 21 -5.58 0.32 4.40
N ILE A 22 -5.23 -0.79 3.75
CA ILE A 22 -3.93 -0.97 3.16
C ILE A 22 -3.81 -0.16 1.88
N LYS A 23 -4.85 -0.12 1.03
CA LYS A 23 -4.80 0.62 -0.22
C LYS A 23 -4.44 2.07 0.06
N GLN A 24 -5.18 2.73 0.94
CA GLN A 24 -4.90 4.12 1.26
C GLN A 24 -3.51 4.26 1.90
N VAL A 25 -3.08 3.31 2.75
CA VAL A 25 -1.77 3.37 3.39
C VAL A 25 -0.71 3.29 2.29
N LEU A 26 -0.84 2.33 1.37
CA LEU A 26 0.08 2.17 0.26
C LEU A 26 0.17 3.47 -0.55
N LYS A 27 -0.88 4.31 -0.62
CA LYS A 27 -0.80 5.58 -1.36
C LYS A 27 0.27 6.45 -0.74
N GLN A 28 0.12 6.73 0.55
CA GLN A 28 1.02 7.56 1.31
C GLN A 28 2.46 7.09 1.14
N GLN A 29 2.63 5.77 1.19
CA GLN A 29 3.90 5.10 1.07
C GLN A 29 4.45 5.19 -0.35
N LEU A 30 3.59 5.18 -1.37
CA LEU A 30 3.99 5.25 -2.76
C LEU A 30 4.41 6.66 -3.11
N ALA A 31 3.61 7.66 -2.71
CA ALA A 31 3.91 9.04 -3.01
C ALA A 31 5.28 9.40 -2.44
N GLU A 32 5.56 9.02 -1.19
CA GLU A 32 6.86 9.34 -0.61
C GLU A 32 7.99 8.60 -1.34
N ALA A 33 7.74 7.35 -1.76
CA ALA A 33 8.72 6.54 -2.49
C ALA A 33 8.98 7.10 -3.89
N LEU A 34 8.08 7.97 -4.39
CA LEU A 34 8.18 8.60 -5.69
C LEU A 34 8.43 10.11 -5.57
N TYR A 35 8.63 10.64 -4.35
CA TYR A 35 8.89 12.04 -3.99
C TYR A 35 7.76 13.00 -4.38
N THR A 36 6.50 12.65 -4.13
CA THR A 36 5.36 13.48 -4.46
C THR A 36 4.35 13.49 -3.31
N GLU A 37 3.21 14.10 -3.58
CA GLU A 37 2.10 14.24 -2.68
C GLU A 37 1.06 13.20 -3.04
N GLU A 38 0.34 12.75 -2.03
CA GLU A 38 -0.69 11.76 -2.20
C GLU A 38 -1.86 12.31 -3.02
N SER A 39 -1.95 13.62 -3.10
CA SER A 39 -2.97 14.34 -3.83
C SER A 39 -2.90 14.05 -5.33
N GLU A 40 -1.81 13.44 -5.82
CA GLU A 40 -1.63 13.14 -7.23
C GLU A 40 -1.80 11.66 -7.59
N ILE A 41 -1.72 10.77 -6.61
CA ILE A 41 -1.79 9.34 -6.80
C ILE A 41 -3.24 8.87 -6.95
N ALA A 42 -3.41 7.76 -7.66
CA ALA A 42 -4.66 7.07 -7.93
C ALA A 42 -4.45 5.63 -7.47
N GLU A 43 -5.53 4.97 -7.05
CA GLU A 43 -5.55 3.60 -6.54
C GLU A 43 -5.67 2.57 -7.64
N ASP A 44 -6.04 3.01 -8.85
CA ASP A 44 -6.23 2.21 -10.05
C ASP A 44 -5.26 2.61 -11.17
N GLN A 45 -4.35 3.57 -10.91
CA GLN A 45 -3.35 4.00 -11.89
C GLN A 45 -2.07 3.26 -11.56
N LYS A 46 -1.36 2.83 -12.59
CA LYS A 46 -0.14 2.07 -12.43
C LYS A 46 0.96 2.91 -11.80
N PHE A 47 1.64 2.39 -10.78
CA PHE A 47 2.74 3.07 -10.10
C PHE A 47 3.80 3.48 -11.12
N VAL A 48 4.05 2.64 -12.13
CA VAL A 48 5.03 2.92 -13.16
C VAL A 48 4.76 4.28 -13.83
N ASP A 49 3.48 4.64 -14.03
CA ASP A 49 3.10 5.91 -14.63
C ASP A 49 3.39 7.05 -13.67
N LEU A 50 3.22 6.80 -12.36
CA LEU A 50 3.49 7.77 -11.29
C LEU A 50 5.03 7.97 -11.20
N GLY A 51 5.83 7.03 -11.73
CA GLY A 51 7.29 7.08 -11.76
C GLY A 51 7.99 5.88 -11.11
N LEU A 52 7.28 4.78 -10.86
CA LEU A 52 7.82 3.56 -10.24
C LEU A 52 8.68 2.81 -11.22
N ASP A 53 9.98 2.85 -10.97
CA ASP A 53 10.92 2.13 -11.82
C ASP A 53 11.14 0.76 -11.21
N SER A 54 11.72 -0.17 -11.97
CA SER A 54 12.00 -1.50 -11.48
C SER A 54 12.88 -1.52 -10.23
N ILE A 55 13.75 -0.53 -10.02
CA ILE A 55 14.65 -0.46 -8.89
C ILE A 55 13.84 0.01 -7.68
N VAL A 56 13.08 1.09 -7.85
CA VAL A 56 12.24 1.64 -6.80
C VAL A 56 11.18 0.61 -6.36
N GLY A 57 10.70 -0.22 -7.29
CA GLY A 57 9.69 -1.22 -6.99
C GLY A 57 10.24 -2.32 -6.09
N VAL A 58 11.45 -2.80 -6.33
CA VAL A 58 12.06 -3.86 -5.53
C VAL A 58 12.37 -3.35 -4.13
N GLU A 59 12.76 -2.10 -3.95
CA GLU A 59 13.06 -1.62 -2.61
C GLU A 59 11.78 -1.36 -1.82
N TRP A 60 10.78 -0.72 -2.44
CA TRP A 60 9.51 -0.40 -1.81
C TRP A 60 8.75 -1.65 -1.36
N THR A 61 8.89 -2.76 -2.10
CA THR A 61 8.25 -4.02 -1.73
C THR A 61 8.64 -4.41 -0.29
N THR A 62 9.85 -4.04 0.14
CA THR A 62 10.35 -4.35 1.46
C THR A 62 9.66 -3.50 2.52
N THR A 63 9.44 -2.21 2.29
CA THR A 63 8.79 -1.33 3.25
C THR A 63 7.43 -1.92 3.68
N ILE A 64 6.68 -2.44 2.71
CA ILE A 64 5.38 -3.08 2.89
C ILE A 64 5.54 -4.31 3.77
N ASN A 65 6.54 -5.14 3.49
CA ASN A 65 6.80 -6.34 4.25
C ASN A 65 7.08 -5.98 5.69
N GLN A 66 7.85 -4.92 5.89
CA GLN A 66 8.21 -4.45 7.21
C GLN A 66 6.95 -3.96 7.92
N THR A 67 6.10 -3.21 7.20
CA THR A 67 4.87 -2.64 7.71
C THR A 67 3.97 -3.70 8.35
N TYR A 68 3.78 -4.82 7.64
CA TYR A 68 2.91 -5.90 8.08
C TYR A 68 3.58 -7.18 8.57
N ASN A 69 4.91 -7.21 8.61
CA ASN A 69 5.74 -8.34 9.02
C ASN A 69 5.57 -9.54 8.08
N LEU A 70 5.42 -9.27 6.79
CA LEU A 70 5.23 -10.27 5.73
C LEU A 70 6.56 -10.43 4.99
N ASN A 71 6.54 -11.12 3.85
CA ASN A 71 7.72 -11.32 3.01
C ASN A 71 7.21 -11.37 1.58
N LEU A 72 7.58 -10.39 0.77
CA LEU A 72 7.23 -10.19 -0.63
C LEU A 72 8.44 -9.64 -1.33
N LYS A 73 8.37 -9.67 -2.64
CA LYS A 73 9.40 -9.24 -3.54
C LYS A 73 8.86 -8.41 -4.65
N ALA A 74 9.79 -7.93 -5.48
CA ALA A 74 9.57 -7.09 -6.64
C ALA A 74 8.46 -7.61 -7.54
N THR A 75 8.25 -8.94 -7.55
CA THR A 75 7.20 -9.56 -8.34
C THR A 75 5.87 -8.91 -7.97
N LYS A 76 5.63 -8.57 -6.69
CA LYS A 76 4.38 -7.93 -6.29
C LYS A 76 4.18 -6.60 -7.00
N LEU A 77 5.20 -5.76 -7.07
CA LEU A 77 5.11 -4.45 -7.73
C LEU A 77 4.85 -4.61 -9.22
N TYR A 78 5.28 -5.73 -9.80
CA TYR A 78 5.11 -6.02 -11.21
C TYR A 78 3.73 -6.64 -11.48
N ASP A 79 3.23 -7.49 -10.57
CA ASP A 79 1.95 -8.18 -10.72
C ASP A 79 0.75 -7.37 -10.30
N TYR A 80 0.96 -6.42 -9.40
CA TYR A 80 -0.07 -5.56 -8.85
C TYR A 80 0.43 -4.12 -8.89
N PRO A 81 0.45 -3.51 -10.07
CA PRO A 81 0.92 -2.15 -10.24
C PRO A 81 -0.02 -1.07 -9.67
N THR A 82 -1.16 -1.40 -9.06
CA THR A 82 -2.09 -0.40 -8.51
C THR A 82 -2.26 -0.57 -7.00
N LEU A 83 -2.79 0.42 -6.25
CA LEU A 83 -2.95 0.28 -4.81
C LEU A 83 -4.06 -0.70 -4.54
N LEU A 84 -5.08 -0.72 -5.39
CA LEU A 84 -6.20 -1.62 -5.24
C LEU A 84 -5.73 -3.06 -5.35
N GLU A 85 -4.91 -3.36 -6.36
CA GLU A 85 -4.37 -4.69 -6.61
C GLU A 85 -3.32 -5.08 -5.58
N LEU A 86 -2.38 -4.18 -5.28
CA LEU A 86 -1.31 -4.46 -4.32
C LEU A 86 -1.96 -4.78 -2.97
N SER A 87 -2.99 -4.01 -2.61
CA SER A 87 -3.74 -4.17 -1.40
C SER A 87 -4.58 -5.46 -1.46
N GLY A 88 -5.06 -5.80 -2.64
CA GLY A 88 -5.90 -6.95 -2.95
C GLY A 88 -5.29 -8.27 -2.49
N TYR A 89 -3.97 -8.33 -2.28
CA TYR A 89 -3.30 -9.52 -1.81
C TYR A 89 -3.00 -9.38 -0.32
N ILE A 90 -2.26 -8.33 0.07
CA ILE A 90 -1.86 -8.08 1.45
C ILE A 90 -3.04 -8.12 2.44
N ALA A 91 -4.22 -7.64 2.01
CA ALA A 91 -5.45 -7.56 2.80
C ALA A 91 -5.81 -8.94 3.32
N GLN A 92 -5.81 -9.93 2.44
CA GLN A 92 -6.15 -11.31 2.78
C GLN A 92 -5.16 -11.84 3.79
N ILE A 93 -3.87 -11.60 3.59
CA ILE A 93 -2.82 -12.07 4.49
C ILE A 93 -3.11 -11.54 5.90
N LEU A 94 -3.27 -10.23 6.06
CA LEU A 94 -3.52 -9.60 7.35
C LEU A 94 -4.85 -10.05 7.93
N SER A 95 -5.91 -10.07 7.12
CA SER A 95 -7.23 -10.47 7.53
C SER A 95 -7.20 -11.92 8.04
N SER A 96 -6.31 -12.77 7.51
CA SER A 96 -6.18 -14.16 7.94
C SER A 96 -5.20 -14.30 9.11
N GLN A 97 -4.24 -13.39 9.30
CA GLN A 97 -3.28 -13.47 10.41
C GLN A 97 -4.02 -13.41 11.76
N GLY A 98 -5.21 -12.81 11.78
CA GLY A 98 -6.06 -12.67 12.95
C GLY A 98 -7.19 -13.69 12.83
N THR A 99 -6.88 -14.98 12.99
CA THR A 99 -7.89 -16.02 12.95
C THR A 99 -8.76 -15.87 14.19
P24 PNS B . 13.43 -4.74 -13.14
O25 PNS B . 12.98 -6.08 -12.76
O26 PNS B . 13.45 -4.37 -14.59
O27 PNS B . 14.93 -4.56 -12.60
C28 PNS B . 15.26 -4.42 -11.23
C29 PNS B . 15.30 -5.70 -10.35
C30 PNS B . 13.92 -5.88 -9.66
C31 PNS B . 16.31 -5.41 -9.23
C32 PNS B . 15.69 -6.97 -11.17
O33 PNS B . 17.03 -6.94 -11.61
C34 PNS B . 15.42 -8.28 -10.42
O35 PNS B . 15.95 -8.51 -9.33
N36 PNS B . 14.46 -9.04 -10.94
C37 PNS B . 13.87 -10.18 -10.26
C38 PNS B . 12.70 -9.71 -9.39
C39 PNS B . 12.82 -10.10 -7.91
O40 PNS B . 11.80 -10.32 -7.23
N41 PNS B . 14.05 -10.03 -7.38
C42 PNS B . 14.41 -10.30 -6.00
C43 PNS B . 14.88 -9.00 -5.36
S44 PNS B . 15.67 -9.11 -3.73
H282 PNS B . 16.26 -3.98 -11.20
H281 PNS B . 14.59 -3.70 -10.79
H303 PNS B . 13.59 -4.93 -9.26
H302 PNS B . 13.17 -6.25 -10.35
H301 PNS B . 13.99 -6.59 -8.84
H313 PNS B . 16.28 -6.17 -8.46
H312 PNS B . 17.33 -5.36 -9.63
H311 PNS B . 16.10 -4.44 -8.78
H32 PNS B . 15.06 -7.00 -12.05
H33 PNS B . 17.60 -6.99 -10.85
H36 PNS B . 13.99 -8.70 -11.76
H372 PNS B . 13.51 -10.90 -10.99
H371 PNS B . 14.65 -10.66 -9.66
H382 PNS B . 12.65 -8.62 -9.45
H381 PNS B . 11.78 -10.12 -9.78
H41 PNS B . 14.82 -9.79 -7.99
H422 PNS B . 13.57 -10.71 -5.44
H421 PNS B . 15.22 -11.02 -6.03
H431 PNS B . 15.57 -8.51 -6.04
H432 PNS B . 14.01 -8.36 -5.27
C1 MAH C . 16.75 -10.44 -3.95
C2 MAH C . 17.86 -10.22 -4.96
C3 MAH C . 19.14 -11.05 -4.72
C4 MAH C . 18.93 -12.46 -5.32
C5 MAH C . 20.03 -13.47 -4.97
C6 MAH C . 20.28 -10.32 -5.44
O1 MAH C . 16.15 -11.52 -3.83
O3 MAH C . 21.22 -13.24 -5.17
O4 MAH C . 19.70 -14.73 -4.60
O7 MAH C . 19.43 -11.13 -3.34
H21 MAH C . 17.47 -10.46 -5.95
H22 MAH C . 18.11 -9.16 -4.96
H41 MAH C . 17.99 -12.85 -4.95
H42 MAH C . 18.85 -12.38 -6.40
H61 MAH C . 20.12 -10.30 -6.52
H62 MAH C . 20.36 -9.28 -5.08
H63 MAH C . 21.24 -10.79 -5.23
HO4 MAH C . 20.47 -15.29 -4.47
HO7 MAH C . 18.70 -11.57 -2.89
N SER A 1 -14.19 1.55 1.24
CA SER A 1 -13.07 2.49 1.33
C SER A 1 -13.55 3.89 1.68
N GLY A 2 -12.67 4.68 2.30
CA GLY A 2 -12.93 6.05 2.69
C GLY A 2 -11.94 6.43 3.77
N LEU A 3 -10.64 6.52 3.45
CA LEU A 3 -9.59 6.89 4.39
C LEU A 3 -8.65 7.88 3.72
N VAL A 4 -8.83 9.16 3.99
CA VAL A 4 -8.01 10.25 3.45
C VAL A 4 -7.49 11.01 4.66
N PRO A 5 -6.25 10.79 5.15
CA PRO A 5 -5.68 11.46 6.32
C PRO A 5 -5.18 12.89 6.03
N ARG A 6 -6.06 13.73 5.49
CA ARG A 6 -5.78 15.12 5.14
C ARG A 6 -5.87 16.07 6.34
N GLY A 7 -6.64 15.74 7.38
CA GLY A 7 -6.78 16.58 8.57
C GLY A 7 -8.01 16.23 9.42
N SER A 8 -8.99 15.54 8.83
CA SER A 8 -10.21 15.08 9.48
C SER A 8 -9.87 13.97 10.49
N HIS A 9 -10.87 13.40 11.18
CA HIS A 9 -10.62 12.32 12.13
C HIS A 9 -10.16 11.06 11.38
N MET A 10 -9.66 10.07 12.12
CA MET A 10 -9.18 8.80 11.60
C MET A 10 -10.19 7.71 11.99
N THR A 11 -10.04 6.54 11.39
CA THR A 11 -10.88 5.38 11.62
C THR A 11 -10.74 4.93 13.08
N PRO A 12 -11.75 4.29 13.69
CA PRO A 12 -11.68 3.80 15.06
C PRO A 12 -10.78 2.55 15.10
N GLN A 13 -10.80 1.81 16.21
CA GLN A 13 -10.03 0.58 16.43
C GLN A 13 -10.53 -0.56 15.52
N VAL A 14 -10.22 -0.48 14.22
CA VAL A 14 -10.57 -1.44 13.19
C VAL A 14 -9.54 -2.57 13.30
N ASN A 15 -9.80 -3.46 14.25
CA ASN A 15 -8.95 -4.62 14.56
C ASN A 15 -8.76 -5.58 13.37
N GLN A 16 -9.76 -5.66 12.50
CA GLN A 16 -9.75 -6.50 11.32
C GLN A 16 -9.11 -5.67 10.23
N VAL A 17 -8.10 -6.21 9.55
CA VAL A 17 -7.39 -5.47 8.53
C VAL A 17 -8.19 -5.32 7.23
N ASN A 18 -8.97 -4.25 7.18
CA ASN A 18 -9.81 -3.83 6.08
C ASN A 18 -8.92 -3.41 4.91
N LEU A 19 -9.37 -3.63 3.69
CA LEU A 19 -8.67 -3.28 2.46
C LEU A 19 -8.13 -1.85 2.44
N SER A 20 -8.96 -0.90 2.86
CA SER A 20 -8.61 0.51 2.87
C SER A 20 -7.41 0.75 3.79
N GLU A 21 -7.26 0.00 4.89
CA GLU A 21 -6.14 0.15 5.83
C GLU A 21 -4.79 0.04 5.12
N ILE A 22 -4.60 -1.04 4.37
CA ILE A 22 -3.38 -1.31 3.67
C ILE A 22 -3.27 -0.37 2.49
N LYS A 23 -4.35 -0.12 1.75
CA LYS A 23 -4.28 0.77 0.60
C LYS A 23 -3.82 2.17 1.03
N GLN A 24 -4.48 2.77 2.01
CA GLN A 24 -4.10 4.11 2.46
C GLN A 24 -2.67 4.12 3.00
N VAL A 25 -2.23 3.03 3.62
CA VAL A 25 -0.89 2.91 4.15
C VAL A 25 0.07 2.87 2.97
N LEU A 26 -0.18 2.02 1.98
CA LEU A 26 0.64 1.89 0.79
C LEU A 26 0.72 3.24 0.08
N LYS A 27 -0.31 4.11 0.14
CA LYS A 27 -0.25 5.40 -0.52
C LYS A 27 0.86 6.26 0.08
N GLN A 28 0.80 6.47 1.39
CA GLN A 28 1.77 7.28 2.10
C GLN A 28 3.19 6.77 1.86
N GLN A 29 3.31 5.46 1.76
CA GLN A 29 4.56 4.77 1.52
C GLN A 29 5.02 4.94 0.06
N LEU A 30 4.08 5.02 -0.89
CA LEU A 30 4.37 5.17 -2.30
C LEU A 30 4.75 6.59 -2.62
N ALA A 31 3.98 7.56 -2.13
CA ALA A 31 4.26 8.96 -2.40
C ALA A 31 5.67 9.30 -1.95
N GLU A 32 6.10 8.85 -0.77
CA GLU A 32 7.46 9.13 -0.31
C GLU A 32 8.49 8.41 -1.19
N ALA A 33 8.21 7.19 -1.64
CA ALA A 33 9.14 6.43 -2.48
C ALA A 33 9.27 7.05 -3.87
N LEU A 34 8.27 7.84 -4.27
CA LEU A 34 8.20 8.55 -5.53
C LEU A 34 8.47 10.04 -5.33
N TYR A 35 8.86 10.46 -4.12
CA TYR A 35 9.17 11.81 -3.72
C TYR A 35 8.05 12.81 -4.06
N THR A 36 6.84 12.57 -3.53
CA THR A 36 5.67 13.41 -3.75
C THR A 36 4.70 13.36 -2.55
N GLU A 37 3.54 13.99 -2.74
CA GLU A 37 2.46 14.10 -1.78
C GLU A 37 1.35 13.13 -2.14
N GLU A 38 0.72 12.57 -1.11
CA GLU A 38 -0.36 11.62 -1.22
C GLU A 38 -1.59 12.18 -1.92
N SER A 39 -1.72 13.50 -1.96
CA SER A 39 -2.84 14.18 -2.59
C SER A 39 -2.81 13.99 -4.12
N GLU A 40 -1.72 13.45 -4.67
CA GLU A 40 -1.57 13.25 -6.11
C GLU A 40 -1.69 11.79 -6.55
N ILE A 41 -1.58 10.86 -5.59
CA ILE A 41 -1.62 9.42 -5.84
C ILE A 41 -3.06 8.97 -6.03
N ALA A 42 -3.23 7.90 -6.79
CA ALA A 42 -4.52 7.28 -7.08
C ALA A 42 -4.46 5.86 -6.54
N GLU A 43 -5.63 5.30 -6.29
CA GLU A 43 -5.81 3.96 -5.72
C GLU A 43 -5.84 2.86 -6.77
N ASP A 44 -6.28 3.22 -7.97
CA ASP A 44 -6.43 2.36 -9.13
C ASP A 44 -5.50 2.75 -10.28
N GLN A 45 -4.66 3.78 -10.10
CA GLN A 45 -3.70 4.22 -11.13
C GLN A 45 -2.43 3.44 -10.91
N LYS A 46 -1.76 3.07 -11.99
CA LYS A 46 -0.55 2.29 -11.92
C LYS A 46 0.60 3.10 -11.33
N PHE A 47 1.31 2.59 -10.33
CA PHE A 47 2.44 3.24 -9.69
C PHE A 47 3.45 3.72 -10.72
N VAL A 48 3.67 2.94 -11.79
CA VAL A 48 4.63 3.30 -12.82
C VAL A 48 4.26 4.64 -13.46
N ASP A 49 2.97 4.96 -13.53
CA ASP A 49 2.52 6.22 -14.10
C ASP A 49 2.79 7.36 -13.11
N LEU A 50 2.73 7.07 -11.80
CA LEU A 50 3.02 8.04 -10.75
C LEU A 50 4.53 8.35 -10.84
N GLY A 51 5.34 7.33 -11.21
CA GLY A 51 6.80 7.38 -11.38
C GLY A 51 7.57 6.14 -10.92
N LEU A 52 6.87 5.03 -10.58
CA LEU A 52 7.50 3.78 -10.11
C LEU A 52 8.25 3.12 -11.27
N ASP A 53 9.31 2.40 -10.94
CA ASP A 53 10.12 1.67 -11.90
C ASP A 53 10.59 0.35 -11.34
N SER A 54 11.36 -0.40 -12.12
CA SER A 54 11.84 -1.69 -11.71
C SER A 54 12.76 -1.67 -10.48
N ILE A 55 13.57 -0.63 -10.33
CA ILE A 55 14.54 -0.43 -9.26
C ILE A 55 13.78 0.02 -8.01
N VAL A 56 13.08 1.16 -8.11
CA VAL A 56 12.30 1.73 -7.03
C VAL A 56 11.25 0.70 -6.59
N GLY A 57 10.68 -0.07 -7.53
CA GLY A 57 9.69 -1.06 -7.21
C GLY A 57 10.27 -2.23 -6.39
N VAL A 58 11.45 -2.73 -6.78
CA VAL A 58 12.07 -3.83 -6.06
C VAL A 58 12.53 -3.41 -4.68
N GLU A 59 12.98 -2.17 -4.48
CA GLU A 59 13.40 -1.76 -3.16
C GLU A 59 12.19 -1.50 -2.25
N TRP A 60 11.18 -0.78 -2.76
CA TRP A 60 9.97 -0.43 -2.02
C TRP A 60 9.22 -1.67 -1.54
N THR A 61 9.25 -2.75 -2.33
CA THR A 61 8.57 -3.97 -1.93
C THR A 61 9.05 -4.47 -0.55
N THR A 62 10.31 -4.17 -0.17
CA THR A 62 10.86 -4.60 1.10
C THR A 62 10.29 -3.81 2.25
N THR A 63 10.03 -2.51 2.10
CA THR A 63 9.47 -1.74 3.19
C THR A 63 8.10 -2.32 3.56
N ILE A 64 7.31 -2.79 2.58
CA ILE A 64 6.00 -3.39 2.82
C ILE A 64 6.17 -4.68 3.65
N ASN A 65 7.22 -5.47 3.39
CA ASN A 65 7.46 -6.70 4.12
C ASN A 65 7.69 -6.37 5.57
N GLN A 66 8.56 -5.40 5.82
CA GLN A 66 8.93 -4.92 7.13
C GLN A 66 7.71 -4.32 7.82
N THR A 67 6.81 -3.70 7.05
CA THR A 67 5.60 -3.09 7.57
C THR A 67 4.63 -4.13 8.12
N TYR A 68 4.43 -5.25 7.41
CA TYR A 68 3.49 -6.30 7.81
C TYR A 68 4.12 -7.62 8.28
N ASN A 69 5.44 -7.69 8.39
CA ASN A 69 6.23 -8.87 8.78
C ASN A 69 5.96 -10.01 7.78
N LEU A 70 5.87 -9.71 6.48
CA LEU A 70 5.58 -10.67 5.39
C LEU A 70 6.77 -10.91 4.45
N ASN A 71 6.53 -11.57 3.32
CA ASN A 71 7.52 -11.89 2.29
C ASN A 71 6.93 -11.56 0.92
N LEU A 72 7.50 -10.57 0.25
CA LEU A 72 7.10 -10.05 -1.05
C LEU A 72 8.33 -9.49 -1.72
N LYS A 73 8.23 -9.47 -3.04
CA LYS A 73 9.24 -9.03 -3.97
C LYS A 73 8.62 -8.19 -5.06
N ALA A 74 9.47 -7.72 -5.96
CA ALA A 74 9.17 -6.91 -7.12
C ALA A 74 8.01 -7.49 -7.94
N THR A 75 7.81 -8.80 -7.92
CA THR A 75 6.71 -9.43 -8.65
C THR A 75 5.40 -8.77 -8.19
N LYS A 76 5.27 -8.42 -6.91
CA LYS A 76 4.05 -7.76 -6.42
C LYS A 76 3.84 -6.43 -7.14
N LEU A 77 4.88 -5.61 -7.23
CA LEU A 77 4.84 -4.30 -7.89
C LEU A 77 4.52 -4.42 -9.39
N TYR A 78 4.67 -5.61 -9.95
CA TYR A 78 4.40 -5.88 -11.35
C TYR A 78 3.00 -6.46 -11.57
N ASP A 79 2.54 -7.35 -10.69
CA ASP A 79 1.23 -7.99 -10.77
C ASP A 79 0.11 -7.13 -10.20
N TYR A 80 0.45 -6.30 -9.21
CA TYR A 80 -0.45 -5.41 -8.51
C TYR A 80 0.13 -3.99 -8.56
N PRO A 81 0.13 -3.34 -9.73
CA PRO A 81 0.63 -1.99 -9.90
C PRO A 81 -0.27 -0.92 -9.26
N THR A 82 -1.37 -1.26 -8.60
CA THR A 82 -2.27 -0.29 -7.97
C THR A 82 -2.36 -0.54 -6.47
N LEU A 83 -2.68 0.50 -5.69
CA LEU A 83 -2.81 0.39 -4.24
C LEU A 83 -3.91 -0.60 -3.94
N LEU A 84 -5.03 -0.56 -4.66
CA LEU A 84 -6.15 -1.48 -4.42
C LEU A 84 -5.75 -2.94 -4.60
N GLU A 85 -4.97 -3.24 -5.63
CA GLU A 85 -4.53 -4.61 -5.91
C GLU A 85 -3.45 -5.05 -4.93
N LEU A 86 -2.47 -4.18 -4.70
CA LEU A 86 -1.34 -4.43 -3.82
C LEU A 86 -1.85 -4.67 -2.40
N SER A 87 -2.82 -3.86 -1.98
CA SER A 87 -3.44 -3.95 -0.67
C SER A 87 -4.28 -5.21 -0.57
N GLY A 88 -5.01 -5.56 -1.65
CA GLY A 88 -5.88 -6.72 -1.69
C GLY A 88 -5.14 -8.00 -1.32
N TYR A 89 -3.95 -8.21 -1.88
CA TYR A 89 -3.17 -9.40 -1.59
C TYR A 89 -2.80 -9.43 -0.10
N ILE A 90 -2.25 -8.32 0.41
CA ILE A 90 -1.83 -8.20 1.79
C ILE A 90 -3.03 -8.32 2.75
N ALA A 91 -4.22 -7.80 2.40
CA ALA A 91 -5.44 -7.86 3.21
C ALA A 91 -5.75 -9.33 3.51
N GLN A 92 -5.61 -10.21 2.51
CA GLN A 92 -5.87 -11.63 2.65
C GLN A 92 -4.85 -12.19 3.66
N ILE A 93 -3.56 -11.93 3.47
CA ILE A 93 -2.51 -12.42 4.36
C ILE A 93 -2.74 -11.94 5.79
N LEU A 94 -2.88 -10.64 6.02
CA LEU A 94 -3.08 -10.08 7.35
C LEU A 94 -4.34 -10.61 8.02
N SER A 95 -5.45 -10.68 7.29
CA SER A 95 -6.67 -11.18 7.88
C SER A 95 -6.54 -12.69 8.19
N SER A 96 -5.70 -13.41 7.45
CA SER A 96 -5.48 -14.84 7.67
C SER A 96 -4.42 -15.09 8.74
N GLN A 97 -3.55 -14.11 9.00
CA GLN A 97 -2.49 -14.18 9.99
C GLN A 97 -3.09 -14.27 11.39
N GLY A 98 -4.28 -13.72 11.59
CA GLY A 98 -5.00 -13.73 12.84
C GLY A 98 -5.96 -14.91 12.80
N THR A 99 -5.39 -16.11 12.65
CA THR A 99 -6.09 -17.39 12.57
C THR A 99 -7.05 -17.53 13.74
P24 PNS B . 13.27 -4.68 -13.67
O25 PNS B . 12.92 -6.04 -13.25
O26 PNS B . 13.07 -4.31 -15.09
O27 PNS B . 14.80 -4.38 -13.24
C28 PNS B . 15.29 -4.37 -11.89
C29 PNS B . 15.55 -5.75 -11.23
C30 PNS B . 14.31 -6.17 -10.40
C31 PNS B . 16.66 -5.59 -10.15
C32 PNS B . 15.99 -6.79 -12.31
O33 PNS B . 17.01 -6.27 -13.15
C34 PNS B . 16.43 -8.18 -11.80
O35 PNS B . 17.52 -8.66 -12.13
N36 PNS B . 15.40 -8.93 -11.43
C37 PNS B . 15.45 -10.35 -11.17
C38 PNS B . 14.02 -10.81 -10.91
C39 PNS B . 13.85 -11.19 -9.44
O40 PNS B . 14.04 -12.37 -9.08
N41 PNS B . 13.74 -10.17 -8.58
C42 PNS B . 13.80 -10.35 -7.14
C43 PNS B . 13.93 -9.04 -6.40
S44 PNS B . 13.66 -9.24 -4.62
H282 PNS B . 16.24 -3.85 -11.93
H281 PNS B . 14.62 -3.78 -11.27
H303 PNS B . 13.96 -5.33 -9.81
H302 PNS B . 13.51 -6.52 -11.04
H301 PNS B . 14.54 -6.99 -9.72
H313 PNS B . 16.68 -6.47 -9.51
H312 PNS B . 17.63 -5.44 -10.62
H311 PNS B . 16.43 -4.72 -9.53
H32 PNS B . 15.11 -6.99 -12.92
H33 PNS B . 17.82 -6.19 -12.63
H36 PNS B . 14.50 -8.49 -11.32
H372 PNS B . 15.86 -10.87 -12.03
H371 PNS B . 16.06 -10.54 -10.30
H382 PNS B . 13.33 -10.02 -11.19
H381 PNS B . 13.81 -11.70 -11.53
H41 PNS B . 13.67 -9.22 -8.93
H422 PNS B . 12.90 -10.86 -6.82
H421 PNS B . 14.67 -10.96 -6.91
H431 PNS B . 14.93 -8.63 -6.56
H432 PNS B . 13.22 -8.34 -6.82
C1 MAH C . 14.89 -8.24 -3.95
C2 MAH C . 16.26 -8.80 -3.57
C3 MAH C . 16.24 -9.94 -2.54
C4 MAH C . 17.69 -10.20 -2.10
C5 MAH C . 17.94 -11.60 -1.52
C6 MAH C . 15.40 -9.57 -1.31
O1 MAH C . 14.44 -7.18 -3.49
O3 MAH C . 18.45 -12.48 -2.23
O4 MAH C . 17.61 -11.90 -0.25
O7 MAH C . 15.70 -11.10 -3.17
H21 MAH C . 16.75 -9.14 -4.48
H22 MAH C . 16.86 -7.98 -3.16
H41 MAH C . 18.34 -10.08 -2.98
H42 MAH C . 17.99 -9.46 -1.38
H61 MAH C . 15.46 -10.35 -0.55
H62 MAH C . 15.75 -8.62 -0.90
H63 MAH C . 14.35 -9.45 -1.59
HO4 MAH C . 17.83 -12.80 0.00
HO7 MAH C . 16.29 -11.36 -3.88
N SER A 1 -3.86 3.38 12.47
CA SER A 1 -4.19 4.81 12.58
C SER A 1 -3.69 5.57 11.35
N GLY A 2 -4.30 6.72 11.04
CA GLY A 2 -3.93 7.57 9.92
C GLY A 2 -5.09 7.93 9.01
N LEU A 3 -6.12 7.09 9.01
CA LEU A 3 -7.30 7.29 8.19
C LEU A 3 -7.98 8.58 8.64
N VAL A 4 -8.12 9.51 7.70
CA VAL A 4 -8.72 10.81 7.91
C VAL A 4 -9.88 10.98 6.92
N PRO A 5 -11.08 11.38 7.35
CA PRO A 5 -12.23 11.57 6.46
C PRO A 5 -11.99 12.81 5.59
N ARG A 6 -11.38 12.61 4.42
CA ARG A 6 -11.06 13.69 3.47
C ARG A 6 -12.27 14.19 2.69
N GLY A 7 -13.43 13.56 2.88
CA GLY A 7 -14.65 13.91 2.21
C GLY A 7 -15.71 12.86 2.50
N SER A 8 -15.32 11.58 2.54
CA SER A 8 -16.25 10.50 2.83
C SER A 8 -16.51 10.46 4.35
N HIS A 9 -17.44 9.62 4.77
CA HIS A 9 -17.78 9.45 6.17
C HIS A 9 -16.73 8.61 6.90
N MET A 10 -16.84 8.58 8.23
CA MET A 10 -15.96 7.84 9.11
C MET A 10 -16.35 6.36 9.11
N THR A 11 -15.48 5.52 9.68
CA THR A 11 -15.62 4.08 9.79
C THR A 11 -15.83 3.69 11.27
N PRO A 12 -16.42 2.51 11.57
CA PRO A 12 -16.67 2.02 12.92
C PRO A 12 -15.37 1.49 13.52
N GLN A 13 -15.44 0.71 14.60
CA GLN A 13 -14.27 0.11 15.24
C GLN A 13 -13.84 -1.06 14.36
N VAL A 14 -12.89 -0.84 13.46
CA VAL A 14 -12.33 -1.79 12.52
C VAL A 14 -10.93 -2.08 13.06
N ASN A 15 -10.91 -2.93 14.09
CA ASN A 15 -9.71 -3.37 14.79
C ASN A 15 -8.66 -3.99 13.87
N GLN A 16 -9.16 -4.89 13.03
CA GLN A 16 -8.48 -5.68 12.03
C GLN A 16 -7.82 -4.85 10.93
N VAL A 17 -6.92 -5.46 10.16
CA VAL A 17 -6.22 -4.76 9.08
C VAL A 17 -7.06 -4.79 7.80
N ASN A 18 -8.01 -3.87 7.74
CA ASN A 18 -8.93 -3.67 6.63
C ASN A 18 -8.18 -3.21 5.39
N LEU A 19 -8.75 -3.40 4.20
CA LEU A 19 -8.18 -3.00 2.93
C LEU A 19 -7.65 -1.57 2.90
N SER A 20 -8.45 -0.62 3.40
CA SER A 20 -8.09 0.78 3.41
C SER A 20 -6.89 1.05 4.31
N GLU A 21 -6.77 0.31 5.43
CA GLU A 21 -5.66 0.47 6.37
C GLU A 21 -4.32 0.32 5.63
N ILE A 22 -4.14 -0.77 4.88
CA ILE A 22 -2.91 -1.03 4.15
C ILE A 22 -2.81 -0.10 2.94
N LYS A 23 -3.87 0.12 2.16
CA LYS A 23 -3.80 0.99 0.99
C LYS A 23 -3.32 2.38 1.36
N GLN A 24 -3.99 3.01 2.33
CA GLN A 24 -3.58 4.35 2.73
C GLN A 24 -2.13 4.36 3.23
N VAL A 25 -1.69 3.31 3.92
CA VAL A 25 -0.33 3.20 4.43
C VAL A 25 0.61 3.13 3.22
N LEU A 26 0.31 2.26 2.26
CA LEU A 26 1.07 2.08 1.03
C LEU A 26 1.18 3.41 0.28
N LYS A 27 0.20 4.33 0.35
CA LYS A 27 0.28 5.62 -0.34
C LYS A 27 1.49 6.36 0.18
N GLN A 28 1.55 6.61 1.49
CA GLN A 28 2.66 7.33 2.08
C GLN A 28 3.98 6.66 1.75
N GLN A 29 3.99 5.32 1.85
CA GLN A 29 5.15 4.49 1.59
C GLN A 29 5.57 4.63 0.12
N LEU A 30 4.62 4.80 -0.79
CA LEU A 30 4.92 4.94 -2.21
C LEU A 30 5.42 6.34 -2.49
N ALA A 31 4.75 7.37 -1.97
CA ALA A 31 5.18 8.73 -2.22
C ALA A 31 6.61 8.93 -1.73
N GLU A 32 6.95 8.45 -0.53
CA GLU A 32 8.30 8.59 0.00
C GLU A 32 9.29 7.78 -0.86
N ALA A 33 8.90 6.59 -1.32
CA ALA A 33 9.75 5.75 -2.15
C ALA A 33 10.01 6.40 -3.51
N LEU A 34 9.15 7.35 -3.91
CA LEU A 34 9.22 8.09 -5.16
C LEU A 34 9.63 9.56 -4.90
N TYR A 35 10.04 9.92 -3.69
CA TYR A 35 10.45 11.27 -3.30
C TYR A 35 9.40 12.34 -3.63
N THR A 36 8.12 12.08 -3.35
CA THR A 36 7.03 13.01 -3.63
C THR A 36 6.06 13.11 -2.45
N GLU A 37 4.92 13.75 -2.71
CA GLU A 37 3.85 13.98 -1.76
C GLU A 37 2.69 13.04 -2.03
N GLU A 38 1.97 12.70 -0.97
CA GLU A 38 0.81 11.82 -1.06
C GLU A 38 -0.34 12.44 -1.84
N SER A 39 -0.32 13.76 -2.01
CA SER A 39 -1.33 14.48 -2.76
C SER A 39 -1.28 14.17 -4.25
N GLU A 40 -0.18 13.59 -4.75
CA GLU A 40 -0.06 13.30 -6.17
C GLU A 40 -0.43 11.87 -6.56
N ILE A 41 -0.37 10.96 -5.60
CA ILE A 41 -0.63 9.53 -5.75
C ILE A 41 -2.13 9.27 -5.90
N ALA A 42 -2.48 8.14 -6.49
CA ALA A 42 -3.85 7.69 -6.68
C ALA A 42 -3.87 6.24 -6.23
N GLU A 43 -5.03 5.77 -5.76
CA GLU A 43 -5.21 4.40 -5.27
C GLU A 43 -5.31 3.37 -6.38
N ASP A 44 -5.74 3.80 -7.56
CA ASP A 44 -5.96 3.00 -8.77
C ASP A 44 -4.99 3.32 -9.91
N GLN A 45 -4.05 4.25 -9.73
CA GLN A 45 -3.09 4.61 -10.76
C GLN A 45 -1.83 3.77 -10.58
N LYS A 46 -1.23 3.38 -11.70
CA LYS A 46 -0.03 2.54 -11.70
C LYS A 46 1.13 3.28 -11.10
N PHE A 47 1.87 2.68 -10.19
CA PHE A 47 3.03 3.30 -9.57
C PHE A 47 4.03 3.76 -10.65
N VAL A 48 4.17 3.02 -11.76
CA VAL A 48 5.09 3.37 -12.83
C VAL A 48 4.77 4.76 -13.41
N ASP A 49 3.50 5.16 -13.37
CA ASP A 49 3.02 6.46 -13.86
C ASP A 49 3.45 7.54 -12.85
N LEU A 50 3.48 7.18 -11.56
CA LEU A 50 3.89 8.08 -10.48
C LEU A 50 5.43 8.22 -10.50
N GLY A 51 6.16 7.31 -11.16
CA GLY A 51 7.62 7.31 -11.28
C GLY A 51 8.30 6.04 -10.75
N LEU A 52 7.55 4.95 -10.58
CA LEU A 52 8.09 3.68 -10.08
C LEU A 52 8.92 3.01 -11.14
N ASP A 53 10.22 3.03 -10.91
CA ASP A 53 11.15 2.40 -11.82
C ASP A 53 11.34 0.97 -11.34
N SER A 54 11.80 0.11 -12.24
CA SER A 54 12.04 -1.29 -11.97
C SER A 54 12.93 -1.54 -10.74
N ILE A 55 13.90 -0.66 -10.47
CA ILE A 55 14.79 -0.82 -9.33
C ILE A 55 14.03 -0.40 -8.09
N VAL A 56 13.41 0.78 -8.14
CA VAL A 56 12.62 1.35 -7.07
C VAL A 56 11.51 0.39 -6.64
N GLY A 57 10.97 -0.41 -7.56
CA GLY A 57 9.92 -1.36 -7.27
C GLY A 57 10.44 -2.52 -6.43
N VAL A 58 11.57 -3.13 -6.83
CA VAL A 58 12.11 -4.25 -6.09
C VAL A 58 12.62 -3.83 -4.72
N GLU A 59 13.15 -2.62 -4.56
CA GLU A 59 13.64 -2.18 -3.26
C GLU A 59 12.46 -1.81 -2.36
N TRP A 60 11.41 -1.18 -2.89
CA TRP A 60 10.24 -0.77 -2.12
C TRP A 60 9.50 -2.00 -1.59
N THR A 61 9.47 -3.10 -2.34
CA THR A 61 8.81 -4.32 -1.87
C THR A 61 9.40 -4.75 -0.51
N THR A 62 10.67 -4.43 -0.24
CA THR A 62 11.30 -4.80 1.01
C THR A 62 10.66 -4.06 2.18
N THR A 63 10.40 -2.76 2.08
CA THR A 63 9.83 -1.97 3.17
C THR A 63 8.53 -2.60 3.67
N ILE A 64 7.68 -3.07 2.76
CA ILE A 64 6.41 -3.67 3.14
C ILE A 64 6.62 -4.98 3.90
N ASN A 65 7.64 -5.76 3.56
CA ASN A 65 7.89 -7.02 4.23
C ASN A 65 8.28 -6.73 5.66
N GLN A 66 9.13 -5.74 5.87
CA GLN A 66 9.59 -5.34 7.19
C GLN A 66 8.40 -4.77 7.97
N THR A 67 7.51 -4.04 7.30
CA THR A 67 6.35 -3.45 7.93
C THR A 67 5.40 -4.52 8.49
N TYR A 68 5.08 -5.55 7.71
CA TYR A 68 4.14 -6.60 8.10
C TYR A 68 4.72 -7.97 8.43
N ASN A 69 6.05 -8.09 8.53
CA ASN A 69 6.78 -9.33 8.81
C ASN A 69 6.43 -10.43 7.80
N LEU A 70 6.28 -10.05 6.52
CA LEU A 70 5.93 -10.94 5.41
C LEU A 70 7.13 -11.16 4.50
N ASN A 71 6.93 -11.75 3.32
CA ASN A 71 7.94 -12.03 2.31
C ASN A 71 7.33 -11.73 0.95
N LEU A 72 7.88 -10.75 0.24
CA LEU A 72 7.45 -10.30 -1.07
C LEU A 72 8.66 -9.82 -1.82
N LYS A 73 8.46 -9.77 -3.12
CA LYS A 73 9.40 -9.39 -4.14
C LYS A 73 8.73 -8.50 -5.17
N ALA A 74 9.56 -8.07 -6.10
CA ALA A 74 9.21 -7.21 -7.22
C ALA A 74 7.98 -7.69 -7.98
N THR A 75 7.73 -9.01 -8.00
CA THR A 75 6.58 -9.60 -8.66
C THR A 75 5.31 -8.91 -8.11
N LYS A 76 5.29 -8.50 -6.83
CA LYS A 76 4.13 -7.82 -6.26
C LYS A 76 3.90 -6.48 -6.97
N LEU A 77 4.96 -5.71 -7.20
CA LEU A 77 4.91 -4.40 -7.87
C LEU A 77 4.46 -4.55 -9.33
N TYR A 78 4.63 -5.73 -9.91
CA TYR A 78 4.25 -6.06 -11.27
C TYR A 78 2.82 -6.60 -11.35
N ASP A 79 2.40 -7.43 -10.40
CA ASP A 79 1.06 -8.01 -10.36
C ASP A 79 0.05 -7.01 -9.84
N TYR A 80 0.48 -6.16 -8.90
CA TYR A 80 -0.33 -5.17 -8.24
C TYR A 80 0.33 -3.80 -8.33
N PRO A 81 0.29 -3.16 -9.51
CA PRO A 81 0.87 -1.84 -9.71
C PRO A 81 0.09 -0.70 -9.04
N THR A 82 -0.98 -0.95 -8.30
CA THR A 82 -1.76 0.10 -7.62
C THR A 82 -1.91 -0.20 -6.13
N LEU A 83 -2.21 0.83 -5.32
CA LEU A 83 -2.40 0.69 -3.88
C LEU A 83 -3.58 -0.22 -3.63
N LEU A 84 -4.67 -0.12 -4.39
CA LEU A 84 -5.83 -0.97 -4.19
C LEU A 84 -5.49 -2.44 -4.39
N GLU A 85 -4.70 -2.78 -5.41
CA GLU A 85 -4.32 -4.16 -5.66
C GLU A 85 -3.27 -4.64 -4.66
N LEU A 86 -2.25 -3.81 -4.39
CA LEU A 86 -1.16 -4.14 -3.47
C LEU A 86 -1.73 -4.39 -2.08
N SER A 87 -2.68 -3.55 -1.65
CA SER A 87 -3.31 -3.70 -0.36
C SER A 87 -4.19 -4.96 -0.34
N GLY A 88 -4.87 -5.25 -1.46
CA GLY A 88 -5.77 -6.39 -1.63
C GLY A 88 -5.13 -7.72 -1.30
N TYR A 89 -3.82 -7.84 -1.51
CA TYR A 89 -3.13 -9.07 -1.20
C TYR A 89 -2.76 -9.11 0.28
N ILE A 90 -2.06 -8.06 0.75
CA ILE A 90 -1.59 -7.92 2.13
C ILE A 90 -2.74 -8.01 3.15
N ALA A 91 -3.90 -7.41 2.87
CA ALA A 91 -5.07 -7.42 3.74
C ALA A 91 -5.43 -8.83 4.16
N GLN A 92 -5.50 -9.76 3.20
CA GLN A 92 -5.86 -11.14 3.46
C GLN A 92 -4.81 -11.87 4.29
N ILE A 93 -3.53 -11.52 4.13
CA ILE A 93 -2.45 -12.14 4.88
C ILE A 93 -2.59 -11.69 6.34
N LEU A 94 -2.63 -10.38 6.58
CA LEU A 94 -2.73 -9.81 7.91
C LEU A 94 -4.02 -10.22 8.62
N SER A 95 -5.15 -10.23 7.91
CA SER A 95 -6.41 -10.63 8.51
C SER A 95 -6.36 -12.09 9.00
N SER A 96 -5.46 -12.90 8.41
CA SER A 96 -5.26 -14.29 8.76
C SER A 96 -4.19 -14.43 9.84
N GLN A 97 -3.20 -13.52 9.89
CA GLN A 97 -2.12 -13.54 10.88
C GLN A 97 -2.71 -13.42 12.29
N GLY A 98 -3.87 -12.77 12.43
CA GLY A 98 -4.56 -12.59 13.68
C GLY A 98 -5.63 -13.67 13.85
N THR A 99 -5.32 -14.92 13.52
CA THR A 99 -6.25 -16.05 13.62
C THR A 99 -6.73 -16.19 15.04
P24 PNS B . 12.99 -4.24 -14.38
O25 PNS B . 12.22 -5.50 -14.38
O26 PNS B . 13.13 -3.50 -15.67
O27 PNS B . 14.47 -4.55 -13.81
C28 PNS B . 14.82 -4.54 -12.42
C29 PNS B . 14.42 -5.74 -11.54
C30 PNS B . 12.94 -5.75 -11.18
C31 PNS B . 15.11 -5.52 -10.18
C32 PNS B . 14.81 -7.15 -12.12
O33 PNS B . 14.08 -7.52 -13.27
C34 PNS B . 16.27 -7.21 -12.53
O35 PNS B . 16.62 -6.73 -13.62
N36 PNS B . 17.16 -7.61 -11.61
C37 PNS B . 16.94 -8.35 -10.38
C38 PNS B . 16.89 -9.84 -10.68
C39 PNS B . 15.97 -10.62 -9.75
O40 PNS B . 16.41 -11.58 -9.08
N41 PNS B . 14.67 -10.34 -9.85
C42 PNS B . 13.62 -11.11 -9.21
C43 PNS B . 12.38 -10.26 -8.97
S44 PNS B . 11.04 -10.27 -10.21
H282 PNS B . 15.90 -4.47 -12.40
H281 PNS B . 14.45 -3.62 -11.97
H303 PNS B . 12.57 -4.75 -11.00
H302 PNS B . 12.45 -6.20 -12.02
H301 PNS B . 12.74 -6.34 -10.28
H313 PNS B . 14.81 -6.30 -9.48
H312 PNS B . 16.20 -5.53 -10.29
H311 PNS B . 14.83 -4.55 -9.81
H32 PNS B . 14.62 -7.89 -11.37
H33 PNS B . 14.30 -6.92 -13.99
H36 PNS B . 17.98 -7.06 -11.69
H372 PNS B . 17.74 -8.15 -9.68
H371 PNS B . 16.01 -8.03 -9.91
H382 PNS B . 16.51 -9.98 -11.70
H381 PNS B . 17.90 -10.25 -10.64
H41 PNS B . 14.37 -9.58 -10.46
H422 PNS B . 13.36 -11.96 -9.84
H421 PNS B . 13.98 -11.47 -8.25
H431 PNS B . 11.94 -10.59 -8.04
H432 PNS B . 12.69 -9.23 -8.79
C1 MAH C . 11.76 -9.54 -11.57
C2 MAH C . 12.32 -10.41 -12.69
C3 MAH C . 11.60 -10.16 -14.04
C4 MAH C . 12.29 -10.95 -15.17
C5 MAH C . 13.81 -10.78 -15.20
C6 MAH C . 10.13 -10.61 -13.96
O1 MAH C . 12.42 -8.60 -11.13
O3 MAH C . 14.52 -11.62 -14.68
O4 MAH C . 14.37 -9.73 -15.84
O7 MAH C . 11.63 -8.78 -14.37
H21 MAH C . 13.38 -10.19 -12.78
H22 MAH C . 12.21 -11.47 -12.43
H41 MAH C . 12.06 -12.02 -15.03
H42 MAH C . 11.87 -10.65 -16.14
H61 MAH C . 9.61 -10.05 -13.18
H62 MAH C . 9.64 -10.43 -14.92
H63 MAH C . 10.09 -11.67 -13.72
HO4 MAH C . 15.34 -9.73 -15.80
HO7 MAH C . 12.54 -8.51 -14.46
N SER A 1 -10.20 3.89 11.92
CA SER A 1 -9.83 4.97 12.85
C SER A 1 -8.72 5.89 12.29
N GLY A 2 -7.43 5.62 12.56
CA GLY A 2 -6.23 6.38 12.15
C GLY A 2 -6.01 6.63 10.65
N LEU A 3 -6.96 6.27 9.81
CA LEU A 3 -6.89 6.41 8.38
C LEU A 3 -7.36 7.79 7.98
N VAL A 4 -6.43 8.69 7.71
CA VAL A 4 -6.70 10.05 7.30
C VAL A 4 -6.45 10.09 5.78
N PRO A 5 -7.48 9.93 4.93
CA PRO A 5 -7.29 9.96 3.49
C PRO A 5 -7.05 11.39 3.01
N ARG A 6 -6.48 11.52 1.81
CA ARG A 6 -6.21 12.82 1.21
C ARG A 6 -7.48 13.65 1.01
N GLY A 7 -8.64 13.00 0.85
CA GLY A 7 -9.92 13.65 0.65
C GLY A 7 -11.02 12.60 0.49
N SER A 8 -11.36 11.86 1.54
CA SER A 8 -12.40 10.82 1.50
C SER A 8 -13.00 10.59 2.90
N HIS A 9 -13.97 9.68 3.02
CA HIS A 9 -14.62 9.36 4.28
C HIS A 9 -13.67 8.63 5.25
N MET A 10 -14.09 8.50 6.51
CA MET A 10 -13.35 7.84 7.58
C MET A 10 -13.93 6.44 7.78
N THR A 11 -13.21 5.60 8.53
CA THR A 11 -13.63 4.25 8.86
C THR A 11 -13.93 4.24 10.36
N PRO A 12 -14.92 3.45 10.82
CA PRO A 12 -15.29 3.36 12.22
C PRO A 12 -14.21 2.56 12.98
N GLN A 13 -14.58 2.00 14.14
CA GLN A 13 -13.71 1.20 14.99
C GLN A 13 -13.51 -0.20 14.37
N VAL A 14 -12.94 -0.24 13.18
CA VAL A 14 -12.67 -1.46 12.45
C VAL A 14 -11.34 -1.99 13.01
N ASN A 15 -11.41 -2.62 14.18
CA ASN A 15 -10.28 -3.19 14.90
C ASN A 15 -9.52 -4.30 14.16
N GLN A 16 -10.06 -4.79 13.04
CA GLN A 16 -9.48 -5.83 12.19
C GLN A 16 -8.67 -5.18 11.07
N VAL A 17 -7.86 -5.97 10.35
CA VAL A 17 -7.04 -5.45 9.28
C VAL A 17 -7.86 -5.27 7.99
N ASN A 18 -8.63 -4.19 7.99
CA ASN A 18 -9.48 -3.74 6.91
C ASN A 18 -8.61 -3.27 5.74
N LEU A 19 -9.07 -3.46 4.52
CA LEU A 19 -8.39 -3.07 3.29
C LEU A 19 -7.91 -1.62 3.32
N SER A 20 -8.72 -0.70 3.84
CA SER A 20 -8.34 0.69 3.91
C SER A 20 -7.10 0.87 4.79
N GLU A 21 -6.90 0.07 5.85
CA GLU A 21 -5.76 0.17 6.76
C GLU A 21 -4.43 0.11 6.01
N ILE A 22 -4.26 -0.93 5.21
CA ILE A 22 -3.08 -1.17 4.41
C ILE A 22 -3.06 -0.21 3.23
N LYS A 23 -4.17 -0.03 2.50
CA LYS A 23 -4.20 0.85 1.33
C LYS A 23 -3.70 2.25 1.68
N GLN A 24 -4.28 2.89 2.70
CA GLN A 24 -3.84 4.24 3.03
C GLN A 24 -2.38 4.23 3.50
N VAL A 25 -1.95 3.19 4.21
CA VAL A 25 -0.57 3.09 4.67
C VAL A 25 0.33 3.05 3.43
N LEU A 26 0.03 2.19 2.45
CA LEU A 26 0.76 2.06 1.22
C LEU A 26 0.85 3.40 0.48
N LYS A 27 -0.14 4.29 0.59
CA LYS A 27 -0.09 5.59 -0.07
C LYS A 27 1.11 6.36 0.45
N GLN A 28 1.17 6.60 1.76
CA GLN A 28 2.26 7.34 2.37
C GLN A 28 3.59 6.72 2.01
N GLN A 29 3.61 5.38 2.06
CA GLN A 29 4.78 4.57 1.78
C GLN A 29 5.21 4.74 0.33
N LEU A 30 4.27 4.89 -0.61
CA LEU A 30 4.55 5.05 -2.01
C LEU A 30 5.00 6.47 -2.28
N ALA A 31 4.29 7.46 -1.73
CA ALA A 31 4.64 8.84 -1.96
C ALA A 31 6.06 9.13 -1.48
N GLU A 32 6.43 8.66 -0.29
CA GLU A 32 7.76 8.91 0.24
C GLU A 32 8.83 8.20 -0.60
N ALA A 33 8.50 7.01 -1.10
CA ALA A 33 9.42 6.21 -1.93
C ALA A 33 9.57 6.81 -3.34
N LEU A 34 8.64 7.66 -3.75
CA LEU A 34 8.61 8.33 -5.04
C LEU A 34 8.99 9.82 -4.90
N TYR A 35 9.37 10.26 -3.71
CA TYR A 35 9.79 11.62 -3.39
C TYR A 35 8.67 12.64 -3.67
N THR A 36 7.45 12.35 -3.23
CA THR A 36 6.29 13.22 -3.44
C THR A 36 5.39 13.26 -2.19
N GLU A 37 4.26 13.92 -2.30
CA GLU A 37 3.26 14.09 -1.27
C GLU A 37 2.08 13.18 -1.56
N GLU A 38 1.48 12.66 -0.51
CA GLU A 38 0.34 11.78 -0.61
C GLU A 38 -0.87 12.42 -1.27
N SER A 39 -0.92 13.75 -1.23
CA SER A 39 -2.01 14.50 -1.81
C SER A 39 -2.05 14.30 -3.33
N GLU A 40 -1.00 13.74 -3.94
CA GLU A 40 -0.95 13.50 -5.37
C GLU A 40 -1.23 12.05 -5.76
N ILE A 41 -1.30 11.12 -4.81
CA ILE A 41 -1.49 9.69 -5.06
C ILE A 41 -2.95 9.25 -4.97
N ALA A 42 -3.28 8.25 -5.79
CA ALA A 42 -4.57 7.58 -5.92
C ALA A 42 -4.39 6.15 -5.42
N GLU A 43 -5.48 5.40 -5.31
CA GLU A 43 -5.40 4.02 -4.86
C GLU A 43 -5.63 3.03 -5.98
N ASP A 44 -6.13 3.51 -7.12
CA ASP A 44 -6.45 2.77 -8.32
C ASP A 44 -5.59 3.17 -9.51
N GLN A 45 -4.63 4.10 -9.35
CA GLN A 45 -3.73 4.53 -10.42
C GLN A 45 -2.43 3.72 -10.29
N LYS A 46 -1.74 3.49 -11.41
CA LYS A 46 -0.52 2.72 -11.44
C LYS A 46 0.66 3.46 -10.85
N PHE A 47 1.47 2.81 -10.02
CA PHE A 47 2.65 3.40 -9.41
C PHE A 47 3.61 3.93 -10.47
N VAL A 48 3.74 3.22 -11.60
CA VAL A 48 4.63 3.64 -12.68
C VAL A 48 4.29 5.04 -13.19
N ASP A 49 3.02 5.45 -13.14
CA ASP A 49 2.61 6.77 -13.59
C ASP A 49 2.98 7.82 -12.57
N LEU A 50 2.96 7.46 -11.29
CA LEU A 50 3.32 8.35 -10.19
C LEU A 50 4.85 8.51 -10.13
N GLY A 51 5.63 7.61 -10.77
CA GLY A 51 7.10 7.64 -10.81
C GLY A 51 7.80 6.36 -10.35
N LEU A 52 7.10 5.24 -10.26
CA LEU A 52 7.68 3.96 -9.81
C LEU A 52 8.49 3.31 -10.91
N ASP A 53 9.81 3.40 -10.77
CA ASP A 53 10.71 2.81 -11.74
C ASP A 53 11.04 1.39 -11.31
N SER A 54 11.65 0.61 -12.20
CA SER A 54 11.98 -0.78 -11.93
C SER A 54 12.85 -1.00 -10.69
N ILE A 55 13.76 -0.07 -10.36
CA ILE A 55 14.63 -0.17 -9.20
C ILE A 55 13.81 0.20 -7.96
N VAL A 56 13.08 1.32 -8.03
CA VAL A 56 12.25 1.82 -6.95
C VAL A 56 11.20 0.76 -6.57
N GLY A 57 10.69 -0.02 -7.53
CA GLY A 57 9.70 -1.04 -7.24
C GLY A 57 10.30 -2.22 -6.47
N VAL A 58 11.47 -2.71 -6.87
CA VAL A 58 12.10 -3.85 -6.21
C VAL A 58 12.62 -3.47 -4.83
N GLU A 59 13.01 -2.22 -4.60
CA GLU A 59 13.46 -1.80 -3.30
C GLU A 59 12.25 -1.59 -2.37
N TRP A 60 11.22 -0.84 -2.81
CA TRP A 60 10.01 -0.53 -2.06
C TRP A 60 9.29 -1.79 -1.58
N THR A 61 9.33 -2.86 -2.38
CA THR A 61 8.68 -4.10 -1.98
C THR A 61 9.20 -4.56 -0.60
N THR A 62 10.45 -4.21 -0.26
CA THR A 62 11.09 -4.56 0.99
C THR A 62 10.49 -3.78 2.15
N THR A 63 10.25 -2.48 1.98
CA THR A 63 9.70 -1.61 3.01
C THR A 63 8.39 -2.20 3.55
N ILE A 64 7.57 -2.74 2.65
CA ILE A 64 6.29 -3.36 2.99
C ILE A 64 6.53 -4.66 3.76
N ASN A 65 7.51 -5.46 3.36
CA ASN A 65 7.83 -6.73 4.02
C ASN A 65 8.22 -6.47 5.45
N GLN A 66 9.06 -5.47 5.63
CA GLN A 66 9.57 -5.06 6.92
C GLN A 66 8.40 -4.57 7.77
N THR A 67 7.49 -3.80 7.16
CA THR A 67 6.34 -3.24 7.82
C THR A 67 5.36 -4.31 8.34
N TYR A 68 5.07 -5.35 7.56
CA TYR A 68 4.13 -6.40 7.92
C TYR A 68 4.75 -7.77 8.23
N ASN A 69 6.08 -7.86 8.37
CA ASN A 69 6.84 -9.09 8.65
C ASN A 69 6.58 -10.18 7.59
N LEU A 70 6.42 -9.76 6.34
CA LEU A 70 6.14 -10.64 5.20
C LEU A 70 7.39 -10.83 4.35
N ASN A 71 7.23 -11.53 3.21
CA ASN A 71 8.26 -11.83 2.24
C ASN A 71 7.58 -11.61 0.89
N LEU A 72 8.00 -10.61 0.14
CA LEU A 72 7.49 -10.21 -1.15
C LEU A 72 8.63 -9.62 -1.93
N LYS A 73 8.41 -9.53 -3.23
CA LYS A 73 9.32 -9.04 -4.22
C LYS A 73 8.63 -8.13 -5.20
N ALA A 74 9.44 -7.61 -6.13
CA ALA A 74 9.02 -6.69 -7.18
C ALA A 74 7.84 -7.24 -7.99
N THR A 75 7.63 -8.56 -8.05
CA THR A 75 6.49 -9.13 -8.76
C THR A 75 5.22 -8.50 -8.19
N LYS A 76 5.16 -8.23 -6.87
CA LYS A 76 3.98 -7.61 -6.28
C LYS A 76 3.73 -6.23 -6.90
N LEU A 77 4.79 -5.45 -7.08
CA LEU A 77 4.73 -4.11 -7.67
C LEU A 77 4.29 -4.15 -9.13
N TYR A 78 4.35 -5.31 -9.76
CA TYR A 78 3.98 -5.49 -11.15
C TYR A 78 2.57 -6.07 -11.27
N ASP A 79 2.23 -7.03 -10.43
CA ASP A 79 0.94 -7.69 -10.41
C ASP A 79 -0.14 -6.79 -9.84
N TYR A 80 0.24 -5.99 -8.84
CA TYR A 80 -0.61 -5.07 -8.12
C TYR A 80 0.03 -3.68 -8.16
N PRO A 81 -0.08 -2.98 -9.30
CA PRO A 81 0.48 -1.64 -9.48
C PRO A 81 -0.33 -0.53 -8.79
N THR A 82 -1.42 -0.84 -8.09
CA THR A 82 -2.26 0.15 -7.39
C THR A 82 -2.31 -0.13 -5.90
N LEU A 83 -2.74 0.82 -5.04
CA LEU A 83 -2.77 0.59 -3.61
C LEU A 83 -3.90 -0.36 -3.25
N LEU A 84 -5.02 -0.32 -3.97
CA LEU A 84 -6.15 -1.19 -3.67
C LEU A 84 -5.79 -2.65 -3.88
N GLU A 85 -5.08 -2.98 -4.97
CA GLU A 85 -4.68 -4.35 -5.24
C GLU A 85 -3.57 -4.80 -4.29
N LEU A 86 -2.55 -3.96 -4.11
CA LEU A 86 -1.42 -4.25 -3.23
C LEU A 86 -1.93 -4.50 -1.82
N SER A 87 -2.89 -3.69 -1.39
CA SER A 87 -3.52 -3.77 -0.10
C SER A 87 -4.31 -5.08 0.01
N GLY A 88 -5.08 -5.44 -1.03
CA GLY A 88 -5.91 -6.62 -1.08
C GLY A 88 -5.13 -7.89 -0.77
N TYR A 89 -3.92 -8.01 -1.31
CA TYR A 89 -3.12 -9.20 -1.07
C TYR A 89 -2.68 -9.23 0.40
N ILE A 90 -2.07 -8.15 0.88
CA ILE A 90 -1.59 -8.04 2.26
C ILE A 90 -2.73 -8.22 3.27
N ALA A 91 -3.93 -7.66 3.03
CA ALA A 91 -5.10 -7.75 3.90
C ALA A 91 -5.35 -9.23 4.24
N GLN A 92 -5.38 -10.10 3.23
CA GLN A 92 -5.61 -11.54 3.42
C GLN A 92 -4.55 -12.21 4.28
N ILE A 93 -3.30 -11.74 4.20
CA ILE A 93 -2.20 -12.30 4.95
C ILE A 93 -2.29 -11.85 6.40
N LEU A 94 -2.38 -10.54 6.62
CA LEU A 94 -2.47 -9.95 7.94
C LEU A 94 -3.66 -10.46 8.70
N SER A 95 -4.80 -10.63 8.02
CA SER A 95 -6.00 -11.16 8.66
C SER A 95 -5.73 -12.59 9.18
N SER A 96 -4.73 -13.30 8.62
CA SER A 96 -4.34 -14.65 9.00
C SER A 96 -3.15 -14.64 9.98
N GLN A 97 -2.47 -13.50 10.20
CA GLN A 97 -1.34 -13.42 11.13
C GLN A 97 -1.79 -13.51 12.60
N GLY A 98 -3.08 -13.30 12.84
CA GLY A 98 -3.77 -13.36 14.12
C GLY A 98 -5.06 -14.16 13.93
N THR A 99 -5.00 -15.19 13.08
CA THR A 99 -6.09 -16.09 12.73
C THR A 99 -6.80 -16.61 13.98
P24 PNS B . 12.93 -3.74 -14.36
O25 PNS B . 12.41 -5.12 -14.21
O26 PNS B . 12.84 -3.11 -15.69
O27 PNS B . 14.49 -3.80 -13.87
C28 PNS B . 14.88 -3.67 -12.50
C29 PNS B . 15.24 -4.93 -11.70
C30 PNS B . 13.98 -5.75 -11.43
C31 PNS B . 15.74 -4.46 -10.33
C32 PNS B . 16.33 -5.75 -12.40
O33 PNS B . 17.36 -4.92 -12.90
C34 PNS B . 16.97 -6.84 -11.53
O35 PNS B . 17.88 -6.58 -10.72
N36 PNS B . 16.50 -8.06 -11.75
C37 PNS B . 17.08 -9.31 -11.28
C38 PNS B . 16.16 -10.46 -11.68
C39 PNS B . 15.17 -10.83 -10.59
O40 PNS B . 15.35 -11.81 -9.84
N41 PNS B . 14.21 -9.93 -10.40
C42 PNS B . 13.38 -9.91 -9.22
C43 PNS B . 12.37 -8.76 -9.33
S44 PNS B . 11.13 -8.92 -10.65
H282 PNS B . 15.72 -2.97 -12.47
H281 PNS B . 14.08 -3.22 -11.93
H303 PNS B . 13.25 -5.16 -10.87
H302 PNS B . 13.52 -6.03 -12.37
H301 PNS B . 14.22 -6.65 -10.86
H313 PNS B . 15.79 -5.32 -9.67
H312 PNS B . 16.72 -3.98 -10.42
H311 PNS B . 15.04 -3.72 -9.94
H32 PNS B . 15.85 -6.27 -13.23
H33 PNS B . 17.87 -4.59 -12.15
H36 PNS B . 15.69 -8.09 -12.37
H372 PNS B . 18.05 -9.44 -11.76
H371 PNS B . 17.21 -9.29 -10.20
H382 PNS B . 15.59 -10.10 -12.54
H381 PNS B . 16.74 -11.34 -11.97
H41 PNS B . 14.15 -9.13 -11.01
H422 PNS B . 12.85 -10.85 -9.09
H421 PNS B . 14.01 -9.74 -8.36
H431 PNS B . 11.87 -8.69 -8.38
H432 PNS B . 12.92 -7.83 -9.48
C1 MAH C . 10.33 -10.37 -10.21
C2 MAH C . 10.98 -11.67 -10.69
C3 MAH C . 10.11 -12.46 -11.68
C4 MAH C . 10.82 -13.81 -11.92
C5 MAH C . 12.10 -13.67 -12.78
C6 MAH C . 8.71 -12.71 -11.12
O1 MAH C . 9.86 -10.26 -9.07
O3 MAH C . 13.16 -13.34 -12.25
O4 MAH C . 12.01 -13.79 -14.13
O7 MAH C . 9.97 -11.72 -12.88
H21 MAH C . 11.93 -11.43 -11.16
H22 MAH C . 11.17 -12.29 -9.82
H41 MAH C . 11.08 -14.25 -10.97
H42 MAH C . 10.14 -14.49 -12.43
H61 MAH C . 8.77 -13.15 -10.12
H62 MAH C . 8.15 -11.78 -11.05
H63 MAH C . 8.16 -13.40 -11.77
HO4 MAH C . 12.84 -13.63 -14.58
HO7 MAH C . 10.84 -11.63 -13.29
N SER A 1 -3.97 4.11 13.93
CA SER A 1 -4.71 4.44 12.71
C SER A 1 -4.05 5.64 12.02
N GLY A 2 -4.10 5.67 10.69
CA GLY A 2 -3.54 6.76 9.89
C GLY A 2 -4.58 7.31 8.90
N LEU A 3 -5.78 6.73 8.88
CA LEU A 3 -6.87 7.13 8.00
C LEU A 3 -7.38 8.50 8.42
N VAL A 4 -6.97 9.54 7.69
CA VAL A 4 -7.36 10.92 7.91
C VAL A 4 -7.97 11.44 6.61
N PRO A 5 -9.31 11.42 6.46
CA PRO A 5 -9.95 11.92 5.26
C PRO A 5 -9.85 13.45 5.23
N ARG A 6 -9.16 14.02 4.24
CA ARG A 6 -9.01 15.47 4.12
C ARG A 6 -10.36 16.20 4.09
N GLY A 7 -11.38 15.51 3.60
CA GLY A 7 -12.73 15.99 3.47
C GLY A 7 -13.46 14.93 2.66
N SER A 8 -13.77 13.79 3.26
CA SER A 8 -14.46 12.69 2.58
C SER A 8 -15.28 11.88 3.59
N HIS A 9 -14.76 10.76 4.11
CA HIS A 9 -15.47 9.92 5.06
C HIS A 9 -14.48 9.05 5.84
N MET A 10 -14.96 8.44 6.92
CA MET A 10 -14.21 7.55 7.79
C MET A 10 -14.82 6.15 7.68
N THR A 11 -14.13 5.14 8.19
CA THR A 11 -14.55 3.75 8.22
C THR A 11 -14.88 3.43 9.69
N PRO A 12 -15.68 2.38 9.96
CA PRO A 12 -16.09 2.01 11.30
C PRO A 12 -14.98 1.41 12.15
N GLN A 13 -15.35 0.92 13.34
CA GLN A 13 -14.47 0.28 14.29
C GLN A 13 -14.02 -1.04 13.71
N VAL A 14 -12.92 -1.02 12.95
CA VAL A 14 -12.36 -2.20 12.34
C VAL A 14 -11.05 -2.44 13.06
N ASN A 15 -11.17 -3.17 14.19
CA ASN A 15 -10.03 -3.54 15.02
C ASN A 15 -9.13 -4.56 14.30
N GLN A 16 -9.60 -5.06 13.16
CA GLN A 16 -8.98 -6.02 12.27
C GLN A 16 -8.14 -5.20 11.27
N VAL A 17 -7.30 -5.88 10.49
CA VAL A 17 -6.48 -5.18 9.51
C VAL A 17 -7.28 -4.98 8.22
N ASN A 18 -8.08 -3.90 8.20
CA ASN A 18 -8.94 -3.49 7.10
C ASN A 18 -8.13 -3.08 5.89
N LEU A 19 -8.70 -3.25 4.69
CA LEU A 19 -8.10 -2.89 3.41
C LEU A 19 -7.56 -1.47 3.37
N SER A 20 -8.32 -0.53 3.93
CA SER A 20 -7.96 0.87 3.93
C SER A 20 -6.69 1.13 4.74
N GLU A 21 -6.47 0.36 5.81
CA GLU A 21 -5.30 0.50 6.69
C GLU A 21 -4.00 0.31 5.91
N ILE A 22 -3.89 -0.79 5.16
CA ILE A 22 -2.72 -1.11 4.38
C ILE A 22 -2.66 -0.17 3.18
N LYS A 23 -3.77 0.06 2.47
CA LYS A 23 -3.77 0.94 1.30
C LYS A 23 -3.22 2.31 1.63
N GLN A 24 -3.78 2.96 2.65
CA GLN A 24 -3.34 4.29 2.98
C GLN A 24 -1.87 4.32 3.44
N VAL A 25 -1.41 3.24 4.06
CA VAL A 25 -0.04 3.13 4.53
C VAL A 25 0.84 2.99 3.29
N LEU A 26 0.48 2.10 2.35
CA LEU A 26 1.21 1.90 1.11
C LEU A 26 1.28 3.23 0.36
N LYS A 27 0.28 4.12 0.45
CA LYS A 27 0.33 5.42 -0.22
C LYS A 27 1.50 6.21 0.32
N GLN A 28 1.55 6.42 1.63
CA GLN A 28 2.61 7.18 2.25
C GLN A 28 3.97 6.65 1.83
N GLN A 29 4.09 5.32 1.87
CA GLN A 29 5.29 4.57 1.53
C GLN A 29 5.63 4.65 0.03
N LEU A 30 4.63 4.82 -0.84
CA LEU A 30 4.82 4.92 -2.28
C LEU A 30 5.28 6.32 -2.61
N ALA A 31 4.63 7.34 -2.04
CA ALA A 31 5.01 8.70 -2.31
C ALA A 31 6.47 8.93 -1.92
N GLU A 32 6.90 8.44 -0.75
CA GLU A 32 8.29 8.61 -0.33
C GLU A 32 9.24 7.80 -1.22
N ALA A 33 8.81 6.61 -1.68
CA ALA A 33 9.63 5.78 -2.56
C ALA A 33 9.82 6.46 -3.93
N LEU A 34 8.92 7.37 -4.28
CA LEU A 34 8.91 8.15 -5.51
C LEU A 34 9.33 9.62 -5.25
N TYR A 35 9.76 9.96 -4.02
CA TYR A 35 10.17 11.31 -3.59
C TYR A 35 9.10 12.37 -3.88
N THR A 36 7.83 12.13 -3.51
CA THR A 36 6.72 13.05 -3.75
C THR A 36 5.79 13.07 -2.53
N GLU A 37 4.65 13.74 -2.66
CA GLU A 37 3.64 13.88 -1.64
C GLU A 37 2.48 12.94 -1.91
N GLU A 38 1.80 12.53 -0.85
CA GLU A 38 0.66 11.63 -0.93
C GLU A 38 -0.53 12.27 -1.63
N SER A 39 -0.60 13.60 -1.61
CA SER A 39 -1.66 14.39 -2.21
C SER A 39 -1.63 14.29 -3.74
N GLU A 40 -0.64 13.62 -4.33
CA GLU A 40 -0.49 13.44 -5.76
C GLU A 40 -0.76 11.99 -6.20
N ILE A 41 -0.87 11.07 -5.23
CA ILE A 41 -1.09 9.64 -5.45
C ILE A 41 -2.58 9.31 -5.48
N ALA A 42 -2.90 8.16 -6.05
CA ALA A 42 -4.23 7.58 -6.19
C ALA A 42 -4.09 6.13 -5.79
N GLU A 43 -5.16 5.53 -5.26
CA GLU A 43 -5.15 4.14 -4.82
C GLU A 43 -5.52 3.19 -5.95
N ASP A 44 -6.05 3.70 -7.05
CA ASP A 44 -6.48 2.90 -8.22
C ASP A 44 -5.64 3.24 -9.46
N GLN A 45 -4.67 4.14 -9.33
CA GLN A 45 -3.77 4.54 -10.40
C GLN A 45 -2.53 3.66 -10.32
N LYS A 46 -1.95 3.36 -11.47
CA LYS A 46 -0.79 2.49 -11.53
C LYS A 46 0.43 3.21 -11.00
N PHE A 47 1.21 2.61 -10.11
CA PHE A 47 2.42 3.19 -9.57
C PHE A 47 3.32 3.68 -10.71
N VAL A 48 3.39 2.95 -11.83
CA VAL A 48 4.21 3.31 -12.98
C VAL A 48 3.83 4.71 -13.52
N ASP A 49 2.57 5.11 -13.40
CA ASP A 49 2.08 6.42 -13.85
C ASP A 49 2.50 7.52 -12.87
N LEU A 50 2.72 7.15 -11.61
CA LEU A 50 3.18 8.08 -10.57
C LEU A 50 4.70 8.23 -10.75
N GLY A 51 5.39 7.24 -11.35
CA GLY A 51 6.83 7.22 -11.59
C GLY A 51 7.52 5.95 -11.10
N LEU A 52 6.79 4.87 -10.83
CA LEU A 52 7.35 3.61 -10.34
C LEU A 52 8.09 2.90 -11.44
N ASP A 53 9.41 2.91 -11.35
CA ASP A 53 10.24 2.25 -12.33
C ASP A 53 10.52 0.83 -11.84
N SER A 54 10.99 -0.05 -12.72
CA SER A 54 11.29 -1.43 -12.35
C SER A 54 12.27 -1.56 -11.17
N ILE A 55 13.17 -0.60 -10.96
CA ILE A 55 14.13 -0.63 -9.86
C ILE A 55 13.40 -0.26 -8.58
N VAL A 56 12.69 0.86 -8.63
CA VAL A 56 11.93 1.36 -7.50
C VAL A 56 10.90 0.32 -7.05
N GLY A 57 10.33 -0.46 -7.98
CA GLY A 57 9.32 -1.45 -7.63
C GLY A 57 9.92 -2.60 -6.84
N VAL A 58 11.10 -3.09 -7.22
CA VAL A 58 11.74 -4.20 -6.52
C VAL A 58 12.20 -3.80 -5.12
N GLU A 59 12.74 -2.59 -4.94
CA GLU A 59 13.19 -2.15 -3.62
C GLU A 59 12.00 -1.79 -2.74
N TRP A 60 10.96 -1.17 -3.31
CA TRP A 60 9.79 -0.77 -2.54
C TRP A 60 9.07 -2.01 -2.02
N THR A 61 9.02 -3.08 -2.81
CA THR A 61 8.39 -4.32 -2.36
C THR A 61 9.03 -4.81 -1.05
N THR A 62 10.30 -4.51 -0.80
CA THR A 62 10.98 -4.93 0.41
C THR A 62 10.48 -4.16 1.63
N THR A 63 10.22 -2.85 1.52
CA THR A 63 9.75 -2.03 2.64
C THR A 63 8.46 -2.64 3.22
N ILE A 64 7.60 -3.16 2.36
CA ILE A 64 6.34 -3.78 2.70
C ILE A 64 6.59 -5.05 3.52
N ASN A 65 7.52 -5.90 3.07
CA ASN A 65 7.85 -7.14 3.75
C ASN A 65 8.34 -6.85 5.14
N GLN A 66 9.22 -5.86 5.26
CA GLN A 66 9.81 -5.42 6.51
C GLN A 66 8.69 -4.90 7.41
N THR A 67 7.76 -4.15 6.84
CA THR A 67 6.64 -3.57 7.57
C THR A 67 5.72 -4.63 8.17
N TYR A 68 5.20 -5.53 7.33
CA TYR A 68 4.25 -6.55 7.74
C TYR A 68 4.85 -7.89 8.18
N ASN A 69 6.17 -8.04 8.09
CA ASN A 69 6.95 -9.24 8.42
C ASN A 69 6.51 -10.43 7.55
N LEU A 70 6.32 -10.13 6.26
CA LEU A 70 5.89 -11.07 5.21
C LEU A 70 7.02 -11.21 4.18
N ASN A 71 6.76 -11.83 3.03
CA ASN A 71 7.74 -12.01 1.95
C ASN A 71 7.04 -11.92 0.60
N LEU A 72 7.46 -10.92 -0.16
CA LEU A 72 7.01 -10.51 -1.49
C LEU A 72 8.22 -10.04 -2.26
N LYS A 73 8.01 -9.96 -3.56
CA LYS A 73 8.99 -9.58 -4.55
C LYS A 73 8.37 -8.66 -5.56
N ALA A 74 9.23 -8.20 -6.47
CA ALA A 74 8.94 -7.30 -7.57
C ALA A 74 7.70 -7.72 -8.37
N THR A 75 7.41 -9.03 -8.47
CA THR A 75 6.24 -9.50 -9.20
C THR A 75 4.98 -8.83 -8.63
N LYS A 76 4.92 -8.59 -7.31
CA LYS A 76 3.75 -7.93 -6.71
C LYS A 76 3.47 -6.58 -7.34
N LEU A 77 4.51 -5.79 -7.64
CA LEU A 77 4.34 -4.46 -8.23
C LEU A 77 3.76 -4.55 -9.64
N TYR A 78 3.97 -5.66 -10.34
CA TYR A 78 3.47 -5.87 -11.68
C TYR A 78 2.10 -6.56 -11.64
N ASP A 79 1.79 -7.33 -10.60
CA ASP A 79 0.53 -8.05 -10.47
C ASP A 79 -0.53 -7.14 -9.87
N TYR A 80 -0.12 -6.24 -8.97
CA TYR A 80 -0.93 -5.29 -8.25
C TYR A 80 -0.26 -3.91 -8.33
N PRO A 81 -0.39 -3.21 -9.46
CA PRO A 81 0.19 -1.88 -9.66
C PRO A 81 -0.56 -0.75 -8.94
N THR A 82 -1.61 -1.03 -8.16
CA THR A 82 -2.36 0.01 -7.45
C THR A 82 -2.36 -0.25 -5.93
N LEU A 83 -2.65 0.76 -5.11
CA LEU A 83 -2.65 0.56 -3.67
C LEU A 83 -3.80 -0.33 -3.29
N LEU A 84 -4.97 -0.20 -3.94
CA LEU A 84 -6.14 -1.01 -3.63
C LEU A 84 -5.84 -2.49 -3.87
N GLU A 85 -5.11 -2.82 -4.94
CA GLU A 85 -4.75 -4.19 -5.26
C GLU A 85 -3.65 -4.69 -4.33
N LEU A 86 -2.55 -3.92 -4.20
CA LEU A 86 -1.40 -4.27 -3.38
C LEU A 86 -1.84 -4.48 -1.93
N SER A 87 -2.77 -3.64 -1.45
CA SER A 87 -3.28 -3.72 -0.10
C SER A 87 -4.21 -4.93 0.06
N GLY A 88 -5.03 -5.24 -0.95
CA GLY A 88 -5.98 -6.34 -0.90
C GLY A 88 -5.29 -7.65 -0.56
N TYR A 89 -4.16 -7.92 -1.21
CA TYR A 89 -3.43 -9.15 -0.97
C TYR A 89 -2.90 -9.17 0.46
N ILE A 90 -2.22 -8.11 0.89
CA ILE A 90 -1.65 -8.01 2.24
C ILE A 90 -2.73 -8.08 3.32
N ALA A 91 -3.89 -7.44 3.11
CA ALA A 91 -5.02 -7.42 4.03
C ALA A 91 -5.36 -8.86 4.39
N GLN A 92 -5.47 -9.75 3.38
CA GLN A 92 -5.81 -11.16 3.58
C GLN A 92 -4.73 -11.90 4.36
N ILE A 93 -3.46 -11.54 4.20
CA ILE A 93 -2.38 -12.20 4.92
C ILE A 93 -2.45 -11.78 6.39
N LEU A 94 -2.44 -10.47 6.67
CA LEU A 94 -2.47 -9.93 8.03
C LEU A 94 -3.72 -10.35 8.79
N SER A 95 -4.88 -10.26 8.14
CA SER A 95 -6.13 -10.64 8.77
C SER A 95 -6.16 -12.13 9.15
N SER A 96 -5.34 -12.94 8.49
CA SER A 96 -5.25 -14.37 8.73
C SER A 96 -4.08 -14.70 9.67
N GLN A 97 -3.00 -13.90 9.71
CA GLN A 97 -1.86 -14.13 10.59
C GLN A 97 -2.27 -14.11 12.07
N GLY A 98 -3.40 -13.47 12.38
CA GLY A 98 -3.97 -13.37 13.71
C GLY A 98 -5.43 -13.74 13.60
N THR A 99 -5.74 -14.95 13.11
CA THR A 99 -7.11 -15.43 12.95
C THR A 99 -7.75 -15.56 14.34
P24 PNS B . 12.25 -4.62 -14.41
O25 PNS B . 11.74 -5.96 -14.00
O26 PNS B . 12.12 -4.20 -15.83
O27 PNS B . 13.82 -4.59 -14.02
C28 PNS B . 14.32 -4.50 -12.69
C29 PNS B . 14.34 -5.75 -11.78
C30 PNS B . 13.00 -5.91 -11.02
C31 PNS B . 15.41 -5.48 -10.70
C32 PNS B . 14.66 -7.00 -12.63
O33 PNS B . 15.96 -6.98 -13.17
C34 PNS B . 14.46 -8.32 -11.88
O35 PNS B . 14.93 -8.50 -10.75
N36 PNS B . 13.54 -9.10 -12.43
C37 PNS B . 13.09 -10.33 -11.82
C38 PNS B . 12.01 -10.01 -10.79
C39 PNS B . 12.35 -10.59 -9.41
O40 PNS B . 11.65 -11.48 -8.89
N41 PNS B . 13.44 -10.09 -8.82
C42 PNS B . 13.98 -10.53 -7.55
C43 PNS B . 14.21 -9.32 -6.66
S44 PNS B . 14.90 -9.76 -5.04
H282 PNS B . 15.35 -4.16 -12.80
H281 PNS B . 13.78 -3.72 -12.18
H303 PNS B . 12.70 -4.98 -10.57
H302 PNS B . 12.21 -6.26 -11.68
H301 PNS B . 13.10 -6.65 -10.23
H313 PNS B . 15.32 -6.20 -9.88
H312 PNS B . 16.42 -5.55 -11.12
H311 PNS B . 15.28 -4.48 -10.31
H32 PNS B . 13.95 -7.03 -13.45
H33 PNS B . 16.59 -7.04 -12.45
H36 PNS B . 13.06 -8.71 -13.23
H372 PNS B . 12.70 -11.00 -12.59
H371 PNS B . 13.94 -10.81 -11.33
H382 PNS B . 11.90 -8.93 -10.71
H381 PNS B . 11.05 -10.43 -11.13
H41 PNS B . 13.94 -9.36 -9.29
H422 PNS B . 13.29 -11.21 -7.05
H421 PNS B . 14.92 -11.05 -7.74
H431 PNS B . 14.86 -8.62 -7.16
H432 PNS B . 13.25 -8.84 -6.51
C1 MAH C . 16.56 -9.78 -5.45
C2 MAH C . 17.34 -8.46 -5.32
C3 MAH C . 18.87 -8.62 -5.45
C4 MAH C . 19.55 -7.32 -4.99
C5 MAH C . 19.59 -7.16 -3.46
C6 MAH C . 19.40 -9.82 -4.63
O1 MAH C . 16.86 -10.70 -6.22
O3 MAH C . 20.57 -7.59 -2.84
O4 MAH C . 18.52 -6.69 -2.79
O7 MAH C . 19.20 -8.81 -6.81
H21 MAH C . 16.99 -7.77 -6.08
H22 MAH C . 17.10 -8.05 -4.35
H41 MAH C . 20.58 -7.31 -5.35
H42 MAH C . 19.04 -6.46 -5.43
H61 MAH C . 20.49 -9.77 -4.56
H62 MAH C . 18.98 -9.80 -3.62
H63 MAH C . 19.15 -10.76 -5.11
HO4 MAH C . 18.64 -6.69 -1.83
HO7 MAH C . 18.93 -8.03 -7.30
N SER A 1 -11.49 3.04 13.38
CA SER A 1 -11.60 4.47 13.01
C SER A 1 -10.24 5.19 13.05
N GLY A 2 -9.12 4.55 12.71
CA GLY A 2 -7.80 5.19 12.72
C GLY A 2 -7.38 5.70 11.34
N LEU A 3 -8.18 5.42 10.32
CA LEU A 3 -7.96 5.79 8.93
C LEU A 3 -8.08 7.29 8.74
N VAL A 4 -7.02 7.93 8.27
CA VAL A 4 -6.98 9.38 8.03
C VAL A 4 -6.59 9.65 6.56
N PRO A 5 -7.58 9.78 5.64
CA PRO A 5 -7.33 10.08 4.23
C PRO A 5 -7.20 11.60 4.03
N ARG A 6 -6.82 12.04 2.82
CA ARG A 6 -6.69 13.47 2.55
C ARG A 6 -8.06 14.16 2.54
N GLY A 7 -9.13 13.42 2.20
CA GLY A 7 -10.48 13.94 2.17
C GLY A 7 -11.59 12.89 2.03
N SER A 8 -11.24 11.61 1.82
CA SER A 8 -12.21 10.53 1.70
C SER A 8 -12.94 10.32 3.04
N HIS A 9 -13.95 9.45 3.05
CA HIS A 9 -14.71 9.12 4.25
C HIS A 9 -13.82 8.20 5.10
N MET A 10 -14.22 7.93 6.35
CA MET A 10 -13.47 7.07 7.26
C MET A 10 -14.37 5.93 7.73
N THR A 11 -13.77 4.81 8.09
CA THR A 11 -14.49 3.62 8.58
C THR A 11 -14.66 3.72 10.10
N PRO A 12 -15.63 2.97 10.67
CA PRO A 12 -15.92 2.95 12.09
C PRO A 12 -14.97 2.04 12.83
N GLN A 13 -15.37 1.60 14.03
CA GLN A 13 -14.58 0.70 14.83
C GLN A 13 -14.44 -0.61 14.07
N VAL A 14 -13.26 -0.83 13.52
CA VAL A 14 -12.87 -2.01 12.77
C VAL A 14 -11.52 -2.36 13.38
N ASN A 15 -11.50 -3.30 14.32
CA ASN A 15 -10.27 -3.73 14.96
C ASN A 15 -9.43 -4.50 13.94
N GLN A 16 -10.08 -5.29 13.10
CA GLN A 16 -9.44 -6.11 12.07
C GLN A 16 -8.74 -5.24 11.02
N VAL A 17 -7.82 -5.85 10.25
CA VAL A 17 -7.07 -5.14 9.22
C VAL A 17 -7.90 -4.97 7.95
N ASN A 18 -8.70 -3.91 7.94
CA ASN A 18 -9.54 -3.54 6.82
C ASN A 18 -8.66 -3.15 5.64
N LEU A 19 -9.11 -3.39 4.43
CA LEU A 19 -8.38 -3.07 3.21
C LEU A 19 -7.78 -1.66 3.17
N SER A 20 -8.61 -0.66 3.50
CA SER A 20 -8.18 0.72 3.52
C SER A 20 -7.04 0.98 4.50
N GLU A 21 -6.96 0.24 5.62
CA GLU A 21 -5.89 0.44 6.61
C GLU A 21 -4.51 0.33 5.93
N ILE A 22 -4.30 -0.70 5.11
CA ILE A 22 -3.07 -0.94 4.38
C ILE A 22 -2.98 0.03 3.19
N LYS A 23 -4.04 0.22 2.40
CA LYS A 23 -3.99 1.11 1.24
C LYS A 23 -3.49 2.50 1.60
N GLN A 24 -4.10 3.12 2.61
CA GLN A 24 -3.73 4.46 3.04
C GLN A 24 -2.25 4.50 3.46
N VAL A 25 -1.79 3.47 4.16
CA VAL A 25 -0.43 3.32 4.66
C VAL A 25 0.52 3.26 3.46
N LEU A 26 0.23 2.37 2.51
CA LEU A 26 1.03 2.20 1.32
C LEU A 26 1.17 3.53 0.58
N LYS A 27 0.17 4.44 0.59
CA LYS A 27 0.27 5.73 -0.09
C LYS A 27 1.42 6.53 0.46
N GLN A 28 1.39 6.81 1.77
CA GLN A 28 2.42 7.62 2.37
C GLN A 28 3.80 7.03 2.11
N GLN A 29 3.86 5.70 2.17
CA GLN A 29 5.06 4.93 1.98
C GLN A 29 5.52 4.97 0.52
N LEU A 30 4.60 5.11 -0.44
CA LEU A 30 4.89 5.17 -1.88
C LEU A 30 5.36 6.55 -2.23
N ALA A 31 4.66 7.59 -1.77
CA ALA A 31 5.02 8.96 -2.08
C ALA A 31 6.46 9.24 -1.63
N GLU A 32 6.86 8.76 -0.45
CA GLU A 32 8.21 8.98 0.02
C GLU A 32 9.24 8.25 -0.85
N ALA A 33 8.91 7.04 -1.31
CA ALA A 33 9.78 6.24 -2.16
C ALA A 33 9.86 6.81 -3.57
N LEU A 34 8.90 7.64 -3.97
CA LEU A 34 8.83 8.27 -5.28
C LEU A 34 9.19 9.76 -5.20
N TYR A 35 9.67 10.23 -4.04
CA TYR A 35 10.06 11.61 -3.78
C TYR A 35 8.95 12.61 -4.14
N THR A 36 7.76 12.44 -3.57
CA THR A 36 6.63 13.31 -3.86
C THR A 36 5.68 13.41 -2.65
N GLU A 37 4.55 14.07 -2.85
CA GLU A 37 3.52 14.27 -1.85
C GLU A 37 2.37 13.29 -2.05
N GLU A 38 1.78 12.86 -0.94
CA GLU A 38 0.67 11.95 -0.92
C GLU A 38 -0.59 12.56 -1.52
N SER A 39 -0.63 13.88 -1.61
CA SER A 39 -1.76 14.58 -2.18
C SER A 39 -1.82 14.34 -3.68
N GLU A 40 -0.81 13.68 -4.26
CA GLU A 40 -0.73 13.39 -5.68
C GLU A 40 -1.03 11.92 -6.00
N ILE A 41 -0.80 11.03 -5.04
CA ILE A 41 -0.97 9.59 -5.19
C ILE A 41 -2.44 9.23 -5.17
N ALA A 42 -2.78 8.19 -5.92
CA ALA A 42 -4.13 7.68 -6.02
C ALA A 42 -4.09 6.20 -5.68
N GLU A 43 -5.19 5.71 -5.15
CA GLU A 43 -5.33 4.32 -4.74
C GLU A 43 -5.48 3.36 -5.89
N ASP A 44 -5.98 3.88 -6.98
CA ASP A 44 -6.27 3.20 -8.23
C ASP A 44 -5.33 3.61 -9.37
N GLN A 45 -4.39 4.54 -9.13
CA GLN A 45 -3.44 4.97 -10.17
C GLN A 45 -2.23 4.07 -10.07
N LYS A 46 -1.69 3.71 -11.23
CA LYS A 46 -0.53 2.84 -11.30
C LYS A 46 0.69 3.54 -10.76
N PHE A 47 1.43 2.93 -9.84
CA PHE A 47 2.64 3.50 -9.26
C PHE A 47 3.61 3.91 -10.35
N VAL A 48 3.71 3.16 -11.44
CA VAL A 48 4.60 3.46 -12.56
C VAL A 48 4.35 4.88 -13.08
N ASP A 49 3.10 5.35 -13.08
CA ASP A 49 2.76 6.69 -13.54
C ASP A 49 3.28 7.71 -12.53
N LEU A 50 3.19 7.40 -11.23
CA LEU A 50 3.68 8.27 -10.16
C LEU A 50 5.23 8.33 -10.26
N GLY A 51 5.86 7.36 -10.91
CA GLY A 51 7.31 7.27 -11.13
C GLY A 51 7.95 5.96 -10.65
N LEU A 52 7.15 4.94 -10.34
CA LEU A 52 7.66 3.66 -9.86
C LEU A 52 8.31 2.90 -10.99
N ASP A 53 9.64 2.92 -10.97
CA ASP A 53 10.38 2.22 -11.99
C ASP A 53 10.63 0.82 -11.47
N SER A 54 10.97 -0.09 -12.36
CA SER A 54 11.26 -1.48 -12.02
C SER A 54 12.33 -1.61 -10.93
N ILE A 55 13.22 -0.61 -10.81
CA ILE A 55 14.29 -0.58 -9.84
C ILE A 55 13.73 -0.18 -8.48
N VAL A 56 12.94 0.89 -8.46
CA VAL A 56 12.33 1.43 -7.26
C VAL A 56 11.31 0.43 -6.71
N GLY A 57 10.59 -0.26 -7.59
CA GLY A 57 9.60 -1.23 -7.20
C GLY A 57 10.21 -2.39 -6.47
N VAL A 58 11.34 -2.92 -6.96
CA VAL A 58 11.98 -4.05 -6.30
C VAL A 58 12.49 -3.64 -4.92
N GLU A 59 13.02 -2.43 -4.73
CA GLU A 59 13.50 -2.05 -3.41
C GLU A 59 12.37 -1.70 -2.45
N TRP A 60 11.37 -0.93 -2.90
CA TRP A 60 10.22 -0.54 -2.08
C TRP A 60 9.46 -1.76 -1.57
N THR A 61 9.44 -2.83 -2.36
CA THR A 61 8.78 -4.09 -1.98
C THR A 61 9.35 -4.57 -0.62
N THR A 62 10.62 -4.27 -0.33
CA THR A 62 11.30 -4.65 0.90
C THR A 62 10.74 -3.89 2.09
N THR A 63 10.53 -2.57 1.98
CA THR A 63 10.01 -1.77 3.07
C THR A 63 8.66 -2.35 3.55
N ILE A 64 7.81 -2.81 2.63
CA ILE A 64 6.51 -3.39 2.94
C ILE A 64 6.69 -4.70 3.74
N ASN A 65 7.72 -5.48 3.42
CA ASN A 65 8.00 -6.76 4.09
C ASN A 65 8.38 -6.48 5.51
N GLN A 66 9.16 -5.43 5.70
CA GLN A 66 9.65 -5.01 7.00
C GLN A 66 8.46 -4.45 7.80
N THR A 67 7.57 -3.69 7.13
CA THR A 67 6.39 -3.08 7.74
C THR A 67 5.48 -4.14 8.38
N TYR A 68 5.17 -5.20 7.64
CA TYR A 68 4.26 -6.27 8.08
C TYR A 68 4.92 -7.61 8.39
N ASN A 69 6.24 -7.65 8.44
CA ASN A 69 7.09 -8.83 8.70
C ASN A 69 6.83 -9.97 7.71
N LEU A 70 6.45 -9.65 6.47
CA LEU A 70 6.12 -10.61 5.40
C LEU A 70 7.31 -10.87 4.48
N ASN A 71 7.05 -11.54 3.35
CA ASN A 71 8.03 -11.87 2.33
C ASN A 71 7.39 -11.61 0.98
N LEU A 72 7.90 -10.63 0.23
CA LEU A 72 7.41 -10.20 -1.07
C LEU A 72 8.57 -9.70 -1.89
N LYS A 73 8.34 -9.67 -3.20
CA LYS A 73 9.28 -9.25 -4.21
C LYS A 73 8.60 -8.38 -5.24
N ALA A 74 9.39 -7.86 -6.17
CA ALA A 74 8.95 -6.98 -7.26
C ALA A 74 7.72 -7.53 -8.00
N THR A 75 7.49 -8.85 -7.99
CA THR A 75 6.31 -9.41 -8.65
C THR A 75 5.08 -8.71 -8.05
N LYS A 76 5.06 -8.41 -6.75
CA LYS A 76 3.92 -7.71 -6.13
C LYS A 76 3.70 -6.37 -6.80
N LEU A 77 4.77 -5.58 -6.95
CA LEU A 77 4.72 -4.26 -7.58
C LEU A 77 4.33 -4.33 -9.04
N TYR A 78 4.42 -5.51 -9.66
CA TYR A 78 4.11 -5.75 -11.06
C TYR A 78 2.74 -6.40 -11.27
N ASP A 79 2.16 -7.06 -10.26
CA ASP A 79 0.86 -7.71 -10.34
C ASP A 79 -0.20 -6.83 -9.71
N TYR A 80 0.21 -6.00 -8.76
CA TYR A 80 -0.65 -5.07 -8.02
C TYR A 80 -0.03 -3.67 -8.13
N PRO A 81 -0.07 -3.03 -9.30
CA PRO A 81 0.48 -1.69 -9.51
C PRO A 81 -0.31 -0.58 -8.82
N THR A 82 -1.37 -0.87 -8.06
CA THR A 82 -2.19 0.13 -7.39
C THR A 82 -2.25 -0.14 -5.88
N LEU A 83 -2.54 0.88 -5.07
CA LEU A 83 -2.62 0.72 -3.62
C LEU A 83 -3.76 -0.23 -3.29
N LEU A 84 -4.87 -0.15 -4.02
CA LEU A 84 -6.02 -1.01 -3.76
C LEU A 84 -5.65 -2.48 -3.93
N GLU A 85 -4.94 -2.84 -5.00
CA GLU A 85 -4.55 -4.23 -5.23
C GLU A 85 -3.43 -4.66 -4.27
N LEU A 86 -2.42 -3.80 -4.09
CA LEU A 86 -1.28 -4.09 -3.23
C LEU A 86 -1.77 -4.33 -1.81
N SER A 87 -2.75 -3.54 -1.36
CA SER A 87 -3.32 -3.66 -0.04
C SER A 87 -4.14 -4.94 0.10
N GLY A 88 -4.90 -5.32 -0.93
CA GLY A 88 -5.76 -6.50 -0.93
C GLY A 88 -5.00 -7.76 -0.59
N TYR A 89 -3.82 -7.92 -1.18
CA TYR A 89 -3.04 -9.11 -0.92
C TYR A 89 -2.54 -9.13 0.52
N ILE A 90 -2.03 -7.99 1.02
CA ILE A 90 -1.52 -7.91 2.38
C ILE A 90 -2.66 -8.03 3.40
N ALA A 91 -3.85 -7.49 3.12
CA ALA A 91 -5.01 -7.52 4.00
C ALA A 91 -5.29 -8.95 4.44
N GLN A 92 -5.38 -9.90 3.50
CA GLN A 92 -5.68 -11.28 3.88
C GLN A 92 -4.60 -11.94 4.72
N ILE A 93 -3.33 -11.56 4.51
CA ILE A 93 -2.21 -12.11 5.26
C ILE A 93 -2.31 -11.58 6.69
N LEU A 94 -2.41 -10.26 6.86
CA LEU A 94 -2.50 -9.65 8.18
C LEU A 94 -3.76 -10.08 8.91
N SER A 95 -4.90 -10.15 8.22
CA SER A 95 -6.12 -10.57 8.87
C SER A 95 -5.96 -12.03 9.33
N SER A 96 -5.15 -12.84 8.63
CA SER A 96 -4.91 -14.23 9.03
C SER A 96 -3.91 -14.28 10.19
N GLN A 97 -3.02 -13.29 10.27
CA GLN A 97 -2.04 -13.18 11.35
C GLN A 97 -2.76 -12.74 12.65
N GLY A 98 -4.02 -12.36 12.55
CA GLY A 98 -4.93 -11.93 13.60
C GLY A 98 -6.13 -12.88 13.69
N THR A 99 -5.94 -14.18 13.50
CA THR A 99 -7.03 -15.16 13.60
C THR A 99 -7.57 -15.11 15.02
P24 PNS B . 12.18 -4.51 -14.39
O25 PNS B . 11.75 -5.91 -14.13
O26 PNS B . 11.92 -3.92 -15.72
O27 PNS B . 13.77 -4.42 -14.09
C28 PNS B . 14.32 -4.19 -12.80
C29 PNS B . 14.47 -5.41 -11.86
C30 PNS B . 13.15 -5.93 -11.31
C31 PNS B . 15.22 -4.88 -10.63
C32 PNS B . 15.23 -6.61 -12.50
O33 PNS B . 14.56 -7.25 -13.57
C34 PNS B . 16.59 -6.17 -13.03
O35 PNS B . 16.64 -5.55 -14.10
N36 PNS B . 17.68 -6.40 -12.31
C37 PNS B . 17.84 -7.10 -11.05
C38 PNS B . 17.70 -8.62 -11.26
C39 PNS B . 17.09 -9.37 -10.06
O40 PNS B . 17.35 -10.58 -9.94
N41 PNS B . 15.94 -8.85 -9.61
C42 PNS B . 14.81 -9.63 -9.15
C43 PNS B . 13.88 -9.92 -10.33
S44 PNS B . 14.62 -10.74 -11.78
H282 PNS B . 15.30 -3.76 -12.93
H281 PNS B . 13.75 -3.43 -12.28
H303 PNS B . 12.43 -5.13 -11.15
H302 PNS B . 12.83 -6.62 -12.06
H301 PNS B . 13.29 -6.49 -10.39
H313 PNS B . 15.29 -5.67 -9.89
H312 PNS B . 16.22 -4.54 -10.91
H311 PNS B . 14.67 -4.04 -10.21
H32 PNS B . 15.35 -7.37 -11.73
H33 PNS B . 14.57 -6.65 -14.33
H36 PNS B . 18.34 -5.70 -12.52
H372 PNS B . 18.83 -6.89 -10.66
H371 PNS B . 17.10 -6.74 -10.34
H382 PNS B . 17.03 -8.80 -12.09
H381 PNS B . 18.66 -9.02 -11.52
H41 PNS B . 15.73 -7.89 -9.89
H422 PNS B . 15.15 -10.57 -8.72
H421 PNS B . 14.28 -9.06 -8.40
H431 PNS B . 13.06 -10.53 -9.98
H432 PNS B . 13.45 -8.97 -10.67
C1 MAH C . 13.23 -11.11 -12.71
C2 MAH C . 12.45 -12.36 -12.32
C3 MAH C . 12.48 -13.49 -13.39
C4 MAH C . 11.75 -13.10 -14.70
C5 MAH C . 10.22 -13.07 -14.62
C6 MAH C . 13.93 -13.84 -13.74
O1 MAH C . 12.70 -10.09 -13.14
O3 MAH C . 9.66 -12.50 -13.68
O4 MAH C . 9.50 -13.31 -15.74
O7 MAH C . 11.89 -14.65 -12.83
H21 MAH C . 12.91 -12.76 -11.42
H22 MAH C . 11.42 -12.09 -12.07
H41 MAH C . 12.10 -12.13 -15.04
H42 MAH C . 12.02 -13.83 -15.46
H61 MAH C . 14.42 -13.01 -14.25
H62 MAH C . 14.48 -14.09 -12.83
H63 MAH C . 13.95 -14.71 -14.40
HO4 MAH C . 8.56 -13.13 -15.64
HO7 MAH C . 10.96 -14.47 -12.67
N SER A 1 -13.62 3.67 -0.82
CA SER A 1 -12.60 4.65 -0.44
C SER A 1 -12.94 5.28 0.91
N GLY A 2 -12.90 6.61 1.05
CA GLY A 2 -13.22 7.33 2.27
C GLY A 2 -11.94 7.78 2.96
N LEU A 3 -11.17 6.80 3.42
CA LEU A 3 -9.91 6.94 4.15
C LEU A 3 -8.92 7.85 3.45
N VAL A 4 -8.78 9.06 3.96
CA VAL A 4 -7.88 10.09 3.47
C VAL A 4 -6.95 10.55 4.61
N PRO A 5 -5.74 10.01 4.76
CA PRO A 5 -4.84 10.46 5.80
C PRO A 5 -4.32 11.85 5.38
N ARG A 6 -4.82 12.92 6.00
CA ARG A 6 -4.41 14.29 5.70
C ARG A 6 -3.99 15.11 6.92
N GLY A 7 -4.33 14.63 8.12
CA GLY A 7 -4.01 15.27 9.38
C GLY A 7 -5.13 15.18 10.41
N SER A 8 -6.36 14.93 9.97
CA SER A 8 -7.56 14.80 10.79
C SER A 8 -7.54 13.44 11.52
N HIS A 9 -8.67 12.98 12.08
CA HIS A 9 -8.70 11.70 12.78
C HIS A 9 -8.53 10.53 11.81
N MET A 10 -8.32 9.34 12.38
CA MET A 10 -8.10 8.05 11.72
C MET A 10 -9.08 7.00 12.25
N THR A 11 -9.15 5.82 11.59
CA THR A 11 -10.01 4.71 11.98
C THR A 11 -9.78 4.39 13.49
N PRO A 12 -10.82 4.02 14.25
CA PRO A 12 -10.73 3.71 15.67
C PRO A 12 -10.08 2.33 15.88
N GLN A 13 -10.23 1.75 17.08
CA GLN A 13 -9.67 0.43 17.38
C GLN A 13 -10.41 -0.67 16.59
N VAL A 14 -9.97 -0.92 15.36
CA VAL A 14 -10.51 -1.90 14.44
C VAL A 14 -9.39 -2.91 14.26
N ASN A 15 -9.44 -3.97 15.06
CA ASN A 15 -8.46 -5.07 15.06
C ASN A 15 -8.45 -5.88 13.76
N GLN A 16 -9.49 -5.67 12.94
CA GLN A 16 -9.66 -6.31 11.65
C GLN A 16 -8.65 -5.68 10.68
N VAL A 17 -8.61 -6.17 9.44
CA VAL A 17 -7.72 -5.63 8.42
C VAL A 17 -8.47 -5.55 7.09
N ASN A 18 -9.26 -4.48 6.95
CA ASN A 18 -10.06 -4.20 5.77
C ASN A 18 -9.17 -3.75 4.61
N LEU A 19 -9.62 -3.93 3.38
CA LEU A 19 -8.94 -3.54 2.15
C LEU A 19 -8.50 -2.08 2.15
N SER A 20 -9.40 -1.18 2.57
CA SER A 20 -9.09 0.24 2.62
C SER A 20 -7.91 0.51 3.54
N GLU A 21 -7.76 -0.26 4.63
CA GLU A 21 -6.63 -0.03 5.56
C GLU A 21 -5.29 -0.13 4.85
N ILE A 22 -5.05 -1.24 4.16
CA ILE A 22 -3.81 -1.48 3.47
C ILE A 22 -3.70 -0.52 2.30
N LYS A 23 -4.77 -0.33 1.52
CA LYS A 23 -4.71 0.57 0.37
C LYS A 23 -4.30 1.98 0.78
N GLN A 24 -4.98 2.59 1.74
CA GLN A 24 -4.64 3.95 2.15
C GLN A 24 -3.22 4.02 2.72
N VAL A 25 -2.76 2.96 3.40
CA VAL A 25 -1.43 2.88 3.98
C VAL A 25 -0.44 2.82 2.82
N LEU A 26 -0.65 1.92 1.85
CA LEU A 26 0.22 1.79 0.70
C LEU A 26 0.31 3.11 -0.04
N LYS A 27 -0.75 3.93 -0.11
CA LYS A 27 -0.68 5.22 -0.79
C LYS A 27 0.40 6.09 -0.16
N GLN A 28 0.31 6.34 1.14
CA GLN A 28 1.26 7.19 1.84
C GLN A 28 2.68 6.68 1.62
N GLN A 29 2.84 5.35 1.65
CA GLN A 29 4.13 4.70 1.46
C GLN A 29 4.59 4.79 0.00
N LEU A 30 3.68 4.87 -0.96
CA LEU A 30 3.99 4.95 -2.38
C LEU A 30 4.36 6.39 -2.70
N ALA A 31 3.59 7.36 -2.24
CA ALA A 31 3.87 8.75 -2.53
C ALA A 31 5.26 9.15 -2.03
N GLU A 32 5.65 8.72 -0.83
CA GLU A 32 6.97 9.04 -0.30
C GLU A 32 8.05 8.38 -1.15
N ALA A 33 7.82 7.13 -1.59
CA ALA A 33 8.76 6.36 -2.39
C ALA A 33 8.92 6.97 -3.77
N LEU A 34 7.90 7.70 -4.24
CA LEU A 34 7.88 8.35 -5.55
C LEU A 34 8.09 9.86 -5.42
N TYR A 35 8.54 10.32 -4.24
CA TYR A 35 8.82 11.71 -3.90
C TYR A 35 7.70 12.65 -4.35
N THR A 36 6.48 12.35 -3.91
CA THR A 36 5.31 13.12 -4.26
C THR A 36 4.32 13.14 -3.08
N GLU A 37 3.16 13.75 -3.30
CA GLU A 37 2.08 13.89 -2.34
C GLU A 37 1.01 12.86 -2.61
N GLU A 38 0.34 12.42 -1.55
CA GLU A 38 -0.74 11.44 -1.63
C GLU A 38 -1.93 12.02 -2.37
N SER A 39 -2.01 13.35 -2.42
CA SER A 39 -3.05 14.10 -3.08
C SER A 39 -2.98 13.91 -4.59
N GLU A 40 -1.94 13.26 -5.12
CA GLU A 40 -1.73 13.05 -6.54
C GLU A 40 -1.88 11.58 -6.96
N ILE A 41 -1.77 10.66 -6.00
CA ILE A 41 -1.85 9.22 -6.20
C ILE A 41 -3.31 8.81 -6.37
N ALA A 42 -3.49 7.66 -7.01
CA ALA A 42 -4.74 6.99 -7.26
C ALA A 42 -4.50 5.54 -6.90
N GLU A 43 -5.49 4.90 -6.30
CA GLU A 43 -5.42 3.51 -5.86
C GLU A 43 -5.60 2.51 -6.99
N ASP A 44 -6.07 2.97 -8.15
CA ASP A 44 -6.29 2.18 -9.35
C ASP A 44 -5.38 2.61 -10.49
N GLN A 45 -4.52 3.61 -10.27
CA GLN A 45 -3.58 4.11 -11.27
C GLN A 45 -2.29 3.33 -11.09
N LYS A 46 -1.59 3.09 -12.20
CA LYS A 46 -0.36 2.31 -12.15
C LYS A 46 0.74 3.10 -11.49
N PHE A 47 1.46 2.53 -10.52
CA PHE A 47 2.55 3.19 -9.85
C PHE A 47 3.59 3.69 -10.85
N VAL A 48 3.80 2.97 -11.96
CA VAL A 48 4.77 3.37 -12.98
C VAL A 48 4.43 4.76 -13.49
N ASP A 49 3.14 5.09 -13.54
CA ASP A 49 2.64 6.38 -13.97
C ASP A 49 2.92 7.45 -12.94
N LEU A 50 2.94 7.07 -11.66
CA LEU A 50 3.25 7.98 -10.56
C LEU A 50 4.78 8.15 -10.43
N GLY A 51 5.60 7.33 -11.12
CA GLY A 51 7.07 7.38 -11.12
C GLY A 51 7.79 6.11 -10.66
N LEU A 52 7.09 4.99 -10.54
CA LEU A 52 7.66 3.71 -10.08
C LEU A 52 8.49 3.02 -11.13
N ASP A 53 9.80 3.13 -10.97
CA ASP A 53 10.76 2.50 -11.86
C ASP A 53 11.12 1.12 -11.29
N SER A 54 11.87 0.33 -12.06
CA SER A 54 12.28 -1.00 -11.65
C SER A 54 13.05 -1.06 -10.33
N ILE A 55 13.88 -0.05 -10.01
CA ILE A 55 14.66 -0.05 -8.78
C ILE A 55 13.72 0.34 -7.64
N VAL A 56 13.00 1.44 -7.82
CA VAL A 56 12.06 1.95 -6.84
C VAL A 56 11.03 0.88 -6.48
N GLY A 57 10.65 0.03 -7.44
CA GLY A 57 9.67 -1.02 -7.19
C GLY A 57 10.22 -2.12 -6.30
N VAL A 58 11.49 -2.53 -6.47
CA VAL A 58 12.06 -3.59 -5.64
C VAL A 58 12.27 -3.07 -4.22
N GLU A 59 12.80 -1.85 -4.04
CA GLU A 59 13.04 -1.32 -2.70
C GLU A 59 11.74 -0.97 -1.99
N TRP A 60 10.74 -0.44 -2.70
CA TRP A 60 9.47 -0.10 -2.08
C TRP A 60 8.79 -1.37 -1.56
N THR A 61 8.93 -2.47 -2.31
CA THR A 61 8.35 -3.74 -1.91
C THR A 61 8.86 -4.12 -0.48
N THR A 62 10.06 -3.68 -0.11
CA THR A 62 10.65 -3.98 1.17
C THR A 62 9.90 -3.26 2.29
N THR A 63 9.55 -1.98 2.10
CA THR A 63 8.84 -1.21 3.13
C THR A 63 7.56 -1.95 3.52
N ILE A 64 6.86 -2.50 2.54
CA ILE A 64 5.60 -3.23 2.75
C ILE A 64 5.85 -4.49 3.58
N ASN A 65 6.96 -5.19 3.35
CA ASN A 65 7.30 -6.41 4.08
C ASN A 65 7.48 -6.05 5.53
N GLN A 66 8.24 -4.99 5.78
CA GLN A 66 8.57 -4.49 7.10
C GLN A 66 7.29 -4.04 7.81
N THR A 67 6.36 -3.42 7.07
CA THR A 67 5.12 -2.97 7.67
C THR A 67 4.28 -4.13 8.21
N TYR A 68 4.06 -5.17 7.40
CA TYR A 68 3.22 -6.31 7.74
C TYR A 68 3.98 -7.59 8.09
N ASN A 69 5.29 -7.51 8.32
CA ASN A 69 6.18 -8.62 8.66
C ASN A 69 6.14 -9.72 7.60
N LEU A 70 5.83 -9.39 6.34
CA LEU A 70 5.72 -10.36 5.25
C LEU A 70 7.01 -10.55 4.48
N ASN A 71 6.92 -11.35 3.43
CA ASN A 71 7.97 -11.69 2.50
C ASN A 71 7.35 -11.53 1.12
N LEU A 72 7.83 -10.54 0.39
CA LEU A 72 7.41 -10.14 -0.95
C LEU A 72 8.64 -9.56 -1.60
N LYS A 73 8.56 -9.54 -2.91
CA LYS A 73 9.59 -9.09 -3.82
C LYS A 73 9.02 -8.24 -4.91
N ALA A 74 9.92 -7.73 -5.74
CA ALA A 74 9.63 -6.87 -6.88
C ALA A 74 8.53 -7.42 -7.77
N THR A 75 8.38 -8.75 -7.85
CA THR A 75 7.32 -9.36 -8.67
C THR A 75 5.96 -8.79 -8.24
N LYS A 76 5.74 -8.49 -6.95
CA LYS A 76 4.47 -7.92 -6.50
C LYS A 76 4.16 -6.61 -7.20
N LEU A 77 5.15 -5.74 -7.34
CA LEU A 77 4.99 -4.44 -8.01
C LEU A 77 4.65 -4.60 -9.49
N TYR A 78 4.87 -5.80 -10.05
CA TYR A 78 4.60 -6.13 -11.45
C TYR A 78 3.28 -6.91 -11.56
N ASP A 79 2.85 -7.61 -10.51
CA ASP A 79 1.61 -8.39 -10.48
C ASP A 79 0.42 -7.52 -10.10
N TYR A 80 0.68 -6.48 -9.31
CA TYR A 80 -0.27 -5.53 -8.77
C TYR A 80 0.29 -4.11 -8.90
N PRO A 81 0.20 -3.49 -10.07
CA PRO A 81 0.69 -2.13 -10.29
C PRO A 81 -0.15 -1.03 -9.61
N THR A 82 -1.22 -1.32 -8.87
CA THR A 82 -2.09 -0.35 -8.21
C THR A 82 -2.24 -0.66 -6.71
N LEU A 83 -2.70 0.30 -5.87
CA LEU A 83 -2.83 0.07 -4.44
C LEU A 83 -3.97 -0.88 -4.16
N LEU A 84 -5.02 -0.88 -4.98
CA LEU A 84 -6.16 -1.75 -4.76
C LEU A 84 -5.82 -3.22 -4.92
N GLU A 85 -5.05 -3.58 -5.93
CA GLU A 85 -4.67 -4.98 -6.14
C GLU A 85 -3.60 -5.39 -5.13
N LEU A 86 -2.63 -4.50 -4.87
CA LEU A 86 -1.55 -4.73 -3.92
C LEU A 86 -2.15 -4.95 -2.54
N SER A 87 -3.13 -4.13 -2.18
CA SER A 87 -3.80 -4.26 -0.90
C SER A 87 -4.63 -5.53 -0.86
N GLY A 88 -5.26 -5.95 -1.96
CA GLY A 88 -6.09 -7.14 -2.05
C GLY A 88 -5.32 -8.39 -1.62
N TYR A 89 -4.07 -8.50 -2.04
CA TYR A 89 -3.25 -9.66 -1.69
C TYR A 89 -2.89 -9.60 -0.21
N ILE A 90 -2.37 -8.46 0.25
CA ILE A 90 -1.95 -8.28 1.63
C ILE A 90 -3.12 -8.43 2.62
N ALA A 91 -4.33 -7.94 2.28
CA ALA A 91 -5.52 -8.03 3.10
C ALA A 91 -5.72 -9.47 3.53
N GLN A 92 -5.69 -10.40 2.57
CA GLN A 92 -5.87 -11.83 2.81
C GLN A 92 -4.88 -12.42 3.79
N ILE A 93 -3.62 -11.99 3.67
CA ILE A 93 -2.55 -12.48 4.51
C ILE A 93 -2.83 -12.00 5.93
N LEU A 94 -3.01 -10.70 6.14
CA LEU A 94 -3.27 -10.14 7.45
C LEU A 94 -4.54 -10.71 8.06
N SER A 95 -5.61 -10.83 7.27
CA SER A 95 -6.88 -11.38 7.75
C SER A 95 -6.75 -12.87 8.14
N SER A 96 -5.68 -13.55 7.70
CA SER A 96 -5.37 -14.95 7.99
C SER A 96 -4.35 -15.04 9.14
N GLN A 97 -3.43 -14.08 9.27
CA GLN A 97 -2.40 -14.07 10.31
C GLN A 97 -3.02 -14.05 11.70
N GLY A 98 -4.27 -13.60 11.83
CA GLY A 98 -4.99 -13.55 13.08
C GLY A 98 -6.35 -14.22 12.87
N THR A 99 -6.36 -15.45 12.33
CA THR A 99 -7.57 -16.23 12.08
C THR A 99 -8.34 -16.31 13.39
P24 PNS B . 13.78 -4.07 -13.55
O25 PNS B . 13.20 -5.41 -13.32
O26 PNS B . 13.96 -3.60 -14.93
O27 PNS B . 15.21 -4.10 -12.80
C28 PNS B . 15.38 -4.04 -11.39
C29 PNS B . 15.16 -5.31 -10.52
C30 PNS B . 13.69 -5.40 -10.04
C31 PNS B . 16.02 -5.09 -9.25
C32 PNS B . 15.54 -6.60 -11.28
O33 PNS B . 16.90 -6.58 -11.69
C34 PNS B . 15.25 -7.89 -10.53
O35 PNS B . 15.66 -8.10 -9.39
N36 PNS B . 14.37 -8.68 -11.15
C37 PNS B . 13.84 -9.93 -10.60
C38 PNS B . 12.45 -9.65 -9.98
C39 PNS B . 12.41 -9.75 -8.46
O40 PNS B . 11.35 -9.99 -7.87
N41 PNS B . 13.52 -9.33 -7.84
C42 PNS B . 13.66 -9.08 -6.42
C43 PNS B . 15.14 -9.00 -6.10
S44 PNS B . 15.97 -10.60 -6.31
H282 PNS B . 16.39 -3.69 -11.23
H281 PNS B . 14.71 -3.28 -11.01
H303 PNS B . 13.41 -4.49 -9.52
H302 PNS B . 13.01 -5.57 -10.87
H301 PNS B . 13.56 -6.23 -9.33
H313 PNS B . 15.75 -5.77 -8.45
H312 PNS B . 17.08 -5.21 -9.49
H311 PNS B . 15.88 -4.07 -8.90
H32 PNS B . 14.92 -6.63 -12.17
H33 PNS B . 17.46 -6.65 -10.91
H36 PNS B . 13.97 -8.29 -11.99
H372 PNS B . 13.74 -10.66 -11.40
H371 PNS B . 14.52 -10.32 -9.84
H382 PNS B . 12.15 -8.65 -10.29
H381 PNS B . 11.74 -10.37 -10.39
H41 PNS B . 14.32 -9.10 -8.39
H422 PNS B . 13.18 -8.14 -6.19
H421 PNS B . 13.19 -9.88 -5.85
H431 PNS B . 15.60 -8.26 -6.77
H432 PNS B . 15.27 -8.65 -5.08
C1 MAH C . 17.60 -10.10 -6.33
C2 MAH C . 18.30 -9.63 -5.05
C3 MAH C . 18.38 -10.67 -3.91
C4 MAH C . 17.06 -11.00 -3.19
C5 MAH C . 16.12 -9.82 -2.87
C6 MAH C . 18.98 -12.00 -4.40
O1 MAH C . 17.89 -9.63 -7.44
O3 MAH C . 14.90 -10.00 -2.86
O4 MAH C . 16.62 -8.58 -2.62
O7 MAH C . 19.29 -10.16 -2.94
H21 MAH C . 19.32 -9.37 -5.32
H22 MAH C . 17.82 -8.72 -4.72
H41 MAH C . 16.49 -11.70 -3.82
H42 MAH C . 17.27 -11.52 -2.26
H61 MAH C . 19.15 -12.67 -3.57
H62 MAH C . 18.30 -12.48 -5.10
H63 MAH C . 19.93 -11.82 -4.91
HO4 MAH C . 15.94 -7.93 -2.45
HO7 MAH C . 18.92 -9.34 -2.58
N SER A 1 -16.49 0.88 4.07
CA SER A 1 -15.25 1.64 4.09
C SER A 1 -15.57 3.12 4.21
N GLY A 2 -14.70 3.92 4.84
CA GLY A 2 -14.90 5.34 5.04
C GLY A 2 -13.68 6.10 5.56
N LEU A 3 -12.45 5.62 5.33
CA LEU A 3 -11.23 6.29 5.80
C LEU A 3 -11.14 7.66 5.14
N VAL A 4 -11.30 8.73 5.91
CA VAL A 4 -11.27 10.10 5.40
C VAL A 4 -10.08 10.86 6.01
N PRO A 5 -8.91 10.92 5.33
CA PRO A 5 -7.75 11.65 5.82
C PRO A 5 -8.09 13.14 5.69
N ARG A 6 -8.49 13.79 6.77
CA ARG A 6 -8.87 15.20 6.77
C ARG A 6 -8.47 16.04 7.98
N GLY A 7 -7.96 15.43 9.04
CA GLY A 7 -7.54 16.12 10.24
C GLY A 7 -8.60 15.80 11.27
N SER A 8 -8.64 14.55 11.69
CA SER A 8 -9.58 14.03 12.67
C SER A 8 -8.83 13.12 13.64
N HIS A 9 -9.54 12.65 14.66
CA HIS A 9 -9.01 11.77 15.69
C HIS A 9 -8.65 10.40 15.08
N MET A 10 -7.97 9.54 15.85
CA MET A 10 -7.57 8.19 15.43
C MET A 10 -8.78 7.41 14.93
N THR A 11 -8.52 6.42 14.09
CA THR A 11 -9.49 5.53 13.49
C THR A 11 -10.24 4.73 14.58
N PRO A 12 -11.44 4.23 14.29
CA PRO A 12 -12.23 3.45 15.24
C PRO A 12 -11.64 2.03 15.41
N GLN A 13 -12.39 1.16 16.08
CA GLN A 13 -11.99 -0.21 16.33
C GLN A 13 -12.02 -0.96 15.01
N VAL A 14 -10.84 -1.15 14.42
CA VAL A 14 -10.66 -1.84 13.16
C VAL A 14 -9.60 -2.92 13.42
N ASN A 15 -10.02 -3.97 14.13
CA ASN A 15 -9.18 -5.11 14.50
C ASN A 15 -8.62 -5.83 13.25
N GLN A 16 -9.37 -5.82 12.15
CA GLN A 16 -8.95 -6.43 10.89
C GLN A 16 -8.31 -5.39 9.99
N VAL A 17 -7.79 -5.84 8.85
CA VAL A 17 -7.11 -4.93 7.93
C VAL A 17 -7.83 -4.84 6.58
N ASN A 18 -8.94 -4.09 6.61
CA ASN A 18 -9.80 -3.81 5.47
C ASN A 18 -8.97 -3.29 4.30
N LEU A 19 -9.39 -3.56 3.08
CA LEU A 19 -8.75 -3.13 1.85
C LEU A 19 -8.37 -1.64 1.84
N SER A 20 -9.20 -0.76 2.39
CA SER A 20 -8.85 0.65 2.39
C SER A 20 -7.65 0.91 3.29
N GLU A 21 -7.52 0.17 4.41
CA GLU A 21 -6.43 0.38 5.37
C GLU A 21 -5.05 0.30 4.71
N ILE A 22 -4.77 -0.78 3.99
CA ILE A 22 -3.49 -0.97 3.32
C ILE A 22 -3.39 -0.09 2.08
N LYS A 23 -4.44 0.05 1.27
CA LYS A 23 -4.41 0.84 0.05
C LYS A 23 -4.03 2.28 0.31
N GLN A 24 -4.75 2.95 1.21
CA GLN A 24 -4.42 4.34 1.47
C GLN A 24 -3.01 4.48 2.08
N VAL A 25 -2.56 3.48 2.85
CA VAL A 25 -1.23 3.46 3.46
C VAL A 25 -0.19 3.34 2.33
N LEU A 26 -0.40 2.40 1.40
CA LEU A 26 0.50 2.19 0.29
C LEU A 26 0.67 3.49 -0.51
N LYS A 27 -0.34 4.38 -0.60
CA LYS A 27 -0.22 5.64 -1.33
C LYS A 27 0.90 6.47 -0.73
N GLN A 28 0.78 6.74 0.57
CA GLN A 28 1.72 7.54 1.33
C GLN A 28 3.13 6.98 1.18
N GLN A 29 3.23 5.66 1.21
CA GLN A 29 4.47 4.91 1.11
C GLN A 29 5.02 4.96 -0.32
N LEU A 30 4.17 5.03 -1.35
CA LEU A 30 4.54 5.06 -2.75
C LEU A 30 5.00 6.45 -3.13
N ALA A 31 4.26 7.48 -2.72
CA ALA A 31 4.62 8.84 -3.07
C ALA A 31 6.02 9.15 -2.56
N GLU A 32 6.34 8.76 -1.30
CA GLU A 32 7.67 9.03 -0.77
C GLU A 32 8.76 8.28 -1.55
N ALA A 33 8.46 7.05 -1.98
CA ALA A 33 9.40 6.21 -2.73
C ALA A 33 9.61 6.71 -4.15
N LEU A 34 8.65 7.47 -4.69
CA LEU A 34 8.68 8.05 -6.02
C LEU A 34 9.08 9.52 -5.95
N TYR A 35 9.36 10.04 -4.75
CA TYR A 35 9.75 11.41 -4.46
C TYR A 35 8.67 12.40 -4.91
N THR A 36 7.43 12.18 -4.48
CA THR A 36 6.30 13.03 -4.84
C THR A 36 5.29 13.12 -3.68
N GLU A 37 4.21 13.85 -3.94
CA GLU A 37 3.12 14.10 -3.01
C GLU A 37 1.96 13.15 -3.26
N GLU A 38 1.27 12.79 -2.19
CA GLU A 38 0.14 11.88 -2.25
C GLU A 38 -1.04 12.49 -3.01
N SER A 39 -1.05 13.80 -3.13
CA SER A 39 -2.09 14.53 -3.84
C SER A 39 -2.04 14.21 -5.34
N GLU A 40 -1.01 13.49 -5.81
CA GLU A 40 -0.84 13.14 -7.21
C GLU A 40 -1.08 11.67 -7.55
N ILE A 41 -1.07 10.80 -6.55
CA ILE A 41 -1.21 9.36 -6.71
C ILE A 41 -2.68 8.93 -6.72
N ALA A 42 -2.95 7.90 -7.51
CA ALA A 42 -4.24 7.24 -7.69
C ALA A 42 -4.14 5.83 -7.14
N GLU A 43 -5.28 5.23 -6.80
CA GLU A 43 -5.34 3.88 -6.26
C GLU A 43 -5.51 2.84 -7.34
N ASP A 44 -5.99 3.24 -8.50
CA ASP A 44 -6.25 2.42 -9.67
C ASP A 44 -5.27 2.69 -10.81
N GLN A 45 -4.32 3.63 -10.65
CA GLN A 45 -3.33 3.92 -11.69
C GLN A 45 -2.10 3.07 -11.43
N LYS A 46 -1.32 2.86 -12.48
CA LYS A 46 -0.12 2.05 -12.43
C LYS A 46 1.04 2.85 -11.88
N PHE A 47 1.74 2.32 -10.88
CA PHE A 47 2.89 2.98 -10.26
C PHE A 47 3.93 3.37 -11.31
N VAL A 48 4.11 2.55 -12.36
CA VAL A 48 5.08 2.86 -13.41
C VAL A 48 4.79 4.23 -14.04
N ASP A 49 3.52 4.64 -14.09
CA ASP A 49 3.16 5.94 -14.65
C ASP A 49 3.56 7.06 -13.70
N LEU A 50 3.51 6.79 -12.40
CA LEU A 50 3.89 7.75 -11.36
C LEU A 50 5.42 7.87 -11.31
N GLY A 51 6.16 6.90 -11.86
CA GLY A 51 7.63 6.87 -11.91
C GLY A 51 8.25 5.61 -11.30
N LEU A 52 7.47 4.55 -11.06
CA LEU A 52 7.96 3.32 -10.46
C LEU A 52 8.79 2.53 -11.45
N ASP A 53 10.09 2.59 -11.27
CA ASP A 53 11.01 1.87 -12.13
C ASP A 53 11.30 0.51 -11.54
N SER A 54 11.92 -0.39 -12.32
CA SER A 54 12.27 -1.74 -11.90
C SER A 54 13.10 -1.78 -10.61
N ILE A 55 13.96 -0.78 -10.38
CA ILE A 55 14.81 -0.71 -9.22
C ILE A 55 13.97 -0.25 -8.04
N VAL A 56 13.30 0.89 -8.21
CA VAL A 56 12.45 1.50 -7.20
C VAL A 56 11.38 0.49 -6.74
N GLY A 57 10.88 -0.33 -7.66
CA GLY A 57 9.86 -1.33 -7.35
C GLY A 57 10.40 -2.41 -6.43
N VAL A 58 11.61 -2.92 -6.69
CA VAL A 58 12.17 -3.98 -5.85
C VAL A 58 12.57 -3.47 -4.47
N GLU A 59 13.01 -2.23 -4.33
CA GLU A 59 13.39 -1.73 -3.03
C GLU A 59 12.13 -1.41 -2.21
N TRP A 60 11.13 -0.78 -2.83
CA TRP A 60 9.89 -0.40 -2.18
C TRP A 60 9.10 -1.60 -1.67
N THR A 61 9.15 -2.71 -2.42
CA THR A 61 8.44 -3.94 -2.03
C THR A 61 8.91 -4.40 -0.64
N THR A 62 10.16 -4.10 -0.26
CA THR A 62 10.72 -4.49 1.03
C THR A 62 10.11 -3.65 2.14
N THR A 63 9.90 -2.35 1.96
CA THR A 63 9.32 -1.51 3.01
C THR A 63 7.95 -2.08 3.39
N ILE A 64 7.17 -2.58 2.44
CA ILE A 64 5.86 -3.18 2.68
C ILE A 64 6.02 -4.41 3.58
N ASN A 65 7.03 -5.24 3.31
CA ASN A 65 7.29 -6.43 4.07
C ASN A 65 7.58 -6.08 5.51
N GLN A 66 8.46 -5.10 5.72
CA GLN A 66 8.83 -4.68 7.07
C GLN A 66 7.62 -4.06 7.77
N THR A 67 6.75 -3.38 7.01
CA THR A 67 5.56 -2.75 7.54
C THR A 67 4.56 -3.79 8.07
N TYR A 68 4.32 -4.89 7.35
CA TYR A 68 3.37 -5.93 7.75
C TYR A 68 3.99 -7.27 8.18
N ASN A 69 5.30 -7.32 8.37
CA ASN A 69 6.10 -8.50 8.75
C ASN A 69 5.86 -9.67 7.77
N LEU A 70 5.69 -9.37 6.48
CA LEU A 70 5.43 -10.34 5.41
C LEU A 70 6.69 -10.60 4.60
N ASN A 71 6.59 -11.29 3.46
CA ASN A 71 7.70 -11.59 2.57
C ASN A 71 7.17 -11.42 1.15
N LEU A 72 7.67 -10.41 0.43
CA LEU A 72 7.28 -10.05 -0.92
C LEU A 72 8.51 -9.52 -1.61
N LYS A 73 8.39 -9.54 -2.91
CA LYS A 73 9.37 -9.15 -3.88
C LYS A 73 8.74 -8.36 -4.98
N ALA A 74 9.62 -7.90 -5.86
CA ALA A 74 9.37 -7.11 -7.05
C ALA A 74 8.23 -7.68 -7.91
N THR A 75 8.02 -9.00 -7.89
CA THR A 75 6.94 -9.62 -8.64
C THR A 75 5.62 -8.96 -8.24
N LYS A 76 5.44 -8.62 -6.95
CA LYS A 76 4.21 -7.96 -6.50
C LYS A 76 4.01 -6.64 -7.23
N LEU A 77 5.06 -5.84 -7.37
CA LEU A 77 5.01 -4.55 -8.06
C LEU A 77 4.70 -4.71 -9.55
N TYR A 78 4.90 -5.89 -10.11
CA TYR A 78 4.65 -6.21 -11.51
C TYR A 78 3.28 -6.91 -11.68
N ASP A 79 2.77 -7.56 -10.63
CA ASP A 79 1.51 -8.28 -10.62
C ASP A 79 0.34 -7.42 -10.16
N TYR A 80 0.62 -6.46 -9.29
CA TYR A 80 -0.36 -5.56 -8.72
C TYR A 80 0.19 -4.13 -8.75
N PRO A 81 0.25 -3.52 -9.94
CA PRO A 81 0.75 -2.17 -10.16
C PRO A 81 -0.12 -1.04 -9.59
N THR A 82 -1.24 -1.29 -8.91
CA THR A 82 -2.12 -0.25 -8.35
C THR A 82 -2.25 -0.41 -6.84
N LEU A 83 -2.72 0.62 -6.10
CA LEU A 83 -2.85 0.48 -4.65
C LEU A 83 -3.97 -0.47 -4.32
N LEU A 84 -5.04 -0.46 -5.12
CA LEU A 84 -6.19 -1.32 -4.93
C LEU A 84 -5.76 -2.78 -5.02
N GLU A 85 -4.97 -3.12 -6.04
CA GLU A 85 -4.50 -4.47 -6.28
C GLU A 85 -3.43 -4.89 -5.27
N LEU A 86 -2.42 -4.04 -5.04
CA LEU A 86 -1.34 -4.35 -4.11
C LEU A 86 -1.91 -4.58 -2.72
N SER A 87 -2.90 -3.74 -2.34
CA SER A 87 -3.58 -3.82 -1.07
C SER A 87 -4.42 -5.10 -1.03
N GLY A 88 -5.12 -5.41 -2.12
CA GLY A 88 -6.00 -6.56 -2.28
C GLY A 88 -5.33 -7.88 -1.98
N TYR A 89 -4.00 -7.96 -2.05
CA TYR A 89 -3.27 -9.19 -1.76
C TYR A 89 -2.93 -9.20 -0.27
N ILE A 90 -2.31 -8.12 0.22
CA ILE A 90 -1.90 -7.94 1.60
C ILE A 90 -3.12 -8.08 2.55
N ALA A 91 -4.28 -7.57 2.15
CA ALA A 91 -5.52 -7.62 2.92
C ALA A 91 -5.83 -9.07 3.32
N GLN A 92 -5.71 -10.03 2.39
CA GLN A 92 -5.99 -11.44 2.66
C GLN A 92 -5.05 -11.97 3.74
N ILE A 93 -3.75 -11.74 3.55
CA ILE A 93 -2.70 -12.20 4.44
C ILE A 93 -2.95 -11.68 5.86
N LEU A 94 -3.11 -10.38 6.01
CA LEU A 94 -3.35 -9.73 7.30
C LEU A 94 -4.63 -10.18 7.96
N SER A 95 -5.72 -10.31 7.20
CA SER A 95 -7.02 -10.75 7.75
C SER A 95 -6.88 -12.14 8.41
N SER A 96 -5.84 -12.91 8.05
CA SER A 96 -5.57 -14.22 8.61
C SER A 96 -4.53 -14.13 9.73
N GLN A 97 -3.66 -13.10 9.71
CA GLN A 97 -2.65 -12.86 10.73
C GLN A 97 -3.28 -12.44 12.06
N GLY A 98 -4.57 -12.09 12.02
CA GLY A 98 -5.39 -11.68 13.13
C GLY A 98 -6.70 -12.47 13.07
N THR A 99 -6.67 -13.69 12.51
CA THR A 99 -7.84 -14.55 12.40
C THR A 99 -8.39 -14.75 13.81
P24 PNS B . 13.92 -4.71 -13.92
O25 PNS B . 13.32 -6.06 -14.03
O26 PNS B . 14.23 -3.95 -15.16
O27 PNS B . 15.33 -4.89 -13.16
C28 PNS B . 15.49 -4.76 -11.76
C29 PNS B . 15.16 -6.00 -10.86
C30 PNS B . 13.68 -6.26 -10.72
C31 PNS B . 15.58 -5.54 -9.46
C32 PNS B . 15.83 -7.36 -11.23
O33 PNS B . 15.19 -8.08 -12.26
C34 PNS B . 17.26 -7.17 -11.69
O35 PNS B . 17.48 -6.78 -12.84
N36 PNS B . 18.26 -7.26 -10.80
C37 PNS B . 18.24 -7.76 -9.43
C38 PNS B . 18.43 -9.27 -9.40
C39 PNS B . 17.94 -9.86 -8.07
O40 PNS B . 18.48 -9.55 -7.00
N41 PNS B . 16.76 -10.48 -8.14
C42 PNS B . 15.87 -10.68 -7.01
C43 PNS B . 14.73 -9.66 -7.10
S44 PNS B . 13.70 -9.42 -5.63
H282 PNS B . 16.54 -4.51 -11.60
H281 PNS B . 14.92 -3.90 -11.42
H303 PNS B . 13.14 -5.34 -10.53
H302 PNS B . 13.38 -6.69 -11.65
H301 PNS B . 13.50 -6.99 -9.94
H313 PNS B . 15.24 -6.27 -8.72
H312 PNS B . 16.66 -5.45 -9.38
H311 PNS B . 15.13 -4.57 -9.26
H32 PNS B . 15.80 -8.01 -10.35
H33 PNS B . 15.26 -7.58 -13.08
H36 PNS B . 18.95 -6.59 -11.04
H372 PNS B . 19.02 -7.27 -8.86
H371 PNS B . 17.27 -7.54 -8.98
H382 PNS B . 17.85 -9.69 -10.22
H381 PNS B . 19.48 -9.53 -9.56
H41 PNS B . 16.34 -10.61 -9.05
H422 PNS B . 15.43 -11.68 -7.03
H421 PNS B . 16.41 -10.54 -6.07
H431 PNS B . 15.14 -8.70 -7.38
H432 PNS B . 14.07 -9.98 -7.93
C1 MAH C . 14.90 -9.14 -4.44
C2 MAH C . 14.42 -9.38 -3.01
C3 MAH C . 15.32 -10.35 -2.22
C4 MAH C . 14.56 -10.79 -0.96
C5 MAH C . 13.28 -11.60 -1.22
C6 MAH C . 15.77 -11.54 -3.08
O1 MAH C . 15.56 -8.14 -4.72
O3 MAH C . 12.27 -11.41 -0.55
O4 MAH C . 13.34 -12.76 -1.92
O7 MAH C . 16.50 -9.66 -1.84
H21 MAH C . 14.38 -8.44 -2.49
H22 MAH C . 13.42 -9.80 -3.06
H41 MAH C . 15.22 -11.39 -0.33
H42 MAH C . 14.29 -9.89 -0.40
H61 MAH C . 16.56 -11.22 -3.77
H62 MAH C . 16.17 -12.33 -2.44
H63 MAH C . 14.95 -11.92 -3.67
HO4 MAH C . 12.52 -13.26 -1.90
HO7 MAH C . 16.26 -8.92 -1.29
N SER A 1 -5.83 1.14 14.40
CA SER A 1 -6.54 1.80 13.29
C SER A 1 -5.87 3.13 13.06
N GLY A 2 -5.50 3.44 11.81
CA GLY A 2 -4.83 4.70 11.47
C GLY A 2 -5.57 5.49 10.40
N LEU A 3 -6.76 5.03 9.98
CA LEU A 3 -7.59 5.67 8.98
C LEU A 3 -8.10 6.99 9.50
N VAL A 4 -7.54 8.11 9.03
CA VAL A 4 -7.93 9.45 9.43
C VAL A 4 -8.63 10.10 8.22
N PRO A 5 -9.97 10.09 8.15
CA PRO A 5 -10.72 10.67 7.05
C PRO A 5 -10.69 12.19 7.11
N ARG A 6 -9.90 12.83 6.22
CA ARG A 6 -9.82 14.30 6.21
C ARG A 6 -11.22 14.90 6.00
N GLY A 7 -12.07 14.25 5.21
CA GLY A 7 -13.43 14.70 4.94
C GLY A 7 -14.31 13.59 4.33
N SER A 8 -13.83 12.36 4.24
CA SER A 8 -14.55 11.22 3.70
C SER A 8 -15.35 10.54 4.82
N HIS A 9 -16.01 9.42 4.51
CA HIS A 9 -16.78 8.65 5.49
C HIS A 9 -15.83 8.15 6.59
N MET A 10 -16.36 7.97 7.80
CA MET A 10 -15.60 7.48 8.93
C MET A 10 -15.73 5.96 9.01
N THR A 11 -14.86 5.32 9.80
CA THR A 11 -14.82 3.89 9.99
C THR A 11 -15.04 3.54 11.47
N PRO A 12 -15.77 2.45 11.78
CA PRO A 12 -15.99 2.02 13.15
C PRO A 12 -14.66 1.41 13.66
N GLN A 13 -14.70 0.74 14.80
CA GLN A 13 -13.51 0.14 15.38
C GLN A 13 -13.12 -1.07 14.53
N VAL A 14 -12.10 -0.85 13.70
CA VAL A 14 -11.52 -1.80 12.79
C VAL A 14 -10.17 -2.17 13.36
N ASN A 15 -10.20 -3.08 14.33
CA ASN A 15 -9.02 -3.60 15.01
C ASN A 15 -8.17 -4.37 14.00
N GLN A 16 -8.85 -5.17 13.18
CA GLN A 16 -8.27 -5.99 12.12
C GLN A 16 -7.62 -5.10 11.06
N VAL A 17 -6.77 -5.67 10.20
CA VAL A 17 -6.11 -4.89 9.15
C VAL A 17 -7.01 -4.85 7.92
N ASN A 18 -7.90 -3.86 7.89
CA ASN A 18 -8.83 -3.61 6.79
C ASN A 18 -8.08 -3.20 5.55
N LEU A 19 -8.67 -3.41 4.39
CA LEU A 19 -8.14 -3.07 3.08
C LEU A 19 -7.63 -1.63 3.01
N SER A 20 -8.43 -0.68 3.54
CA SER A 20 -8.08 0.71 3.51
C SER A 20 -6.84 0.98 4.37
N GLU A 21 -6.64 0.27 5.47
CA GLU A 21 -5.47 0.47 6.35
C GLU A 21 -4.18 0.36 5.54
N ILE A 22 -4.00 -0.74 4.79
CA ILE A 22 -2.81 -0.96 4.01
C ILE A 22 -2.76 -0.03 2.80
N LYS A 23 -3.88 0.18 2.10
CA LYS A 23 -3.91 1.05 0.93
C LYS A 23 -3.44 2.44 1.26
N GLN A 24 -4.03 3.06 2.29
CA GLN A 24 -3.63 4.40 2.66
C GLN A 24 -2.15 4.45 3.04
N VAL A 25 -1.67 3.41 3.72
CA VAL A 25 -0.29 3.29 4.19
C VAL A 25 0.64 3.21 2.97
N LEU A 26 0.32 2.37 2.00
CA LEU A 26 1.10 2.22 0.80
C LEU A 26 1.21 3.56 0.05
N LYS A 27 0.24 4.49 0.12
CA LYS A 27 0.34 5.77 -0.58
C LYS A 27 1.53 6.55 -0.06
N GLN A 28 1.54 6.81 1.25
CA GLN A 28 2.60 7.58 1.88
C GLN A 28 3.96 6.97 1.55
N GLN A 29 4.01 5.64 1.59
CA GLN A 29 5.17 4.82 1.33
C GLN A 29 5.58 4.90 -0.14
N LEU A 30 4.64 5.03 -1.08
CA LEU A 30 4.91 5.10 -2.50
C LEU A 30 5.39 6.50 -2.86
N ALA A 31 4.72 7.54 -2.36
CA ALA A 31 5.11 8.90 -2.66
C ALA A 31 6.55 9.15 -2.23
N GLU A 32 6.93 8.68 -1.03
CA GLU A 32 8.29 8.88 -0.55
C GLU A 32 9.30 8.11 -1.43
N ALA A 33 8.94 6.90 -1.89
CA ALA A 33 9.82 6.09 -2.72
C ALA A 33 10.01 6.76 -4.08
N LEU A 34 8.98 7.46 -4.57
CA LEU A 34 9.01 8.17 -5.84
C LEU A 34 9.44 9.63 -5.67
N TYR A 35 9.80 10.04 -4.45
CA TYR A 35 10.21 11.37 -4.06
C TYR A 35 9.19 12.43 -4.54
N THR A 36 7.93 12.25 -4.17
CA THR A 36 6.83 13.14 -4.52
C THR A 36 5.89 13.30 -3.30
N GLU A 37 4.77 13.98 -3.50
CA GLU A 37 3.76 14.23 -2.47
C GLU A 37 2.58 13.29 -2.64
N GLU A 38 1.97 12.93 -1.52
CA GLU A 38 0.82 12.03 -1.49
C GLU A 38 -0.39 12.65 -2.17
N SER A 39 -0.43 13.97 -2.26
CA SER A 39 -1.51 14.70 -2.90
C SER A 39 -1.52 14.49 -4.42
N GLU A 40 -0.52 13.78 -4.97
CA GLU A 40 -0.40 13.53 -6.39
C GLU A 40 -0.71 12.08 -6.77
N ILE A 41 -0.63 11.18 -5.78
CA ILE A 41 -0.86 9.75 -5.93
C ILE A 41 -2.36 9.47 -5.93
N ALA A 42 -2.71 8.32 -6.49
CA ALA A 42 -4.04 7.77 -6.58
C ALA A 42 -3.91 6.31 -6.18
N GLU A 43 -5.00 5.70 -5.75
CA GLU A 43 -5.03 4.32 -5.29
C GLU A 43 -5.31 3.33 -6.41
N ASP A 44 -5.75 3.81 -7.57
CA ASP A 44 -6.11 3.02 -8.75
C ASP A 44 -5.22 3.37 -9.97
N GLN A 45 -4.26 4.29 -9.82
CA GLN A 45 -3.35 4.68 -10.88
C GLN A 45 -2.10 3.84 -10.73
N LYS A 46 -1.55 3.42 -11.87
CA LYS A 46 -0.39 2.57 -11.86
C LYS A 46 0.81 3.32 -11.33
N PHE A 47 1.55 2.73 -10.38
CA PHE A 47 2.72 3.33 -9.80
C PHE A 47 3.72 3.73 -10.89
N VAL A 48 3.83 2.93 -11.95
CA VAL A 48 4.74 3.20 -13.06
C VAL A 48 4.46 4.59 -13.64
N ASP A 49 3.19 5.01 -13.70
CA ASP A 49 2.80 6.30 -14.23
C ASP A 49 3.22 7.42 -13.28
N LEU A 50 3.18 7.14 -11.96
CA LEU A 50 3.61 8.11 -10.93
C LEU A 50 5.14 8.28 -11.06
N GLY A 51 5.84 7.22 -11.50
CA GLY A 51 7.29 7.17 -11.70
C GLY A 51 7.97 5.88 -11.20
N LEU A 52 7.21 4.83 -10.88
CA LEU A 52 7.74 3.56 -10.37
C LEU A 52 8.43 2.77 -11.45
N ASP A 53 9.76 2.79 -11.39
CA ASP A 53 10.54 2.06 -12.35
C ASP A 53 10.82 0.68 -11.82
N SER A 54 11.31 -0.18 -12.70
CA SER A 54 11.63 -1.56 -12.40
C SER A 54 12.57 -1.73 -11.20
N ILE A 55 13.54 -0.83 -11.01
CA ILE A 55 14.51 -0.89 -9.94
C ILE A 55 13.83 -0.44 -8.64
N VAL A 56 13.10 0.68 -8.73
CA VAL A 56 12.39 1.26 -7.62
C VAL A 56 11.30 0.29 -7.11
N GLY A 57 10.69 -0.49 -8.00
CA GLY A 57 9.66 -1.42 -7.64
C GLY A 57 10.23 -2.60 -6.86
N VAL A 58 11.36 -3.17 -7.32
CA VAL A 58 11.96 -4.29 -6.62
C VAL A 58 12.45 -3.87 -5.24
N GLU A 59 13.00 -2.66 -5.09
CA GLU A 59 13.49 -2.25 -3.78
C GLU A 59 12.36 -1.88 -2.82
N TRP A 60 11.35 -1.13 -3.28
CA TRP A 60 10.21 -0.72 -2.46
C TRP A 60 9.48 -1.93 -1.89
N THR A 61 9.47 -3.01 -2.66
CA THR A 61 8.82 -4.25 -2.24
C THR A 61 9.38 -4.71 -0.87
N THR A 62 10.65 -4.42 -0.57
CA THR A 62 11.25 -4.82 0.69
C THR A 62 10.70 -4.00 1.86
N THR A 63 10.53 -2.69 1.70
CA THR A 63 10.03 -1.82 2.76
C THR A 63 8.67 -2.35 3.25
N ILE A 64 7.81 -2.80 2.34
CA ILE A 64 6.50 -3.35 2.65
C ILE A 64 6.67 -4.61 3.52
N ASN A 65 7.60 -5.49 3.17
CA ASN A 65 7.87 -6.72 3.92
C ASN A 65 8.32 -6.38 5.32
N GLN A 66 9.24 -5.43 5.45
CA GLN A 66 9.76 -5.00 6.74
C GLN A 66 8.61 -4.45 7.58
N THR A 67 7.71 -3.70 6.93
CA THR A 67 6.58 -3.08 7.59
C THR A 67 5.58 -4.10 8.16
N TYR A 68 5.18 -5.09 7.36
CA TYR A 68 4.19 -6.10 7.78
C TYR A 68 4.76 -7.46 8.20
N ASN A 69 6.08 -7.59 8.26
CA ASN A 69 6.83 -8.81 8.60
C ASN A 69 6.51 -9.95 7.62
N LEU A 70 6.24 -9.61 6.35
CA LEU A 70 5.88 -10.55 5.29
C LEU A 70 7.05 -10.87 4.37
N ASN A 71 6.75 -11.52 3.25
CA ASN A 71 7.69 -11.91 2.21
C ASN A 71 7.02 -11.61 0.87
N LEU A 72 7.57 -10.66 0.12
CA LEU A 72 7.09 -10.22 -1.17
C LEU A 72 8.31 -9.81 -1.98
N LYS A 73 8.10 -9.79 -3.28
CA LYS A 73 9.08 -9.46 -4.28
C LYS A 73 8.49 -8.56 -5.32
N ALA A 74 9.35 -8.17 -6.27
CA ALA A 74 9.02 -7.31 -7.40
C ALA A 74 7.77 -7.76 -8.16
N THR A 75 7.43 -9.06 -8.10
CA THR A 75 6.23 -9.60 -8.74
C THR A 75 5.03 -8.81 -8.24
N LYS A 76 5.00 -8.47 -6.93
CA LYS A 76 3.87 -7.73 -6.38
C LYS A 76 3.69 -6.38 -7.08
N LEU A 77 4.78 -5.64 -7.28
CA LEU A 77 4.74 -4.33 -7.94
C LEU A 77 4.30 -4.42 -9.40
N TYR A 78 4.40 -5.59 -10.01
CA TYR A 78 4.03 -5.81 -11.40
C TYR A 78 2.62 -6.39 -11.55
N ASP A 79 2.15 -7.21 -10.60
CA ASP A 79 0.83 -7.83 -10.64
C ASP A 79 -0.20 -6.89 -10.04
N TYR A 80 0.22 -6.09 -9.05
CA TYR A 80 -0.60 -5.14 -8.34
C TYR A 80 0.03 -3.74 -8.42
N PRO A 81 0.03 -3.11 -9.60
CA PRO A 81 0.59 -1.79 -9.80
C PRO A 81 -0.20 -0.64 -9.16
N THR A 82 -1.28 -0.88 -8.41
CA THR A 82 -2.09 0.16 -7.77
C THR A 82 -2.12 -0.03 -6.25
N LEU A 83 -2.49 0.99 -5.44
CA LEU A 83 -2.51 0.79 -3.99
C LEU A 83 -3.63 -0.15 -3.66
N LEU A 84 -4.75 -0.07 -4.39
CA LEU A 84 -5.90 -0.93 -4.15
C LEU A 84 -5.54 -2.40 -4.37
N GLU A 85 -4.82 -2.74 -5.44
CA GLU A 85 -4.44 -4.14 -5.70
C GLU A 85 -3.33 -4.57 -4.75
N LEU A 86 -2.33 -3.71 -4.51
CA LEU A 86 -1.19 -4.03 -3.66
C LEU A 86 -1.66 -4.27 -2.22
N SER A 87 -2.62 -3.45 -1.76
CA SER A 87 -3.17 -3.55 -0.43
C SER A 87 -4.04 -4.78 -0.28
N GLY A 88 -4.86 -5.10 -1.28
CA GLY A 88 -5.77 -6.24 -1.24
C GLY A 88 -5.04 -7.54 -0.92
N TYR A 89 -3.87 -7.72 -1.51
CA TYR A 89 -3.09 -8.92 -1.27
C TYR A 89 -2.68 -9.05 0.19
N ILE A 90 -2.04 -7.99 0.70
CA ILE A 90 -1.54 -7.90 2.06
C ILE A 90 -2.70 -7.95 3.05
N ALA A 91 -3.86 -7.35 2.73
CA ALA A 91 -5.05 -7.33 3.57
C ALA A 91 -5.47 -8.76 3.88
N GLN A 92 -5.43 -9.68 2.90
CA GLN A 92 -5.83 -11.05 3.18
C GLN A 92 -4.83 -11.67 4.16
N ILE A 93 -3.53 -11.54 3.89
CA ILE A 93 -2.48 -12.12 4.73
C ILE A 93 -2.60 -11.62 6.18
N LEU A 94 -2.61 -10.30 6.36
CA LEU A 94 -2.68 -9.69 7.67
C LEU A 94 -3.96 -9.99 8.40
N SER A 95 -5.12 -9.91 7.73
CA SER A 95 -6.37 -10.21 8.41
C SER A 95 -6.34 -11.68 8.88
N SER A 96 -5.71 -12.57 8.10
CA SER A 96 -5.62 -13.99 8.44
C SER A 96 -4.70 -14.20 9.64
N GLN A 97 -3.66 -13.39 9.80
CA GLN A 97 -2.71 -13.49 10.92
C GLN A 97 -3.40 -13.16 12.24
N GLY A 98 -4.57 -12.51 12.20
CA GLY A 98 -5.37 -12.13 13.35
C GLY A 98 -6.66 -12.93 13.45
N THR A 99 -6.69 -14.09 12.82
CA THR A 99 -7.80 -15.03 12.78
C THR A 99 -9.12 -14.32 12.52
P24 PNS B . 12.71 -4.47 -14.79
O25 PNS B . 12.16 -5.84 -14.62
O26 PNS B . 12.59 -3.81 -16.10
O27 PNS B . 14.27 -4.51 -14.36
C28 PNS B . 14.71 -4.41 -13.00
C29 PNS B . 14.65 -5.64 -12.08
C30 PNS B . 13.24 -6.00 -11.60
C31 PNS B . 15.40 -5.17 -10.84
C32 PNS B . 15.28 -6.93 -12.69
O33 PNS B . 14.64 -7.37 -13.87
C34 PNS B . 16.76 -6.76 -13.03
O35 PNS B . 17.09 -6.01 -13.95
N36 PNS B . 17.68 -7.24 -12.21
C37 PNS B . 17.53 -8.01 -10.99
C38 PNS B . 17.10 -9.46 -11.27
C39 PNS B . 16.53 -10.11 -10.01
O40 PNS B . 16.96 -11.21 -9.62
N41 PNS B . 15.59 -9.40 -9.37
C42 PNS B . 14.90 -9.81 -8.17
C43 PNS B . 13.51 -10.30 -8.53
S44 PNS B . 13.20 -12.03 -8.12
H282 PNS B . 15.74 -4.09 -13.02
H281 PNS B . 14.22 -3.59 -12.49
H303 PNS B . 12.63 -5.11 -11.49
H302 PNS B . 12.82 -6.65 -12.32
H301 PNS B . 13.28 -6.55 -10.65
H313 PNS B . 15.40 -5.94 -10.08
H312 PNS B . 16.43 -4.90 -11.09
H311 PNS B . 14.92 -4.28 -10.43
H32 PNS B . 15.15 -7.72 -11.95
H33 PNS B . 14.85 -6.75 -14.58
H36 PNS B . 18.41 -6.56 -12.20
H372 PNS B . 18.47 -8.03 -10.45
H371 PNS B . 16.80 -7.51 -10.37
H382 PNS B . 16.32 -9.47 -12.04
H381 PNS B . 17.96 -10.02 -11.65
H41 PNS B . 15.31 -8.51 -9.76
H422 PNS B . 15.46 -10.61 -7.67
H421 PNS B . 14.82 -8.98 -7.49
H431 PNS B . 12.77 -9.68 -8.02
H432 PNS B . 13.35 -10.18 -9.60
C1 MAH C . 13.55 -11.94 -6.45
C2 MAH C . 14.74 -12.73 -5.92
C3 MAH C . 14.35 -14.14 -5.43
C4 MAH C . 15.64 -14.98 -5.43
C5 MAH C . 15.49 -16.40 -4.89
C6 MAH C . 13.74 -14.07 -4.02
O1 MAH C . 12.56 -11.66 -5.78
O3 MAH C . 16.02 -16.71 -3.83
O4 MAH C . 14.74 -17.33 -5.57
O7 MAH C . 13.39 -14.73 -6.31
H21 MAH C . 15.46 -12.84 -6.74
H22 MAH C . 15.23 -12.18 -5.12
H41 MAH C . 16.03 -15.04 -6.45
H42 MAH C . 16.39 -14.46 -4.82
H61 MAH C . 14.50 -13.73 -3.31
H62 MAH C . 12.90 -13.38 -3.99
H63 MAH C . 13.36 -15.04 -3.74
HO4 MAH C . 14.72 -18.18 -5.13
HO7 MAH C . 13.80 -14.82 -7.17
N SER A 1 -6.07 5.90 13.93
CA SER A 1 -5.79 5.86 12.49
C SER A 1 -6.28 7.15 11.88
N GLY A 2 -5.40 7.97 11.31
CA GLY A 2 -5.73 9.24 10.68
C GLY A 2 -6.26 8.90 9.29
N LEU A 3 -7.48 8.37 9.24
CA LEU A 3 -8.17 7.95 8.04
C LEU A 3 -9.50 8.67 7.90
N VAL A 4 -9.51 9.71 7.08
CA VAL A 4 -10.67 10.53 6.77
C VAL A 4 -10.94 10.33 5.27
N PRO A 5 -12.09 9.75 4.88
CA PRO A 5 -12.38 9.52 3.46
C PRO A 5 -12.62 10.86 2.75
N ARG A 6 -12.20 10.95 1.48
CA ARG A 6 -12.35 12.16 0.66
C ARG A 6 -13.61 12.17 -0.19
N GLY A 7 -14.29 11.04 -0.35
CA GLY A 7 -15.52 10.90 -1.12
C GLY A 7 -16.14 9.53 -0.86
N SER A 8 -16.06 9.07 0.39
CA SER A 8 -16.58 7.80 0.85
C SER A 8 -16.88 7.92 2.35
N HIS A 9 -17.08 6.79 3.03
CA HIS A 9 -17.36 6.64 4.45
C HIS A 9 -16.24 5.77 5.04
N MET A 10 -16.19 5.64 6.37
CA MET A 10 -15.20 4.82 7.06
C MET A 10 -15.89 3.62 7.70
N THR A 11 -15.15 2.55 7.91
CA THR A 11 -15.64 1.32 8.53
C THR A 11 -15.76 1.54 10.06
N PRO A 12 -16.60 0.74 10.75
CA PRO A 12 -16.82 0.80 12.20
C PRO A 12 -15.63 0.20 12.95
N GLN A 13 -15.83 -0.23 14.20
CA GLN A 13 -14.80 -0.85 15.02
C GLN A 13 -14.33 -2.13 14.32
N VAL A 14 -13.19 -2.05 13.65
CA VAL A 14 -12.58 -3.15 12.93
C VAL A 14 -11.18 -3.23 13.51
N ASN A 15 -11.02 -4.03 14.56
CA ASN A 15 -9.74 -4.24 15.21
C ASN A 15 -8.69 -4.77 14.24
N GLN A 16 -9.10 -5.52 13.21
CA GLN A 16 -8.19 -6.06 12.20
C GLN A 16 -7.69 -4.92 11.31
N VAL A 17 -6.72 -5.23 10.45
CA VAL A 17 -6.12 -4.26 9.55
C VAL A 17 -7.03 -4.08 8.34
N ASN A 18 -7.87 -3.05 8.39
CA ASN A 18 -8.81 -2.68 7.34
C ASN A 18 -8.02 -2.32 6.08
N LEU A 19 -8.61 -2.49 4.91
CA LEU A 19 -8.00 -2.17 3.62
C LEU A 19 -7.37 -0.80 3.56
N SER A 20 -8.09 0.20 4.07
CA SER A 20 -7.62 1.57 4.08
C SER A 20 -6.34 1.72 4.91
N GLU A 21 -6.17 0.96 6.01
CA GLU A 21 -4.98 1.05 6.86
C GLU A 21 -3.69 0.86 6.06
N ILE A 22 -3.62 -0.23 5.29
CA ILE A 22 -2.45 -0.55 4.50
C ILE A 22 -2.35 0.42 3.32
N LYS A 23 -3.45 0.69 2.59
CA LYS A 23 -3.39 1.60 1.46
C LYS A 23 -2.81 2.96 1.82
N GLN A 24 -3.36 3.61 2.84
CA GLN A 24 -2.86 4.92 3.23
C GLN A 24 -1.40 4.85 3.67
N VAL A 25 -1.00 3.77 4.35
CA VAL A 25 0.36 3.58 4.81
C VAL A 25 1.28 3.48 3.59
N LEU A 26 0.92 2.61 2.63
CA LEU A 26 1.67 2.41 1.41
C LEU A 26 1.83 3.74 0.67
N LYS A 27 0.89 4.68 0.75
CA LYS A 27 1.03 5.97 0.07
C LYS A 27 2.26 6.69 0.59
N GLN A 28 2.33 6.93 1.89
CA GLN A 28 3.45 7.63 2.50
C GLN A 28 4.77 6.96 2.12
N GLN A 29 4.77 5.62 2.14
CA GLN A 29 5.93 4.81 1.83
C GLN A 29 6.30 4.87 0.35
N LEU A 30 5.33 5.11 -0.54
CA LEU A 30 5.53 5.20 -1.98
C LEU A 30 6.06 6.58 -2.31
N ALA A 31 5.45 7.64 -1.77
CA ALA A 31 5.88 8.99 -2.08
C ALA A 31 7.33 9.22 -1.68
N GLU A 32 7.75 8.74 -0.51
CA GLU A 32 9.15 8.93 -0.09
C GLU A 32 10.13 8.17 -0.99
N ALA A 33 9.73 6.99 -1.46
CA ALA A 33 10.55 6.16 -2.34
C ALA A 33 10.66 6.81 -3.72
N LEU A 34 9.59 7.46 -4.18
CA LEU A 34 9.54 8.13 -5.48
C LEU A 34 9.94 9.61 -5.36
N TYR A 35 10.48 10.00 -4.20
CA TYR A 35 10.94 11.32 -3.82
C TYR A 35 9.95 12.45 -4.12
N THR A 36 8.75 12.34 -3.55
CA THR A 36 7.68 13.32 -3.69
C THR A 36 6.89 13.44 -2.37
N GLU A 37 5.71 14.06 -2.44
CA GLU A 37 4.77 14.29 -1.35
C GLU A 37 3.54 13.44 -1.62
N GLU A 38 2.91 13.00 -0.55
CA GLU A 38 1.72 12.17 -0.64
C GLU A 38 0.54 12.88 -1.29
N SER A 39 0.59 14.21 -1.31
CA SER A 39 -0.44 15.06 -1.88
C SER A 39 -0.57 14.85 -3.39
N GLU A 40 0.38 14.16 -4.02
CA GLU A 40 0.39 13.92 -5.46
C GLU A 40 -0.02 12.51 -5.88
N ILE A 41 0.07 11.56 -4.94
CA ILE A 41 -0.19 10.16 -5.14
C ILE A 41 -1.68 9.84 -5.02
N ALA A 42 -2.07 8.79 -5.72
CA ALA A 42 -3.41 8.25 -5.76
C ALA A 42 -3.32 6.77 -5.39
N GLU A 43 -4.45 6.21 -5.01
CA GLU A 43 -4.59 4.82 -4.59
C GLU A 43 -4.99 3.89 -5.73
N ASP A 44 -5.41 4.45 -6.86
CA ASP A 44 -5.83 3.75 -8.07
C ASP A 44 -4.94 4.09 -9.28
N GLN A 45 -3.92 4.94 -9.10
CA GLN A 45 -3.00 5.31 -10.17
C GLN A 45 -1.81 4.39 -10.06
N LYS A 46 -1.28 3.99 -11.21
CA LYS A 46 -0.17 3.07 -11.26
C LYS A 46 1.10 3.73 -10.76
N PHE A 47 1.80 3.09 -9.81
CA PHE A 47 3.04 3.60 -9.28
C PHE A 47 4.02 3.94 -10.40
N VAL A 48 4.06 3.17 -11.50
CA VAL A 48 4.94 3.43 -12.64
C VAL A 48 4.77 4.88 -13.12
N ASP A 49 3.54 5.39 -13.15
CA ASP A 49 3.26 6.75 -13.59
C ASP A 49 3.85 7.76 -12.60
N LEU A 50 3.77 7.46 -11.30
CA LEU A 50 4.31 8.31 -10.23
C LEU A 50 5.85 8.27 -10.34
N GLY A 51 6.43 7.28 -11.03
CA GLY A 51 7.87 7.10 -11.25
C GLY A 51 8.43 5.77 -10.76
N LEU A 52 7.59 4.77 -10.49
CA LEU A 52 8.04 3.47 -9.99
C LEU A 52 8.65 2.67 -11.11
N ASP A 53 9.97 2.63 -11.09
CA ASP A 53 10.70 1.89 -12.09
C ASP A 53 10.95 0.50 -11.53
N SER A 54 11.28 -0.44 -12.41
CA SER A 54 11.50 -1.82 -12.03
C SER A 54 12.52 -2.03 -10.90
N ILE A 55 13.52 -1.16 -10.75
CA ILE A 55 14.51 -1.30 -9.70
C ILE A 55 13.88 -0.85 -8.38
N VAL A 56 13.18 0.29 -8.42
CA VAL A 56 12.51 0.91 -7.30
C VAL A 56 11.41 -0.03 -6.77
N GLY A 57 10.71 -0.72 -7.67
CA GLY A 57 9.65 -1.64 -7.29
C GLY A 57 10.21 -2.84 -6.53
N VAL A 58 11.31 -3.43 -7.01
CA VAL A 58 11.90 -4.58 -6.34
C VAL A 58 12.52 -4.20 -5.00
N GLU A 59 13.07 -3.00 -4.84
CA GLU A 59 13.65 -2.62 -3.56
C GLU A 59 12.53 -2.30 -2.56
N TRP A 60 11.53 -1.50 -2.96
CA TRP A 60 10.41 -1.10 -2.12
C TRP A 60 9.61 -2.30 -1.60
N THR A 61 9.51 -3.38 -2.40
CA THR A 61 8.79 -4.58 -1.94
C THR A 61 9.37 -5.09 -0.61
N THR A 62 10.66 -4.85 -0.38
CA THR A 62 11.38 -5.26 0.82
C THR A 62 10.88 -4.48 2.03
N THR A 63 10.74 -3.17 1.90
CA THR A 63 10.29 -2.27 2.94
C THR A 63 8.90 -2.71 3.41
N ILE A 64 8.04 -3.12 2.48
CA ILE A 64 6.69 -3.60 2.78
C ILE A 64 6.80 -4.90 3.59
N ASN A 65 7.70 -5.80 3.22
CA ASN A 65 7.91 -7.07 3.91
C ASN A 65 8.36 -6.82 5.32
N GLN A 66 9.33 -5.92 5.50
CA GLN A 66 9.86 -5.59 6.80
C GLN A 66 8.78 -4.89 7.65
N THR A 67 7.89 -4.12 7.01
CA THR A 67 6.85 -3.43 7.75
C THR A 67 5.90 -4.44 8.43
N TYR A 68 5.34 -5.36 7.65
CA TYR A 68 4.38 -6.36 8.12
C TYR A 68 4.98 -7.72 8.47
N ASN A 69 6.31 -7.84 8.42
CA ASN A 69 7.07 -9.06 8.69
C ASN A 69 6.66 -10.20 7.74
N LEU A 70 6.34 -9.88 6.48
CA LEU A 70 5.91 -10.83 5.45
C LEU A 70 7.02 -11.12 4.45
N ASN A 71 6.70 -11.78 3.34
CA ASN A 71 7.64 -12.14 2.28
C ASN A 71 6.99 -11.94 0.93
N LEU A 72 7.50 -11.00 0.15
CA LEU A 72 7.05 -10.60 -1.18
C LEU A 72 8.26 -10.22 -2.01
N LYS A 73 7.98 -10.11 -3.31
CA LYS A 73 8.93 -9.77 -4.36
C LYS A 73 8.31 -8.79 -5.32
N ALA A 74 9.11 -8.38 -6.30
CA ALA A 74 8.76 -7.42 -7.35
C ALA A 74 7.44 -7.77 -8.05
N THR A 75 7.09 -9.06 -8.10
CA THR A 75 5.84 -9.52 -8.71
C THR A 75 4.67 -8.77 -8.06
N LYS A 76 4.75 -8.48 -6.75
CA LYS A 76 3.68 -7.75 -6.09
C LYS A 76 3.50 -6.36 -6.69
N LEU A 77 4.60 -5.64 -6.86
CA LEU A 77 4.58 -4.29 -7.44
C LEU A 77 4.12 -4.33 -8.89
N TYR A 78 4.23 -5.48 -9.54
CA TYR A 78 3.86 -5.63 -10.93
C TYR A 78 2.42 -6.12 -11.12
N ASP A 79 1.86 -6.91 -10.19
CA ASP A 79 0.51 -7.42 -10.31
C ASP A 79 -0.44 -6.46 -9.62
N TYR A 80 0.04 -5.72 -8.62
CA TYR A 80 -0.71 -4.75 -7.85
C TYR A 80 0.00 -3.40 -7.97
N PRO A 81 -0.14 -2.73 -9.12
CA PRO A 81 0.48 -1.44 -9.37
C PRO A 81 -0.19 -0.26 -8.65
N THR A 82 -1.24 -0.47 -7.86
CA THR A 82 -1.94 0.62 -7.15
C THR A 82 -1.95 0.37 -5.65
N LEU A 83 -2.25 1.38 -4.81
CA LEU A 83 -2.26 1.15 -3.37
C LEU A 83 -3.46 0.30 -3.02
N LEU A 84 -4.57 0.45 -3.75
CA LEU A 84 -5.76 -0.34 -3.48
C LEU A 84 -5.47 -1.83 -3.72
N GLU A 85 -4.83 -2.19 -4.83
CA GLU A 85 -4.54 -3.61 -5.08
C GLU A 85 -3.43 -4.12 -4.16
N LEU A 86 -2.40 -3.31 -3.91
CA LEU A 86 -1.27 -3.69 -3.07
C LEU A 86 -1.76 -3.90 -1.63
N SER A 87 -2.67 -3.05 -1.17
CA SER A 87 -3.23 -3.14 0.16
C SER A 87 -4.15 -4.35 0.30
N GLY A 88 -4.95 -4.66 -0.73
CA GLY A 88 -5.88 -5.78 -0.70
C GLY A 88 -5.22 -7.09 -0.37
N TYR A 89 -4.05 -7.35 -0.96
CA TYR A 89 -3.37 -8.60 -0.69
C TYR A 89 -2.87 -8.60 0.75
N ILE A 90 -2.16 -7.56 1.18
CA ILE A 90 -1.63 -7.47 2.53
C ILE A 90 -2.76 -7.51 3.57
N ALA A 91 -3.93 -6.91 3.31
CA ALA A 91 -5.09 -6.88 4.20
C ALA A 91 -5.48 -8.32 4.55
N GLN A 92 -5.57 -9.18 3.54
CA GLN A 92 -5.94 -10.58 3.71
C GLN A 92 -4.91 -11.32 4.57
N ILE A 93 -3.63 -10.93 4.49
CA ILE A 93 -2.56 -11.55 5.27
C ILE A 93 -2.61 -11.04 6.71
N LEU A 94 -2.60 -9.73 6.94
CA LEU A 94 -2.63 -9.17 8.29
C LEU A 94 -3.90 -9.58 9.04
N SER A 95 -5.04 -9.59 8.37
CA SER A 95 -6.29 -10.00 8.98
C SER A 95 -6.24 -11.51 9.29
N SER A 96 -5.42 -12.29 8.56
CA SER A 96 -5.27 -13.73 8.79
C SER A 96 -4.27 -13.96 9.93
N GLN A 97 -3.29 -13.06 10.05
CA GLN A 97 -2.29 -13.11 11.12
C GLN A 97 -3.01 -12.79 12.44
N GLY A 98 -4.22 -12.20 12.38
CA GLY A 98 -5.09 -11.83 13.48
C GLY A 98 -6.37 -12.65 13.42
N THR A 99 -6.25 -13.97 13.26
CA THR A 99 -7.39 -14.88 13.22
C THR A 99 -7.88 -14.99 14.66
P24 PNS B . 11.91 -5.10 -14.07
O25 PNS B . 11.32 -6.36 -13.56
O26 PNS B . 11.55 -4.69 -15.46
O27 PNS B . 13.52 -5.18 -13.92
C28 PNS B . 14.21 -5.01 -12.69
C29 PNS B . 14.33 -6.25 -11.77
C30 PNS B . 13.08 -6.46 -10.92
C31 PNS B . 15.44 -5.92 -10.75
C32 PNS B . 14.65 -7.58 -12.49
O33 PNS B . 13.64 -8.13 -13.29
C34 PNS B . 15.89 -7.46 -13.38
O35 PNS B . 15.87 -6.72 -14.35
N36 PNS B . 17.05 -7.92 -12.92
C37 PNS B . 17.29 -8.78 -11.78
C38 PNS B . 16.97 -10.23 -12.17
C39 PNS B . 16.41 -11.05 -11.00
O40 PNS B . 17.01 -12.05 -10.58
N41 PNS B . 15.18 -10.70 -10.62
C42 PNS B . 14.33 -11.41 -9.67
C43 PNS B . 13.20 -10.49 -9.26
S44 PNS B . 12.04 -9.99 -10.57
H282 PNS B . 15.22 -4.70 -12.95
H281 PNS B . 13.79 -4.18 -12.12
H303 PNS B . 12.65 -5.52 -10.61
H302 PNS B . 12.40 -6.99 -11.55
H301 PNS B . 13.29 -7.09 -10.05
H313 PNS B . 15.50 -6.71 -10.00
H312 PNS B . 16.41 -5.82 -11.24
H311 PNS B . 15.23 -4.97 -10.26
H32 PNS B . 14.83 -8.33 -11.71
H33 PNS B . 13.59 -7.63 -14.11
H36 PNS B . 17.76 -7.27 -13.16
H372 PNS B . 18.34 -8.69 -11.51
H371 PNS B . 16.70 -8.47 -10.93
H382 PNS B . 16.21 -10.22 -12.94
H381 PNS B . 17.86 -10.71 -12.57
H41 PNS B . 14.76 -9.90 -11.06
H422 PNS B . 13.94 -12.31 -10.12
H421 PNS B . 14.92 -11.68 -8.79
H431 PNS B . 12.63 -10.97 -8.46
H432 PNS B . 13.63 -9.58 -8.84
C1 MAH C . 11.11 -11.40 -10.85
C2 MAH C . 11.53 -12.37 -11.96
C3 MAH C . 10.37 -13.12 -12.65
C4 MAH C . 9.50 -12.13 -13.43
C5 MAH C . 8.14 -12.69 -13.86
C6 MAH C . 10.96 -14.14 -13.64
O1 MAH C . 10.07 -11.48 -10.18
O3 MAH C . 7.17 -12.52 -13.12
O4 MAH C . 7.91 -13.09 -15.15
O7 MAH C . 9.62 -13.87 -11.70
H21 MAH C . 12.07 -11.82 -12.72
H22 MAH C . 12.21 -13.11 -11.53
H41 MAH C . 9.30 -11.26 -12.79
H42 MAH C . 10.03 -11.78 -14.31
H61 MAH C . 11.55 -13.62 -14.40
H62 MAH C . 11.60 -14.84 -13.10
H63 MAH C . 10.15 -14.70 -14.13
HO4 MAH C . 6.99 -13.30 -15.31
HO7 MAH C . 9.15 -13.25 -11.15
N SER A 1 -0.08 3.73 10.21
CA SER A 1 -1.43 4.29 10.13
C SER A 1 -1.39 5.72 9.60
N GLY A 2 -2.55 6.32 9.35
CA GLY A 2 -2.74 7.67 8.85
C GLY A 2 -4.20 8.01 8.57
N LEU A 3 -5.12 7.03 8.51
CA LEU A 3 -6.53 7.26 8.26
C LEU A 3 -7.09 8.05 9.44
N VAL A 4 -7.52 9.28 9.19
CA VAL A 4 -8.09 10.18 10.19
C VAL A 4 -9.48 10.60 9.69
N PRO A 5 -10.55 9.89 10.06
CA PRO A 5 -11.90 10.23 9.62
C PRO A 5 -12.38 11.53 10.24
N ARG A 6 -12.48 12.60 9.45
CA ARG A 6 -12.96 13.89 9.96
C ARG A 6 -14.46 13.82 10.24
N GLY A 7 -15.18 12.94 9.55
CA GLY A 7 -16.62 12.75 9.67
C GLY A 7 -17.29 12.60 8.31
N SER A 8 -16.58 12.85 7.21
CA SER A 8 -17.07 12.73 5.84
C SER A 8 -17.66 11.32 5.69
N HIS A 9 -16.82 10.34 5.98
CA HIS A 9 -17.12 8.92 5.94
C HIS A 9 -16.37 8.29 7.12
N MET A 10 -17.04 7.38 7.82
CA MET A 10 -16.50 6.63 8.95
C MET A 10 -16.77 5.15 8.69
N THR A 11 -16.07 4.26 9.37
CA THR A 11 -16.17 2.80 9.23
C THR A 11 -16.57 2.09 10.53
N PRO A 12 -16.94 0.80 10.48
CA PRO A 12 -17.27 0.04 11.67
C PRO A 12 -15.94 -0.27 12.40
N GLN A 13 -16.00 -1.01 13.52
CA GLN A 13 -14.83 -1.38 14.30
C GLN A 13 -14.02 -2.49 13.59
N VAL A 14 -13.41 -2.18 12.45
CA VAL A 14 -12.59 -3.08 11.66
C VAL A 14 -11.26 -3.11 12.40
N ASN A 15 -11.22 -3.92 13.44
CA ASN A 15 -10.07 -4.12 14.30
C ASN A 15 -8.89 -4.80 13.58
N GLN A 16 -9.16 -5.33 12.39
CA GLN A 16 -8.22 -5.99 11.51
C GLN A 16 -7.66 -4.93 10.57
N VAL A 17 -6.62 -5.26 9.83
CA VAL A 17 -6.02 -4.32 8.89
C VAL A 17 -6.91 -4.20 7.64
N ASN A 18 -7.84 -3.24 7.69
CA ASN A 18 -8.79 -2.90 6.62
C ASN A 18 -8.04 -2.49 5.38
N LEU A 19 -8.63 -2.71 4.21
CA LEU A 19 -8.07 -2.37 2.91
C LEU A 19 -7.61 -0.91 2.83
N SER A 20 -8.35 0.03 3.41
CA SER A 20 -7.97 1.43 3.36
C SER A 20 -6.66 1.67 4.13
N GLU A 21 -6.43 0.93 5.23
CA GLU A 21 -5.23 1.08 6.07
C GLU A 21 -3.96 0.85 5.28
N ILE A 22 -3.84 -0.29 4.58
CA ILE A 22 -2.65 -0.60 3.82
C ILE A 22 -2.59 0.30 2.59
N LYS A 23 -3.71 0.60 1.93
CA LYS A 23 -3.68 1.45 0.75
C LYS A 23 -3.13 2.83 1.10
N GLN A 24 -3.68 3.50 2.11
CA GLN A 24 -3.19 4.82 2.44
C GLN A 24 -1.73 4.78 2.91
N VAL A 25 -1.34 3.70 3.60
CA VAL A 25 0.02 3.52 4.09
C VAL A 25 0.89 3.42 2.86
N LEU A 26 0.55 2.52 1.94
CA LEU A 26 1.28 2.32 0.70
C LEU A 26 1.37 3.62 -0.07
N LYS A 27 0.40 4.54 -0.02
CA LYS A 27 0.49 5.81 -0.74
C LYS A 27 1.70 6.57 -0.23
N GLN A 28 1.74 6.84 1.07
CA GLN A 28 2.86 7.58 1.67
C GLN A 28 4.18 6.87 1.43
N GLN A 29 4.17 5.54 1.43
CA GLN A 29 5.35 4.72 1.27
C GLN A 29 5.81 4.79 -0.21
N LEU A 30 4.87 4.89 -1.16
CA LEU A 30 5.15 4.95 -2.58
C LEU A 30 5.65 6.34 -2.92
N ALA A 31 4.97 7.39 -2.44
CA ALA A 31 5.37 8.75 -2.72
C ALA A 31 6.79 9.00 -2.23
N GLU A 32 7.13 8.55 -1.02
CA GLU A 32 8.49 8.76 -0.52
C GLU A 32 9.50 7.96 -1.35
N ALA A 33 9.12 6.75 -1.75
CA ALA A 33 9.98 5.90 -2.56
C ALA A 33 10.12 6.43 -3.99
N LEU A 34 9.26 7.35 -4.41
CA LEU A 34 9.26 7.99 -5.72
C LEU A 34 9.66 9.48 -5.59
N TYR A 35 10.14 9.90 -4.40
CA TYR A 35 10.58 11.25 -4.06
C TYR A 35 9.54 12.30 -4.41
N THR A 36 8.30 12.15 -3.93
CA THR A 36 7.22 13.08 -4.21
C THR A 36 6.24 13.17 -3.04
N GLU A 37 5.17 13.93 -3.25
CA GLU A 37 4.10 14.18 -2.31
C GLU A 37 2.97 13.21 -2.62
N GLU A 38 2.27 12.78 -1.59
CA GLU A 38 1.17 11.86 -1.72
C GLU A 38 0.02 12.44 -2.54
N SER A 39 -0.10 13.76 -2.59
CA SER A 39 -1.15 14.44 -3.31
C SER A 39 -1.08 14.16 -4.82
N GLU A 40 0.04 13.61 -5.33
CA GLU A 40 0.16 13.31 -6.75
C GLU A 40 -0.22 11.86 -7.08
N ILE A 41 -0.27 11.00 -6.06
CA ILE A 41 -0.54 9.57 -6.18
C ILE A 41 -2.05 9.31 -6.35
N ALA A 42 -2.35 8.14 -6.91
CA ALA A 42 -3.69 7.63 -7.16
C ALA A 42 -3.74 6.19 -6.69
N GLU A 43 -4.90 5.79 -6.17
CA GLU A 43 -5.15 4.46 -5.63
C GLU A 43 -5.22 3.37 -6.68
N ASP A 44 -5.77 3.70 -7.84
CA ASP A 44 -5.97 2.80 -8.97
C ASP A 44 -5.00 3.08 -10.13
N GLN A 45 -4.02 3.99 -9.94
CA GLN A 45 -3.03 4.33 -10.95
C GLN A 45 -1.81 3.46 -10.79
N LYS A 46 -1.18 3.13 -11.92
CA LYS A 46 -0.02 2.29 -11.95
C LYS A 46 1.18 3.04 -11.39
N PHE A 47 1.90 2.45 -10.44
CA PHE A 47 3.07 3.06 -9.83
C PHE A 47 4.09 3.48 -10.89
N VAL A 48 4.23 2.73 -11.98
CA VAL A 48 5.17 3.05 -13.05
C VAL A 48 4.91 4.47 -13.58
N ASP A 49 3.64 4.86 -13.70
CA ASP A 49 3.27 6.20 -14.17
C ASP A 49 3.78 7.25 -13.20
N LEU A 50 3.67 6.97 -11.89
CA LEU A 50 4.14 7.89 -10.86
C LEU A 50 5.69 7.97 -10.92
N GLY A 51 6.36 6.97 -11.49
CA GLY A 51 7.81 6.89 -11.66
C GLY A 51 8.46 5.61 -11.13
N LEU A 52 7.67 4.56 -10.88
CA LEU A 52 8.19 3.28 -10.35
C LEU A 52 9.00 2.53 -11.38
N ASP A 53 10.30 2.47 -11.14
CA ASP A 53 11.20 1.76 -12.02
C ASP A 53 11.34 0.33 -11.50
N SER A 54 11.79 -0.60 -12.34
CA SER A 54 11.97 -1.99 -11.93
C SER A 54 12.93 -2.13 -10.73
N ILE A 55 13.86 -1.17 -10.54
CA ILE A 55 14.81 -1.18 -9.44
C ILE A 55 14.07 -0.72 -8.19
N VAL A 56 13.44 0.46 -8.29
CA VAL A 56 12.69 1.07 -7.21
C VAL A 56 11.60 0.10 -6.72
N GLY A 57 10.99 -0.67 -7.63
CA GLY A 57 9.95 -1.60 -7.30
C GLY A 57 10.48 -2.75 -6.44
N VAL A 58 11.61 -3.34 -6.82
CA VAL A 58 12.17 -4.45 -6.07
C VAL A 58 12.67 -4.00 -4.70
N GLU A 59 13.22 -2.79 -4.56
CA GLU A 59 13.68 -2.34 -3.25
C GLU A 59 12.51 -1.95 -2.35
N TRP A 60 11.49 -1.29 -2.91
CA TRP A 60 10.33 -0.86 -2.16
C TRP A 60 9.55 -2.07 -1.64
N THR A 61 9.50 -3.16 -2.41
CA THR A 61 8.80 -4.35 -1.93
C THR A 61 9.44 -4.81 -0.59
N THR A 62 10.73 -4.56 -0.36
CA THR A 62 11.39 -4.94 0.89
C THR A 62 10.80 -4.11 2.02
N THR A 63 10.62 -2.81 1.85
CA THR A 63 10.09 -1.90 2.88
C THR A 63 8.74 -2.42 3.37
N ILE A 64 7.89 -2.87 2.44
CA ILE A 64 6.58 -3.40 2.73
C ILE A 64 6.70 -4.67 3.59
N ASN A 65 7.68 -5.54 3.29
CA ASN A 65 7.91 -6.77 4.03
C ASN A 65 8.26 -6.45 5.46
N GLN A 66 9.18 -5.49 5.65
CA GLN A 66 9.64 -5.08 6.96
C GLN A 66 8.47 -4.44 7.73
N THR A 67 7.62 -3.69 7.02
CA THR A 67 6.49 -3.02 7.64
C THR A 67 5.48 -4.02 8.23
N TYR A 68 5.13 -5.07 7.50
CA TYR A 68 4.13 -6.06 7.93
C TYR A 68 4.66 -7.43 8.32
N ASN A 69 5.98 -7.61 8.37
CA ASN A 69 6.67 -8.86 8.70
C ASN A 69 6.25 -10.00 7.76
N LEU A 70 6.20 -9.68 6.46
CA LEU A 70 5.82 -10.59 5.39
C LEU A 70 7.04 -10.86 4.51
N ASN A 71 6.87 -11.55 3.40
CA ASN A 71 7.93 -11.88 2.45
C ASN A 71 7.33 -11.70 1.06
N LEU A 72 7.86 -10.72 0.33
CA LEU A 72 7.43 -10.35 -1.01
C LEU A 72 8.66 -9.90 -1.77
N LYS A 73 8.46 -9.90 -3.07
CA LYS A 73 9.40 -9.58 -4.11
C LYS A 73 8.75 -8.70 -5.15
N ALA A 74 9.60 -8.30 -6.09
CA ALA A 74 9.27 -7.44 -7.22
C ALA A 74 8.04 -7.92 -7.98
N THR A 75 7.78 -9.24 -7.99
CA THR A 75 6.62 -9.78 -8.67
C THR A 75 5.36 -9.10 -8.14
N LYS A 76 5.31 -8.72 -6.86
CA LYS A 76 4.13 -8.04 -6.32
C LYS A 76 3.93 -6.70 -7.01
N LEU A 77 5.00 -5.93 -7.20
CA LEU A 77 4.96 -4.64 -7.88
C LEU A 77 4.59 -4.79 -9.36
N TYR A 78 4.66 -6.01 -9.89
CA TYR A 78 4.33 -6.35 -11.27
C TYR A 78 2.94 -6.97 -11.40
N ASP A 79 2.44 -7.65 -10.35
CA ASP A 79 1.13 -8.28 -10.32
C ASP A 79 0.09 -7.25 -9.90
N TYR A 80 0.47 -6.41 -8.95
CA TYR A 80 -0.35 -5.38 -8.36
C TYR A 80 0.35 -4.02 -8.47
N PRO A 81 0.26 -3.38 -9.65
CA PRO A 81 0.85 -2.07 -9.89
C PRO A 81 0.07 -0.91 -9.26
N THR A 82 -1.03 -1.16 -8.56
CA THR A 82 -1.84 -0.11 -7.94
C THR A 82 -1.87 -0.27 -6.43
N LEU A 83 -2.15 0.83 -5.71
CA LEU A 83 -2.20 0.78 -4.25
C LEU A 83 -3.30 -0.16 -3.83
N LEU A 84 -4.49 -0.08 -4.42
CA LEU A 84 -5.63 -0.92 -4.06
C LEU A 84 -5.32 -2.41 -4.19
N GLU A 85 -4.64 -2.81 -5.26
CA GLU A 85 -4.30 -4.21 -5.49
C GLU A 85 -3.19 -4.65 -4.53
N LEU A 86 -2.12 -3.85 -4.42
CA LEU A 86 -0.99 -4.16 -3.56
C LEU A 86 -1.48 -4.26 -2.12
N SER A 87 -2.40 -3.38 -1.75
CA SER A 87 -3.04 -3.27 -0.47
C SER A 87 -3.89 -4.50 -0.25
N GLY A 88 -4.77 -4.85 -1.20
CA GLY A 88 -5.68 -5.97 -1.10
C GLY A 88 -4.95 -7.27 -0.82
N TYR A 89 -3.81 -7.49 -1.48
CA TYR A 89 -3.08 -8.71 -1.24
C TYR A 89 -2.62 -8.78 0.22
N ILE A 90 -1.98 -7.72 0.70
CA ILE A 90 -1.47 -7.64 2.07
C ILE A 90 -2.62 -7.66 3.09
N ALA A 91 -3.74 -6.98 2.80
CA ALA A 91 -4.91 -6.87 3.64
C ALA A 91 -5.37 -8.26 4.05
N GLN A 92 -5.48 -9.17 3.08
CA GLN A 92 -5.93 -10.55 3.29
C GLN A 92 -4.98 -11.30 4.23
N ILE A 93 -3.67 -11.07 4.11
CA ILE A 93 -2.65 -11.70 4.93
C ILE A 93 -2.75 -11.15 6.34
N LEU A 94 -2.70 -9.83 6.51
CA LEU A 94 -2.77 -9.23 7.82
C LEU A 94 -4.06 -9.55 8.54
N SER A 95 -5.19 -9.55 7.82
CA SER A 95 -6.47 -9.87 8.42
C SER A 95 -6.49 -11.33 8.89
N SER A 96 -5.62 -12.21 8.36
CA SER A 96 -5.56 -13.60 8.78
C SER A 96 -4.54 -13.73 9.91
N GLN A 97 -3.42 -12.99 9.81
CA GLN A 97 -2.32 -12.96 10.79
C GLN A 97 -2.76 -12.41 12.15
N GLY A 98 -3.94 -11.78 12.24
CA GLY A 98 -4.49 -11.23 13.48
C GLY A 98 -5.85 -11.81 13.85
N THR A 99 -6.26 -12.85 13.14
CA THR A 99 -7.52 -13.57 13.26
C THR A 99 -8.63 -12.74 12.64
P24 PNS B . 12.74 -5.23 -14.04
O25 PNS B . 12.16 -6.54 -13.72
O26 PNS B . 12.61 -4.71 -15.43
O27 PNS B . 14.31 -5.29 -13.67
C28 PNS B . 14.85 -5.14 -12.36
C29 PNS B . 14.76 -6.30 -11.35
C30 PNS B . 13.35 -6.56 -10.84
C31 PNS B . 15.54 -5.80 -10.13
C32 PNS B . 15.31 -7.66 -11.90
O33 PNS B . 14.66 -8.10 -13.07
C34 PNS B . 16.79 -7.58 -12.25
O35 PNS B . 17.14 -7.15 -13.34
N36 PNS B . 17.70 -7.93 -11.33
C37 PNS B . 17.49 -8.62 -10.08
C38 PNS B . 17.51 -10.14 -10.31
C39 PNS B . 16.88 -10.89 -9.14
O40 PNS B . 17.50 -11.74 -8.49
N41 PNS B . 15.59 -10.58 -8.95
C42 PNS B . 14.71 -11.10 -7.93
C43 PNS B . 13.46 -10.22 -7.89
S44 PNS B . 12.51 -10.10 -9.43
H282 PNS B . 15.90 -4.95 -12.50
H281 PNS B . 14.44 -4.25 -11.91
H303 PNS B . 12.76 -5.64 -10.77
H302 PNS B . 12.91 -7.25 -11.53
H301 PNS B . 13.35 -7.04 -9.86
H313 PNS B . 15.48 -6.52 -9.31
H312 PNS B . 16.59 -5.63 -10.38
H311 PNS B . 15.14 -4.85 -9.80
H32 PNS B . 15.14 -8.43 -11.15
H33 PNS B . 14.87 -7.48 -13.79
H36 PNS B . 18.50 -7.36 -11.41
H372 PNS B . 18.27 -8.36 -9.37
H371 PNS B . 16.53 -8.34 -9.68
H382 PNS B . 16.92 -10.33 -11.20
H381 PNS B . 18.53 -10.48 -10.48
H41 PNS B . 15.19 -9.88 -9.55
H422 PNS B . 14.42 -12.12 -8.17
H421 PNS B . 15.20 -11.04 -6.96
H431 PNS B . 12.80 -10.58 -7.11
H432 PNS B . 13.78 -9.21 -7.63
C1 MAH C . 11.39 -11.38 -9.30
C2 MAH C . 11.69 -12.74 -9.94
C3 MAH C . 10.69 -13.11 -11.04
C4 MAH C . 11.21 -14.34 -11.80
C5 MAH C . 10.21 -14.91 -12.83
C6 MAH C . 9.31 -13.41 -10.42
O1 MAH C . 10.63 -11.24 -8.32
O3 MAH C . 10.12 -14.41 -13.95
O4 MAH C . 9.58 -16.09 -12.55
O7 MAH C . 10.57 -12.03 -11.94
H21 MAH C . 12.69 -12.71 -10.36
H22 MAH C . 11.68 -13.51 -9.16
H41 MAH C . 12.14 -14.10 -12.30
H42 MAH C . 11.40 -15.13 -11.07
H61 MAH C . 9.40 -14.23 -9.71
H62 MAH C . 8.95 -12.52 -9.91
H63 MAH C . 8.58 -13.66 -11.20
HO4 MAH C . 9.03 -16.39 -13.28
HO7 MAH C . 11.43 -11.88 -12.36
N SER A 1 -15.52 4.26 3.01
CA SER A 1 -14.17 3.81 3.38
C SER A 1 -13.09 4.50 2.54
N GLY A 2 -13.21 5.82 2.37
CA GLY A 2 -12.29 6.67 1.63
C GLY A 2 -11.38 7.28 2.68
N LEU A 3 -10.44 6.47 3.16
CA LEU A 3 -9.47 6.89 4.18
C LEU A 3 -8.56 7.91 3.50
N VAL A 4 -8.81 9.19 3.76
CA VAL A 4 -8.05 10.29 3.21
C VAL A 4 -7.56 11.14 4.38
N PRO A 5 -6.31 11.62 4.38
CA PRO A 5 -5.75 12.42 5.47
C PRO A 5 -6.25 13.88 5.46
N ARG A 6 -7.57 14.06 5.52
CA ARG A 6 -8.19 15.38 5.52
C ARG A 6 -8.04 16.13 6.85
N GLY A 7 -7.59 15.45 7.89
CA GLY A 7 -7.38 15.97 9.23
C GLY A 7 -8.18 15.19 10.27
N SER A 8 -9.04 14.28 9.82
CA SER A 8 -9.88 13.47 10.67
C SER A 8 -9.09 12.51 11.55
N HIS A 9 -9.76 12.00 12.58
CA HIS A 9 -9.22 11.04 13.55
C HIS A 9 -8.88 9.69 12.89
N MET A 10 -8.20 8.84 13.65
CA MET A 10 -7.78 7.50 13.24
C MET A 10 -9.00 6.60 12.97
N THR A 11 -8.76 5.46 12.34
CA THR A 11 -9.79 4.47 12.07
C THR A 11 -10.17 3.89 13.45
N PRO A 12 -11.45 3.59 13.71
CA PRO A 12 -11.90 3.05 15.00
C PRO A 12 -11.37 1.64 15.23
N GLN A 13 -11.83 0.97 16.29
CA GLN A 13 -11.41 -0.39 16.62
C GLN A 13 -11.78 -1.32 15.47
N VAL A 14 -10.78 -1.68 14.69
CA VAL A 14 -10.86 -2.53 13.54
C VAL A 14 -9.70 -3.48 13.76
N ASN A 15 -10.01 -4.68 14.24
CA ASN A 15 -9.00 -5.68 14.51
C ASN A 15 -8.45 -6.22 13.19
N GLN A 16 -9.36 -6.46 12.23
CA GLN A 16 -9.05 -6.95 10.90
C GLN A 16 -8.30 -5.85 10.15
N VAL A 17 -7.73 -6.18 8.99
CA VAL A 17 -7.02 -5.19 8.19
C VAL A 17 -7.83 -5.03 6.92
N ASN A 18 -8.80 -4.12 6.98
CA ASN A 18 -9.69 -3.79 5.87
C ASN A 18 -8.85 -3.29 4.71
N LEU A 19 -9.33 -3.51 3.50
CA LEU A 19 -8.69 -3.10 2.27
C LEU A 19 -8.23 -1.65 2.27
N SER A 20 -9.04 -0.74 2.80
CA SER A 20 -8.69 0.66 2.84
C SER A 20 -7.51 0.92 3.76
N GLU A 21 -7.40 0.17 4.86
CA GLU A 21 -6.32 0.32 5.84
C GLU A 21 -4.95 0.19 5.15
N ILE A 22 -4.75 -0.87 4.37
CA ILE A 22 -3.49 -1.10 3.67
C ILE A 22 -3.39 -0.14 2.49
N LYS A 23 -4.45 0.08 1.69
CA LYS A 23 -4.38 0.98 0.54
C LYS A 23 -3.93 2.39 0.95
N GLN A 24 -4.59 3.00 1.92
CA GLN A 24 -4.19 4.35 2.34
C GLN A 24 -2.75 4.38 2.86
N VAL A 25 -2.30 3.29 3.49
CA VAL A 25 -0.96 3.17 4.02
C VAL A 25 -0.02 3.10 2.82
N LEU A 26 -0.28 2.23 1.85
CA LEU A 26 0.52 2.08 0.65
C LEU A 26 0.63 3.42 -0.09
N LYS A 27 -0.36 4.32 -0.03
CA LYS A 27 -0.25 5.60 -0.71
C LYS A 27 0.91 6.40 -0.14
N GLN A 28 0.89 6.63 1.16
CA GLN A 28 1.90 7.39 1.86
C GLN A 28 3.29 6.80 1.59
N GLN A 29 3.37 5.46 1.56
CA GLN A 29 4.60 4.74 1.36
C GLN A 29 5.05 4.81 -0.10
N LEU A 30 4.10 4.89 -1.04
CA LEU A 30 4.41 4.97 -2.46
C LEU A 30 4.89 6.37 -2.77
N ALA A 31 4.19 7.40 -2.28
CA ALA A 31 4.59 8.76 -2.57
C ALA A 31 6.01 9.03 -2.08
N GLU A 32 6.35 8.58 -0.87
CA GLU A 32 7.70 8.80 -0.35
C GLU A 32 8.73 8.00 -1.16
N ALA A 33 8.38 6.78 -1.59
CA ALA A 33 9.26 5.94 -2.39
C ALA A 33 9.50 6.52 -3.77
N LEU A 34 8.60 7.39 -4.24
CA LEU A 34 8.65 8.05 -5.54
C LEU A 34 9.07 9.52 -5.42
N TYR A 35 9.42 9.98 -4.21
CA TYR A 35 9.84 11.36 -3.91
C TYR A 35 8.76 12.38 -4.33
N THR A 36 7.48 12.14 -3.97
CA THR A 36 6.35 12.99 -4.30
C THR A 36 5.40 13.13 -3.10
N GLU A 37 4.25 13.75 -3.33
CA GLU A 37 3.20 13.99 -2.37
C GLU A 37 2.04 13.05 -2.63
N GLU A 38 1.33 12.69 -1.57
CA GLU A 38 0.18 11.83 -1.61
C GLU A 38 -0.98 12.47 -2.35
N SER A 39 -0.92 13.79 -2.49
CA SER A 39 -1.92 14.57 -3.18
C SER A 39 -1.96 14.17 -4.66
N GLU A 40 -0.89 13.54 -5.16
CA GLU A 40 -0.82 13.16 -6.54
C GLU A 40 -1.16 11.70 -6.82
N ILE A 41 -1.13 10.84 -5.80
CA ILE A 41 -1.36 9.42 -5.93
C ILE A 41 -2.85 9.08 -5.96
N ALA A 42 -3.16 8.06 -6.75
CA ALA A 42 -4.47 7.49 -7.00
C ALA A 42 -4.49 6.05 -6.49
N GLU A 43 -5.68 5.51 -6.28
CA GLU A 43 -5.88 4.16 -5.77
C GLU A 43 -5.87 3.09 -6.86
N ASP A 44 -6.19 3.48 -8.09
CA ASP A 44 -6.26 2.63 -9.27
C ASP A 44 -5.29 3.04 -10.38
N GLN A 45 -4.47 4.08 -10.15
CA GLN A 45 -3.50 4.52 -11.15
C GLN A 45 -2.25 3.68 -10.95
N LYS A 46 -1.58 3.34 -12.04
CA LYS A 46 -0.40 2.49 -12.01
C LYS A 46 0.79 3.20 -11.37
N PHE A 47 1.52 2.53 -10.49
CA PHE A 47 2.71 3.07 -9.85
C PHE A 47 3.72 3.55 -10.89
N VAL A 48 3.90 2.81 -11.99
CA VAL A 48 4.84 3.18 -13.05
C VAL A 48 4.48 4.56 -13.62
N ASP A 49 3.20 4.90 -13.62
CA ASP A 49 2.67 6.16 -14.11
C ASP A 49 3.00 7.30 -13.16
N LEU A 50 3.15 6.98 -11.87
CA LEU A 50 3.51 7.93 -10.81
C LEU A 50 5.04 8.12 -10.78
N GLY A 51 5.81 7.18 -11.36
CA GLY A 51 7.27 7.20 -11.43
C GLY A 51 7.95 5.92 -10.95
N LEU A 52 7.23 4.81 -10.82
CA LEU A 52 7.80 3.54 -10.36
C LEU A 52 8.63 2.86 -11.42
N ASP A 53 9.95 2.96 -11.25
CA ASP A 53 10.87 2.33 -12.18
C ASP A 53 11.15 0.93 -11.61
N SER A 54 11.71 0.05 -12.43
CA SER A 54 12.00 -1.32 -12.06
C SER A 54 12.82 -1.51 -10.77
N ILE A 55 13.76 -0.60 -10.48
CA ILE A 55 14.61 -0.69 -9.30
C ILE A 55 13.80 -0.21 -8.09
N VAL A 56 13.05 0.88 -8.27
CA VAL A 56 12.21 1.46 -7.23
C VAL A 56 11.12 0.45 -6.82
N GLY A 57 10.64 -0.39 -7.74
CA GLY A 57 9.63 -1.37 -7.41
C GLY A 57 10.20 -2.50 -6.56
N VAL A 58 11.40 -3.00 -6.88
CA VAL A 58 12.02 -4.10 -6.13
C VAL A 58 12.45 -3.64 -4.74
N GLU A 59 12.83 -2.37 -4.56
CA GLU A 59 13.23 -1.86 -3.26
C GLU A 59 11.98 -1.60 -2.41
N TRP A 60 10.97 -0.90 -2.95
CA TRP A 60 9.74 -0.56 -2.23
C TRP A 60 8.99 -1.79 -1.77
N THR A 61 9.05 -2.87 -2.53
CA THR A 61 8.38 -4.10 -2.11
C THR A 61 8.85 -4.52 -0.69
N THR A 62 10.10 -4.20 -0.30
CA THR A 62 10.64 -4.54 1.00
C THR A 62 10.05 -3.65 2.09
N THR A 63 9.78 -2.36 1.85
CA THR A 63 9.23 -1.45 2.85
C THR A 63 7.93 -2.04 3.42
N ILE A 64 7.10 -2.63 2.56
CA ILE A 64 5.84 -3.24 2.94
C ILE A 64 6.08 -4.47 3.81
N ASN A 65 7.04 -5.32 3.44
CA ASN A 65 7.36 -6.53 4.19
C ASN A 65 7.82 -6.14 5.57
N GLN A 66 8.51 -5.01 5.68
CA GLN A 66 9.02 -4.49 6.94
C GLN A 66 7.86 -3.91 7.76
N THR A 67 6.83 -3.35 7.13
CA THR A 67 5.69 -2.80 7.86
C THR A 67 4.81 -3.92 8.41
N TYR A 68 4.50 -4.94 7.61
CA TYR A 68 3.63 -6.06 7.96
C TYR A 68 4.31 -7.38 8.29
N ASN A 69 5.64 -7.40 8.41
CA ASN A 69 6.46 -8.58 8.71
C ASN A 69 6.33 -9.73 7.69
N LEU A 70 5.86 -9.42 6.48
CA LEU A 70 5.64 -10.41 5.42
C LEU A 70 6.92 -10.64 4.60
N ASN A 71 6.78 -11.37 3.50
CA ASN A 71 7.82 -11.70 2.56
C ASN A 71 7.14 -11.59 1.19
N LEU A 72 7.58 -10.63 0.39
CA LEU A 72 7.09 -10.28 -0.93
C LEU A 72 8.28 -9.71 -1.68
N LYS A 73 8.15 -9.70 -3.00
CA LYS A 73 9.17 -9.23 -3.89
C LYS A 73 8.60 -8.38 -5.00
N ALA A 74 9.51 -7.92 -5.87
CA ALA A 74 9.26 -7.09 -7.03
C ALA A 74 8.11 -7.61 -7.88
N THR A 75 7.88 -8.92 -7.87
CA THR A 75 6.80 -9.56 -8.60
C THR A 75 5.48 -8.91 -8.18
N LYS A 76 5.32 -8.58 -6.89
CA LYS A 76 4.10 -7.94 -6.41
C LYS A 76 3.84 -6.62 -7.12
N LEU A 77 4.88 -5.84 -7.41
CA LEU A 77 4.76 -4.54 -8.08
C LEU A 77 4.29 -4.69 -9.52
N TYR A 78 4.52 -5.86 -10.13
CA TYR A 78 4.10 -6.11 -11.49
C TYR A 78 2.77 -6.85 -11.52
N ASP A 79 2.46 -7.61 -10.47
CA ASP A 79 1.22 -8.36 -10.31
C ASP A 79 0.11 -7.39 -10.00
N TYR A 80 0.38 -6.46 -9.09
CA TYR A 80 -0.51 -5.44 -8.57
C TYR A 80 0.12 -4.05 -8.67
N PRO A 81 0.01 -3.37 -9.82
CA PRO A 81 0.56 -2.03 -10.06
C PRO A 81 -0.27 -0.90 -9.43
N THR A 82 -1.33 -1.20 -8.68
CA THR A 82 -2.19 -0.18 -8.05
C THR A 82 -2.33 -0.43 -6.56
N LEU A 83 -2.64 0.62 -5.78
CA LEU A 83 -2.82 0.52 -4.33
C LEU A 83 -3.97 -0.43 -4.05
N LEU A 84 -5.07 -0.36 -4.80
CA LEU A 84 -6.21 -1.24 -4.55
C LEU A 84 -5.86 -2.72 -4.73
N GLU A 85 -5.08 -3.06 -5.76
CA GLU A 85 -4.71 -4.45 -5.97
C GLU A 85 -3.62 -4.89 -4.98
N LEU A 86 -2.61 -4.04 -4.75
CA LEU A 86 -1.50 -4.33 -3.85
C LEU A 86 -2.05 -4.54 -2.44
N SER A 87 -3.01 -3.71 -2.03
CA SER A 87 -3.63 -3.82 -0.72
C SER A 87 -4.48 -5.09 -0.64
N GLY A 88 -5.18 -5.44 -1.73
CA GLY A 88 -6.06 -6.59 -1.82
C GLY A 88 -5.38 -7.89 -1.47
N TYR A 89 -4.08 -8.02 -1.79
CA TYR A 89 -3.35 -9.24 -1.46
C TYR A 89 -2.93 -9.22 0.00
N ILE A 90 -2.29 -8.13 0.45
CA ILE A 90 -1.82 -7.99 1.82
C ILE A 90 -2.98 -8.11 2.82
N ALA A 91 -4.15 -7.55 2.50
CA ALA A 91 -5.34 -7.60 3.34
C ALA A 91 -5.63 -9.04 3.75
N GLN A 92 -5.62 -9.97 2.78
CA GLN A 92 -5.89 -11.39 2.97
C GLN A 92 -4.85 -12.10 3.84
N ILE A 93 -3.61 -11.61 3.82
CA ILE A 93 -2.56 -12.21 4.63
C ILE A 93 -2.80 -11.78 6.07
N LEU A 94 -2.89 -10.47 6.31
CA LEU A 94 -3.09 -9.89 7.62
C LEU A 94 -4.40 -10.32 8.26
N SER A 95 -5.49 -10.34 7.48
CA SER A 95 -6.80 -10.74 7.98
C SER A 95 -6.75 -12.19 8.51
N SER A 96 -5.83 -13.01 8.00
CA SER A 96 -5.68 -14.39 8.42
C SER A 96 -4.60 -14.57 9.50
N GLN A 97 -3.69 -13.61 9.70
CA GLN A 97 -2.69 -13.73 10.77
C GLN A 97 -3.44 -13.70 12.11
N GLY A 98 -4.60 -13.03 12.15
CA GLY A 98 -5.47 -12.89 13.30
C GLY A 98 -6.64 -13.87 13.26
N THR A 99 -6.39 -15.10 12.80
CA THR A 99 -7.36 -16.18 12.67
C THR A 99 -8.64 -15.68 12.01
P24 PNS B . 13.15 -4.36 -14.28
O25 PNS B . 12.54 -5.70 -14.13
O26 PNS B . 13.11 -3.72 -15.62
O27 PNS B . 14.67 -4.42 -13.75
C28 PNS B . 15.03 -4.43 -12.37
C29 PNS B . 14.90 -5.74 -11.56
C30 PNS B . 13.46 -6.07 -11.17
C31 PNS B . 15.57 -5.41 -10.21
C32 PNS B . 15.54 -6.99 -12.20
O33 PNS B . 15.00 -7.26 -13.47
C34 PNS B . 17.06 -6.87 -12.37
O35 PNS B . 17.51 -5.91 -13.02
N36 PNS B . 17.85 -7.46 -11.48
C37 PNS B . 17.51 -8.44 -10.46
C38 PNS B . 17.26 -9.82 -11.07
C39 PNS B . 16.68 -10.74 -10.03
O40 PNS B . 17.43 -11.38 -9.27
N41 PNS B . 15.38 -10.49 -9.76
C42 PNS B . 14.73 -10.76 -8.50
C43 PNS B . 14.81 -9.51 -7.60
S44 PNS B . 16.50 -9.07 -7.16
H282 PNS B . 16.08 -4.11 -12.32
H281 PNS B . 14.52 -3.64 -11.84
H303 PNS B . 12.89 -5.17 -10.97
H302 PNS B . 13.02 -6.63 -11.97
H301 PNS B . 13.42 -6.71 -10.29
H313 PNS B . 15.48 -6.24 -9.52
H312 PNS B . 16.63 -5.17 -10.35
H311 PNS B . 15.10 -4.53 -9.77
H32 PNS B . 15.30 -7.84 -11.57
H33 PNS B . 15.32 -6.62 -14.10
H36 PNS B . 18.55 -6.79 -11.23
H372 PNS B . 18.34 -8.51 -9.75
H371 PNS B . 16.63 -8.10 -9.92
H382 PNS B . 16.51 -9.72 -11.86
H381 PNS B . 18.18 -10.23 -11.48
H41 PNS B . 14.90 -9.87 -10.39
H422 PNS B . 13.68 -11.01 -8.68
H421 PNS B . 15.23 -11.60 -8.01
H431 PNS B . 14.36 -8.68 -8.15
H432 PNS B . 14.22 -9.68 -6.70
C1 MAH C . 16.69 -9.84 -5.65
C2 MAH C . 16.43 -9.03 -4.38
C3 MAH C . 17.58 -9.17 -3.37
C4 MAH C . 17.44 -8.11 -2.27
C5 MAH C . 16.13 -8.26 -1.49
C6 MAH C . 17.59 -10.58 -2.76
O1 MAH C . 16.60 -11.07 -5.71
O3 MAH C . 15.20 -7.50 -1.72
O4 MAH C . 16.10 -9.03 -0.36
O7 MAH C . 18.82 -8.92 -4.01
H21 MAH C . 16.32 -7.98 -4.66
H22 MAH C . 15.50 -9.36 -3.94
H41 MAH C . 18.27 -8.21 -1.58
H42 MAH C . 17.48 -7.12 -2.72
H61 MAH C . 16.58 -10.86 -2.44
H62 MAH C . 17.93 -11.30 -3.49
H63 MAH C . 18.24 -10.62 -1.89
HO4 MAH C . 15.26 -8.99 0.10
HO7 MAH C . 18.81 -8.03 -4.36
N SER A 1 -13.24 5.69 -1.31
CA SER A 1 -14.46 5.14 -0.73
C SER A 1 -14.36 4.98 0.78
N GLY A 2 -15.00 5.89 1.53
CA GLY A 2 -15.08 5.95 2.99
C GLY A 2 -13.81 6.33 3.76
N LEU A 3 -12.64 6.38 3.12
CA LEU A 3 -11.38 6.74 3.74
C LEU A 3 -10.81 7.88 2.92
N VAL A 4 -10.31 8.91 3.58
CA VAL A 4 -9.76 10.10 2.95
C VAL A 4 -8.32 10.34 3.42
N PRO A 5 -7.35 10.74 2.57
CA PRO A 5 -5.99 11.00 3.00
C PRO A 5 -6.02 12.29 3.82
N ARG A 6 -5.73 12.19 5.11
CA ARG A 6 -5.71 13.30 6.05
C ARG A 6 -4.64 13.05 7.10
N GLY A 7 -4.34 14.05 7.93
CA GLY A 7 -3.37 13.95 9.00
C GLY A 7 -4.22 14.00 10.23
N SER A 8 -4.71 12.84 10.65
CA SER A 8 -5.56 12.70 11.81
C SER A 8 -5.03 11.56 12.68
N HIS A 9 -5.68 11.32 13.81
CA HIS A 9 -5.32 10.24 14.71
C HIS A 9 -5.58 8.90 14.04
N MET A 10 -4.82 7.88 14.44
CA MET A 10 -4.95 6.54 13.90
C MET A 10 -6.30 5.95 14.32
N THR A 11 -6.82 5.03 13.51
CA THR A 11 -8.11 4.38 13.77
C THR A 11 -8.10 3.67 15.13
N PRO A 12 -9.29 3.40 15.72
CA PRO A 12 -9.42 2.72 17.01
C PRO A 12 -8.97 1.25 16.92
N GLN A 13 -9.39 0.40 17.85
CA GLN A 13 -9.09 -1.03 17.94
C GLN A 13 -9.67 -1.83 16.76
N VAL A 14 -9.21 -1.60 15.55
CA VAL A 14 -9.66 -2.27 14.35
C VAL A 14 -8.82 -3.53 14.26
N ASN A 15 -9.35 -4.55 14.91
CA ASN A 15 -8.81 -5.90 15.04
C ASN A 15 -8.82 -6.70 13.72
N GLN A 16 -9.29 -6.08 12.64
CA GLN A 16 -9.40 -6.61 11.29
C GLN A 16 -8.79 -5.58 10.33
N VAL A 17 -8.51 -5.95 9.07
CA VAL A 17 -7.90 -5.05 8.10
C VAL A 17 -8.63 -5.05 6.76
N ASN A 18 -9.51 -4.06 6.59
CA ASN A 18 -10.31 -3.85 5.38
C ASN A 18 -9.37 -3.47 4.23
N LEU A 19 -9.74 -3.83 3.00
CA LEU A 19 -9.00 -3.53 1.78
C LEU A 19 -8.58 -2.07 1.67
N SER A 20 -9.51 -1.18 2.00
CA SER A 20 -9.29 0.24 1.93
C SER A 20 -8.16 0.68 2.86
N GLU A 21 -7.99 0.03 4.02
CA GLU A 21 -6.94 0.38 4.97
C GLU A 21 -5.56 0.25 4.36
N ILE A 22 -5.23 -0.91 3.79
CA ILE A 22 -3.93 -1.14 3.19
C ILE A 22 -3.80 -0.24 1.98
N LYS A 23 -4.84 -0.13 1.16
CA LYS A 23 -4.79 0.70 -0.02
C LYS A 23 -4.43 2.15 0.32
N GLN A 24 -5.16 2.78 1.26
CA GLN A 24 -4.83 4.16 1.60
C GLN A 24 -3.42 4.27 2.19
N VAL A 25 -3.01 3.30 3.01
CA VAL A 25 -1.70 3.28 3.65
C VAL A 25 -0.65 3.23 2.55
N LEU A 26 -0.84 2.35 1.55
CA LEU A 26 0.06 2.23 0.44
C LEU A 26 0.16 3.56 -0.31
N LYS A 27 -0.89 4.40 -0.36
CA LYS A 27 -0.84 5.68 -1.07
C LYS A 27 0.22 6.56 -0.43
N GLN A 28 0.06 6.85 0.85
CA GLN A 28 0.98 7.72 1.58
C GLN A 28 2.41 7.22 1.42
N GLN A 29 2.57 5.90 1.55
CA GLN A 29 3.86 5.23 1.47
C GLN A 29 4.41 5.27 0.04
N LEU A 30 3.56 5.36 -0.99
CA LEU A 30 3.98 5.42 -2.38
C LEU A 30 4.40 6.84 -2.72
N ALA A 31 3.59 7.83 -2.36
CA ALA A 31 3.91 9.21 -2.68
C ALA A 31 5.26 9.61 -2.08
N GLU A 32 5.51 9.24 -0.82
CA GLU A 32 6.78 9.57 -0.17
C GLU A 32 7.96 8.88 -0.88
N ALA A 33 7.77 7.64 -1.32
CA ALA A 33 8.79 6.86 -2.01
C ALA A 33 9.07 7.39 -3.43
N LEU A 34 8.11 8.13 -4.01
CA LEU A 34 8.22 8.73 -5.34
C LEU A 34 8.51 10.24 -5.23
N TYR A 35 8.71 10.75 -4.00
CA TYR A 35 9.03 12.13 -3.68
C TYR A 35 7.93 13.13 -4.12
N THR A 36 6.65 12.83 -3.81
CA THR A 36 5.51 13.66 -4.16
C THR A 36 4.47 13.64 -3.03
N GLU A 37 3.28 14.17 -3.32
CA GLU A 37 2.11 14.27 -2.47
C GLU A 37 1.08 13.25 -2.88
N GLU A 38 0.27 12.85 -1.92
CA GLU A 38 -0.78 11.87 -2.12
C GLU A 38 -1.88 12.42 -3.03
N SER A 39 -1.93 13.74 -3.17
CA SER A 39 -2.88 14.44 -4.00
C SER A 39 -2.73 14.10 -5.47
N GLU A 40 -1.59 13.51 -5.85
CA GLU A 40 -1.34 13.18 -7.23
C GLU A 40 -1.53 11.69 -7.56
N ILE A 41 -1.59 10.84 -6.54
CA ILE A 41 -1.71 9.39 -6.67
C ILE A 41 -3.16 8.95 -6.84
N ALA A 42 -3.32 7.78 -7.46
CA ALA A 42 -4.58 7.11 -7.73
C ALA A 42 -4.41 5.66 -7.33
N GLU A 43 -5.46 5.10 -6.76
CA GLU A 43 -5.53 3.72 -6.27
C GLU A 43 -5.61 2.71 -7.38
N ASP A 44 -6.03 3.12 -8.58
CA ASP A 44 -6.18 2.26 -9.75
C ASP A 44 -5.21 2.65 -10.87
N GLN A 45 -4.38 3.67 -10.66
CA GLN A 45 -3.38 4.11 -11.64
C GLN A 45 -2.13 3.32 -11.37
N LYS A 46 -1.35 3.06 -12.42
CA LYS A 46 -0.16 2.26 -12.30
C LYS A 46 0.98 3.05 -11.67
N PHE A 47 1.63 2.53 -10.64
CA PHE A 47 2.76 3.17 -9.97
C PHE A 47 3.82 3.56 -10.99
N VAL A 48 4.06 2.73 -12.00
CA VAL A 48 5.04 3.03 -13.04
C VAL A 48 4.76 4.38 -13.69
N ASP A 49 3.49 4.77 -13.86
CA ASP A 49 3.12 6.05 -14.45
C ASP A 49 3.38 7.18 -13.46
N LEU A 50 3.20 6.89 -12.17
CA LEU A 50 3.44 7.82 -11.06
C LEU A 50 4.97 8.03 -10.92
N GLY A 51 5.80 7.12 -11.49
CA GLY A 51 7.25 7.16 -11.49
C GLY A 51 7.94 5.97 -10.83
N LEU A 52 7.24 4.87 -10.61
CA LEU A 52 7.78 3.67 -9.97
C LEU A 52 8.66 2.87 -10.89
N ASP A 53 9.95 2.89 -10.61
CA ASP A 53 10.94 2.15 -11.39
C ASP A 53 11.29 0.79 -10.81
N SER A 54 12.18 0.08 -11.49
CA SER A 54 12.59 -1.24 -11.07
C SER A 54 13.30 -1.29 -9.71
N ILE A 55 14.17 -0.31 -9.39
CA ILE A 55 14.93 -0.24 -8.16
C ILE A 55 13.97 0.24 -7.07
N VAL A 56 13.25 1.33 -7.33
CA VAL A 56 12.30 1.86 -6.38
C VAL A 56 11.23 0.81 -6.09
N GLY A 57 10.82 0.01 -7.09
CA GLY A 57 9.79 -0.98 -6.80
C GLY A 57 10.29 -2.09 -5.86
N VAL A 58 11.53 -2.54 -6.03
CA VAL A 58 12.10 -3.60 -5.20
C VAL A 58 12.36 -3.12 -3.76
N GLU A 59 12.82 -1.90 -3.55
CA GLU A 59 13.08 -1.41 -2.21
C GLU A 59 11.77 -1.08 -1.48
N TRP A 60 10.79 -0.53 -2.20
CA TRP A 60 9.51 -0.18 -1.61
C TRP A 60 8.75 -1.43 -1.20
N THR A 61 8.91 -2.53 -1.95
CA THR A 61 8.23 -3.77 -1.57
C THR A 61 8.71 -4.20 -0.17
N THR A 62 9.95 -3.86 0.22
CA THR A 62 10.48 -4.21 1.53
C THR A 62 9.78 -3.37 2.59
N THR A 63 9.55 -2.09 2.33
CA THR A 63 8.90 -1.16 3.23
C THR A 63 7.52 -1.74 3.63
N ILE A 64 6.81 -2.33 2.67
CA ILE A 64 5.50 -2.94 2.87
C ILE A 64 5.63 -4.21 3.73
N ASN A 65 6.69 -5.00 3.57
CA ASN A 65 6.89 -6.23 4.32
C ASN A 65 7.12 -5.90 5.77
N GLN A 66 7.93 -4.88 6.00
CA GLN A 66 8.30 -4.39 7.30
C GLN A 66 7.07 -3.84 8.00
N THR A 67 6.16 -3.17 7.27
CA THR A 67 4.96 -2.62 7.86
C THR A 67 4.05 -3.71 8.42
N TYR A 68 3.73 -4.72 7.60
CA TYR A 68 2.81 -5.79 7.99
C TYR A 68 3.46 -7.07 8.50
N ASN A 69 4.78 -7.08 8.64
CA ASN A 69 5.58 -8.23 9.10
C ASN A 69 5.36 -9.41 8.14
N LEU A 70 5.41 -9.17 6.83
CA LEU A 70 5.20 -10.17 5.78
C LEU A 70 6.51 -10.35 5.01
N ASN A 71 6.46 -11.06 3.88
CA ASN A 71 7.62 -11.30 3.03
C ASN A 71 7.13 -11.30 1.59
N LEU A 72 7.56 -10.31 0.81
CA LEU A 72 7.23 -10.06 -0.59
C LEU A 72 8.46 -9.57 -1.30
N LYS A 73 8.37 -9.60 -2.63
CA LYS A 73 9.40 -9.21 -3.55
C LYS A 73 8.88 -8.33 -4.65
N ALA A 74 9.81 -7.84 -5.44
CA ALA A 74 9.62 -6.93 -6.57
C ALA A 74 8.53 -7.41 -7.52
N THR A 75 8.32 -8.73 -7.62
CA THR A 75 7.31 -9.33 -8.46
C THR A 75 5.92 -8.75 -8.11
N LYS A 76 5.69 -8.46 -6.83
CA LYS A 76 4.42 -7.89 -6.38
C LYS A 76 4.19 -6.56 -7.07
N LEU A 77 5.19 -5.69 -7.09
CA LEU A 77 5.09 -4.38 -7.74
C LEU A 77 4.83 -4.52 -9.23
N TYR A 78 5.21 -5.63 -9.84
CA TYR A 78 5.00 -5.86 -11.26
C TYR A 78 3.63 -6.45 -11.53
N ASP A 79 3.13 -7.35 -10.68
CA ASP A 79 1.83 -7.97 -10.92
C ASP A 79 0.68 -7.11 -10.41
N TYR A 80 0.95 -6.31 -9.38
CA TYR A 80 0.01 -5.44 -8.73
C TYR A 80 0.55 -4.00 -8.80
N PRO A 81 0.35 -3.33 -9.93
CA PRO A 81 0.81 -1.97 -10.16
C PRO A 81 -0.08 -0.87 -9.55
N THR A 82 -1.17 -1.18 -8.85
CA THR A 82 -2.05 -0.17 -8.25
C THR A 82 -2.21 -0.41 -6.75
N LEU A 83 -2.73 0.57 -5.98
CA LEU A 83 -2.90 0.38 -4.54
C LEU A 83 -4.01 -0.63 -4.34
N LEU A 84 -5.04 -0.61 -5.19
CA LEU A 84 -6.14 -1.55 -5.09
C LEU A 84 -5.66 -2.98 -5.31
N GLU A 85 -4.68 -3.16 -6.19
CA GLU A 85 -4.12 -4.47 -6.49
C GLU A 85 -3.21 -4.96 -5.38
N LEU A 86 -2.24 -4.14 -4.96
CA LEU A 86 -1.32 -4.56 -3.91
C LEU A 86 -2.11 -4.86 -2.64
N SER A 87 -3.06 -3.97 -2.31
CA SER A 87 -3.87 -4.12 -1.12
C SER A 87 -4.68 -5.41 -1.14
N GLY A 88 -5.17 -5.81 -2.33
CA GLY A 88 -5.99 -6.99 -2.54
C GLY A 88 -5.35 -8.27 -2.02
N TYR A 89 -4.01 -8.36 -2.07
CA TYR A 89 -3.32 -9.53 -1.58
C TYR A 89 -3.07 -9.38 -0.08
N ILE A 90 -2.46 -8.27 0.35
CA ILE A 90 -2.13 -8.00 1.75
C ILE A 90 -3.36 -8.12 2.67
N ALA A 91 -4.52 -7.61 2.25
CA ALA A 91 -5.76 -7.65 3.01
C ALA A 91 -6.04 -9.08 3.48
N GLN A 92 -5.91 -10.07 2.58
CA GLN A 92 -6.18 -11.46 2.89
C GLN A 92 -5.15 -12.06 3.84
N ILE A 93 -3.91 -11.59 3.76
CA ILE A 93 -2.87 -12.09 4.63
C ILE A 93 -3.22 -11.60 6.03
N LEU A 94 -3.39 -10.29 6.19
CA LEU A 94 -3.71 -9.65 7.47
C LEU A 94 -5.02 -10.18 8.03
N SER A 95 -6.05 -10.34 7.20
CA SER A 95 -7.34 -10.86 7.65
C SER A 95 -7.19 -12.30 8.20
N SER A 96 -6.12 -13.00 7.80
CA SER A 96 -5.80 -14.35 8.24
C SER A 96 -4.79 -14.33 9.40
N GLN A 97 -4.04 -13.23 9.62
CA GLN A 97 -3.08 -13.15 10.72
C GLN A 97 -3.82 -13.15 12.06
N GLY A 98 -5.06 -12.66 12.08
CA GLY A 98 -5.91 -12.60 13.25
C GLY A 98 -6.97 -13.69 13.16
N THR A 99 -6.57 -14.95 13.06
CA THR A 99 -7.49 -16.09 12.98
C THR A 99 -8.22 -16.25 14.31
P24 PNS B . 14.02 -4.21 -13.15
O25 PNS B . 13.17 -5.20 -13.86
O26 PNS B . 15.12 -3.54 -13.88
O27 PNS B . 14.64 -4.95 -11.89
C28 PNS B . 15.43 -4.28 -10.91
C29 PNS B . 15.76 -5.24 -9.76
C30 PNS B . 14.45 -5.45 -9.04
C31 PNS B . 16.74 -4.53 -8.82
C32 PNS B . 16.28 -6.64 -10.17
O33 PNS B . 15.33 -7.46 -10.82
C34 PNS B . 17.53 -6.54 -11.04
O35 PNS B . 17.48 -5.93 -12.12
N36 PNS B . 18.72 -6.80 -10.49
C37 PNS B . 18.99 -7.67 -9.35
C38 PNS B . 18.74 -9.13 -9.74
C39 PNS B . 18.09 -10.04 -8.70
O40 PNS B . 17.97 -11.24 -8.97
N41 PNS B . 17.35 -9.44 -7.74
C42 PNS B . 16.38 -10.07 -6.86
C43 PNS B . 15.13 -9.21 -6.79
S44 PNS B . 14.03 -9.31 -8.24
H282 PNS B . 16.34 -3.88 -11.33
H281 PNS B . 14.88 -3.43 -10.51
H303 PNS B . 14.11 -4.51 -8.64
H302 PNS B . 13.76 -5.77 -9.81
H301 PNS B . 14.53 -6.19 -8.25
H313 PNS B . 16.85 -5.13 -7.91
H312 PNS B . 17.71 -4.40 -9.29
H311 PNS B . 16.36 -3.55 -8.54
H32 PNS B . 16.51 -7.17 -9.24
H33 PNS B . 15.19 -7.12 -11.70
H36 PNS B . 19.30 -6.01 -10.63
H372 PNS B . 20.03 -7.57 -9.06
H371 PNS B . 18.38 -7.36 -8.50
H382 PNS B . 18.10 -9.16 -10.62
H381 PNS B . 19.69 -9.57 -10.02
H41 PNS B . 17.40 -8.43 -7.68
H422 PNS B . 16.11 -11.06 -7.23
H421 PNS B . 16.82 -10.16 -5.87
H431 PNS B . 14.57 -9.51 -5.92
H432 PNS B . 15.42 -8.17 -6.65
C1 MAH C . 13.73 -11.00 -8.28
C2 MAH C . 13.38 -11.61 -9.64
C3 MAH C . 14.58 -12.18 -10.42
C4 MAH C . 14.08 -13.21 -11.45
C5 MAH C . 13.22 -14.36 -10.88
C6 MAH C . 15.28 -11.02 -11.15
O1 MAH C . 13.01 -11.26 -7.32
O3 MAH C . 12.26 -14.78 -11.51
O4 MAH C . 13.50 -14.91 -9.66
O7 MAH C . 15.52 -12.78 -9.55
H21 MAH C . 12.65 -12.40 -9.45
H22 MAH C . 12.89 -10.87 -10.26
H41 MAH C . 13.47 -12.69 -12.18
H42 MAH C . 14.93 -13.64 -11.97
H61 MAH C . 16.13 -11.40 -11.71
H62 MAH C . 14.58 -10.53 -11.84
H63 MAH C . 15.63 -10.29 -10.43
HO4 MAH C . 12.88 -15.61 -9.42
HO7 MAH C . 15.12 -13.55 -9.14
N SER A 1 -3.11 4.70 12.93
CA SER A 1 -4.49 4.91 12.49
C SER A 1 -4.68 6.36 12.05
N GLY A 2 -4.11 6.75 10.92
CA GLY A 2 -4.20 8.10 10.37
C GLY A 2 -5.22 8.21 9.24
N LEU A 3 -6.23 7.34 9.19
CA LEU A 3 -7.24 7.39 8.14
C LEU A 3 -8.13 8.61 8.32
N VAL A 4 -7.85 9.65 7.55
CA VAL A 4 -8.59 10.90 7.55
C VAL A 4 -9.54 10.82 6.35
N PRO A 5 -10.83 11.15 6.50
CA PRO A 5 -11.76 11.10 5.38
C PRO A 5 -11.29 12.08 4.30
N ARG A 6 -11.27 11.62 3.05
CA ARG A 6 -10.83 12.39 1.89
C ARG A 6 -11.76 12.32 0.70
N GLY A 7 -12.79 11.48 0.74
CA GLY A 7 -13.75 11.32 -0.35
C GLY A 7 -14.52 10.01 -0.28
N SER A 8 -14.22 9.14 0.67
CA SER A 8 -14.84 7.83 0.90
C SER A 8 -15.21 7.74 2.39
N HIS A 9 -15.78 6.62 2.83
CA HIS A 9 -16.22 6.40 4.20
C HIS A 9 -15.09 6.51 5.22
N MET A 10 -15.43 6.91 6.45
CA MET A 10 -14.46 7.02 7.53
C MET A 10 -14.23 5.59 8.05
N THR A 11 -13.10 5.34 8.72
CA THR A 11 -12.77 4.02 9.24
C THR A 11 -13.15 3.97 10.73
N PRO A 12 -14.14 3.15 11.11
CA PRO A 12 -14.59 3.00 12.49
C PRO A 12 -13.66 2.05 13.25
N GLN A 13 -14.11 1.52 14.38
CA GLN A 13 -13.35 0.57 15.17
C GLN A 13 -13.29 -0.73 14.33
N VAL A 14 -12.14 -0.94 13.69
CA VAL A 14 -11.83 -2.06 12.83
C VAL A 14 -10.59 -2.70 13.45
N ASN A 15 -10.80 -3.79 14.17
CA ASN A 15 -9.74 -4.52 14.83
C ASN A 15 -8.73 -5.09 13.84
N GLN A 16 -9.23 -5.79 12.82
CA GLN A 16 -8.36 -6.37 11.81
C GLN A 16 -7.84 -5.28 10.89
N VAL A 17 -6.90 -5.67 10.05
CA VAL A 17 -6.27 -4.73 9.12
C VAL A 17 -7.15 -4.53 7.88
N ASN A 18 -7.99 -3.49 7.94
CA ASN A 18 -8.90 -3.07 6.88
C ASN A 18 -8.11 -2.65 5.65
N LEU A 19 -8.65 -2.85 4.46
CA LEU A 19 -8.03 -2.49 3.19
C LEU A 19 -7.46 -1.07 3.17
N SER A 20 -8.19 -0.12 3.75
CA SER A 20 -7.80 1.27 3.79
C SER A 20 -6.54 1.47 4.63
N GLU A 21 -6.34 0.69 5.69
CA GLU A 21 -5.16 0.81 6.54
C GLU A 21 -3.90 0.60 5.71
N ILE A 22 -3.82 -0.49 4.97
CA ILE A 22 -2.66 -0.79 4.14
C ILE A 22 -2.60 0.20 2.98
N LYS A 23 -3.72 0.51 2.30
CA LYS A 23 -3.69 1.43 1.17
C LYS A 23 -3.14 2.79 1.59
N GLN A 24 -3.72 3.37 2.64
CA GLN A 24 -3.28 4.68 3.11
C GLN A 24 -1.81 4.65 3.56
N VAL A 25 -1.35 3.56 4.17
CA VAL A 25 0.02 3.39 4.63
C VAL A 25 0.90 3.35 3.38
N LEU A 26 0.56 2.48 2.43
CA LEU A 26 1.28 2.33 1.17
C LEU A 26 1.38 3.66 0.44
N LYS A 27 0.41 4.59 0.57
CA LYS A 27 0.48 5.88 -0.11
C LYS A 27 1.72 6.62 0.35
N GLN A 28 1.82 6.87 1.65
CA GLN A 28 2.95 7.59 2.22
C GLN A 28 4.26 6.90 1.91
N GLN A 29 4.24 5.57 1.90
CA GLN A 29 5.41 4.74 1.64
C GLN A 29 5.80 4.87 0.17
N LEU A 30 4.83 5.02 -0.74
CA LEU A 30 5.07 5.14 -2.17
C LEU A 30 5.57 6.53 -2.47
N ALA A 31 4.92 7.57 -1.93
CA ALA A 31 5.35 8.93 -2.21
C ALA A 31 6.80 9.12 -1.77
N GLU A 32 7.18 8.63 -0.58
CA GLU A 32 8.56 8.78 -0.13
C GLU A 32 9.53 8.00 -1.00
N ALA A 33 9.11 6.81 -1.45
CA ALA A 33 9.92 5.95 -2.31
C ALA A 33 10.13 6.58 -3.68
N LEU A 34 9.25 7.52 -4.07
CA LEU A 34 9.31 8.23 -5.34
C LEU A 34 9.81 9.68 -5.16
N TYR A 35 10.09 10.13 -3.94
CA TYR A 35 10.56 11.46 -3.54
C TYR A 35 9.50 12.55 -3.78
N THR A 36 8.22 12.29 -3.51
CA THR A 36 7.12 13.24 -3.70
C THR A 36 6.25 13.33 -2.45
N GLU A 37 5.07 13.93 -2.59
CA GLU A 37 4.08 14.11 -1.55
C GLU A 37 2.91 13.20 -1.83
N GLU A 38 2.25 12.78 -0.76
CA GLU A 38 1.12 11.88 -0.84
C GLU A 38 -0.06 12.47 -1.61
N SER A 39 -0.16 13.78 -1.66
CA SER A 39 -1.25 14.43 -2.35
C SER A 39 -1.22 14.17 -3.86
N GLU A 40 -0.08 13.75 -4.43
CA GLU A 40 -0.01 13.50 -5.86
C GLU A 40 -0.46 12.08 -6.24
N ILE A 41 -0.37 11.18 -5.26
CA ILE A 41 -0.68 9.78 -5.39
C ILE A 41 -2.20 9.56 -5.43
N ALA A 42 -2.57 8.49 -6.11
CA ALA A 42 -3.94 8.04 -6.26
C ALA A 42 -3.95 6.59 -5.82
N GLU A 43 -5.10 6.08 -5.43
CA GLU A 43 -5.27 4.70 -4.95
C GLU A 43 -5.50 3.69 -6.07
N ASP A 44 -5.93 4.21 -7.21
CA ASP A 44 -6.29 3.59 -8.46
C ASP A 44 -5.31 3.93 -9.59
N GLN A 45 -4.30 4.78 -9.33
CA GLN A 45 -3.31 5.14 -10.35
C GLN A 45 -2.12 4.20 -10.27
N LYS A 46 -1.55 3.86 -11.43
CA LYS A 46 -0.42 2.96 -11.51
C LYS A 46 0.79 3.67 -10.92
N PHE A 47 1.53 3.01 -10.02
CA PHE A 47 2.73 3.59 -9.43
C PHE A 47 3.71 4.04 -10.51
N VAL A 48 3.78 3.34 -11.64
CA VAL A 48 4.68 3.68 -12.74
C VAL A 48 4.42 5.12 -13.22
N ASP A 49 3.16 5.56 -13.19
CA ASP A 49 2.74 6.90 -13.59
C ASP A 49 3.29 7.91 -12.61
N LEU A 50 3.31 7.57 -11.31
CA LEU A 50 3.84 8.42 -10.25
C LEU A 50 5.38 8.47 -10.40
N GLY A 51 6.01 7.47 -11.05
CA GLY A 51 7.45 7.37 -11.29
C GLY A 51 8.08 6.05 -10.82
N LEU A 52 7.28 5.00 -10.61
CA LEU A 52 7.77 3.69 -10.13
C LEU A 52 8.45 2.93 -11.24
N ASP A 53 9.77 2.82 -11.15
CA ASP A 53 10.57 2.11 -12.13
C ASP A 53 10.78 0.67 -11.69
N SER A 54 11.26 -0.19 -12.59
CA SER A 54 11.50 -1.60 -12.27
C SER A 54 12.43 -1.84 -11.08
N ILE A 55 13.40 -0.96 -10.84
CA ILE A 55 14.34 -1.09 -9.74
C ILE A 55 13.63 -0.66 -8.46
N VAL A 56 13.03 0.53 -8.50
CA VAL A 56 12.31 1.10 -7.37
C VAL A 56 11.19 0.14 -6.93
N GLY A 57 10.56 -0.58 -7.85
CA GLY A 57 9.47 -1.49 -7.53
C GLY A 57 9.97 -2.71 -6.73
N VAL A 58 11.15 -3.22 -7.04
CA VAL A 58 11.68 -4.38 -6.32
C VAL A 58 12.13 -3.98 -4.92
N GLU A 59 12.83 -2.84 -4.76
CA GLU A 59 13.29 -2.42 -3.44
C GLU A 59 12.13 -1.97 -2.56
N TRP A 60 11.14 -1.29 -3.13
CA TRP A 60 9.98 -0.83 -2.38
C TRP A 60 9.22 -2.05 -1.85
N THR A 61 9.17 -3.12 -2.64
CA THR A 61 8.53 -4.36 -2.23
C THR A 61 9.13 -4.87 -0.91
N THR A 62 10.42 -4.60 -0.66
CA THR A 62 11.07 -5.05 0.56
C THR A 62 10.54 -4.28 1.76
N THR A 63 10.33 -2.97 1.63
CA THR A 63 9.84 -2.11 2.71
C THR A 63 8.52 -2.69 3.25
N ILE A 64 7.63 -3.13 2.36
CA ILE A 64 6.34 -3.73 2.71
C ILE A 64 6.57 -5.01 3.52
N ASN A 65 7.48 -5.88 3.06
CA ASN A 65 7.74 -7.14 3.72
C ASN A 65 8.18 -6.91 5.14
N GLN A 66 9.09 -5.96 5.30
CA GLN A 66 9.67 -5.56 6.57
C GLN A 66 8.62 -4.87 7.45
N THR A 67 7.61 -4.23 6.83
CA THR A 67 6.56 -3.57 7.57
C THR A 67 5.62 -4.59 8.22
N TYR A 68 5.11 -5.53 7.43
CA TYR A 68 4.13 -6.52 7.86
C TYR A 68 4.69 -7.90 8.23
N ASN A 69 6.00 -8.10 8.16
CA ASN A 69 6.71 -9.35 8.43
C ASN A 69 6.28 -10.43 7.44
N LEU A 70 6.17 -10.05 6.16
CA LEU A 70 5.74 -10.93 5.07
C LEU A 70 6.88 -11.27 4.12
N ASN A 71 6.52 -11.92 3.01
CA ASN A 71 7.38 -12.38 1.94
C ASN A 71 6.73 -12.07 0.60
N LEU A 72 7.32 -11.15 -0.15
CA LEU A 72 6.86 -10.68 -1.46
C LEU A 72 8.08 -10.21 -2.22
N LYS A 73 7.81 -10.04 -3.49
CA LYS A 73 8.73 -9.66 -4.54
C LYS A 73 8.10 -8.64 -5.45
N ALA A 74 8.94 -8.20 -6.36
CA ALA A 74 8.73 -7.24 -7.42
C ALA A 74 7.46 -7.53 -8.23
N THR A 75 7.14 -8.82 -8.42
CA THR A 75 5.96 -9.23 -9.16
C THR A 75 4.70 -8.59 -8.56
N LYS A 76 4.67 -8.33 -7.23
CA LYS A 76 3.51 -7.69 -6.60
C LYS A 76 3.30 -6.31 -7.22
N LEU A 77 4.38 -5.54 -7.38
CA LEU A 77 4.33 -4.20 -7.96
C LEU A 77 3.80 -4.27 -9.40
N TYR A 78 4.00 -5.39 -10.10
CA TYR A 78 3.56 -5.59 -11.47
C TYR A 78 2.10 -6.03 -11.54
N ASP A 79 1.67 -6.93 -10.65
CA ASP A 79 0.30 -7.43 -10.68
C ASP A 79 -0.67 -6.44 -10.07
N TYR A 80 -0.18 -5.70 -9.07
CA TYR A 80 -0.93 -4.73 -8.32
C TYR A 80 -0.22 -3.38 -8.40
N PRO A 81 -0.26 -2.71 -9.56
CA PRO A 81 0.35 -1.40 -9.73
C PRO A 81 -0.42 -0.31 -9.00
N THR A 82 -1.53 -0.61 -8.32
CA THR A 82 -2.33 0.36 -7.60
C THR A 82 -2.35 0.07 -6.10
N LEU A 83 -2.46 1.11 -5.26
CA LEU A 83 -2.49 1.00 -3.80
C LEU A 83 -3.64 0.10 -3.41
N LEU A 84 -4.81 0.23 -4.04
CA LEU A 84 -5.96 -0.59 -3.70
C LEU A 84 -5.70 -2.08 -3.85
N GLU A 85 -4.99 -2.46 -4.90
CA GLU A 85 -4.66 -3.84 -5.20
C GLU A 85 -3.56 -4.35 -4.27
N LEU A 86 -2.48 -3.56 -4.18
CA LEU A 86 -1.34 -3.89 -3.36
C LEU A 86 -1.79 -4.06 -1.91
N SER A 87 -2.70 -3.19 -1.47
CA SER A 87 -3.25 -3.23 -0.14
C SER A 87 -4.15 -4.44 0.01
N GLY A 88 -4.99 -4.74 -0.98
CA GLY A 88 -5.92 -5.87 -0.94
C GLY A 88 -5.21 -7.18 -0.66
N TYR A 89 -4.10 -7.42 -1.36
CA TYR A 89 -3.38 -8.66 -1.17
C TYR A 89 -2.81 -8.72 0.25
N ILE A 90 -2.22 -7.64 0.74
CA ILE A 90 -1.65 -7.63 2.09
C ILE A 90 -2.78 -7.69 3.14
N ALA A 91 -3.95 -7.09 2.89
CA ALA A 91 -5.11 -7.06 3.78
C ALA A 91 -5.51 -8.49 4.12
N GLN A 92 -5.66 -9.35 3.11
CA GLN A 92 -6.07 -10.72 3.35
C GLN A 92 -5.03 -11.43 4.23
N ILE A 93 -3.73 -11.26 3.94
CA ILE A 93 -2.66 -11.89 4.71
C ILE A 93 -2.74 -11.43 6.18
N LEU A 94 -2.74 -10.12 6.43
CA LEU A 94 -2.80 -9.58 7.78
C LEU A 94 -4.06 -10.01 8.50
N SER A 95 -5.20 -9.98 7.81
CA SER A 95 -6.46 -10.39 8.42
C SER A 95 -6.46 -11.88 8.81
N SER A 96 -5.50 -12.66 8.29
CA SER A 96 -5.33 -14.08 8.59
C SER A 96 -4.36 -14.25 9.77
N GLN A 97 -3.29 -13.45 9.80
CA GLN A 97 -2.26 -13.48 10.83
C GLN A 97 -2.77 -13.26 12.25
N GLY A 98 -3.88 -12.53 12.42
CA GLY A 98 -4.43 -12.26 13.74
C GLY A 98 -5.60 -13.14 14.12
N THR A 99 -5.85 -14.20 13.34
CA THR A 99 -6.90 -15.19 13.47
C THR A 99 -8.29 -14.61 13.21
P24 PNS B . 12.07 -4.86 -14.33
O25 PNS B . 11.22 -6.04 -14.06
O26 PNS B . 12.16 -4.34 -15.72
O27 PNS B . 13.56 -5.25 -13.84
C28 PNS B . 14.02 -5.15 -12.49
C29 PNS B . 13.90 -6.37 -11.55
C30 PNS B . 12.49 -6.47 -10.96
C31 PNS B . 14.88 -6.11 -10.37
C32 PNS B . 14.26 -7.66 -12.31
O33 PNS B . 15.59 -7.67 -12.80
C34 PNS B . 14.01 -8.96 -11.54
O35 PNS B . 14.54 -9.20 -10.45
N36 PNS B . 13.05 -9.72 -12.07
C37 PNS B . 12.50 -10.89 -11.42
C38 PNS B . 11.30 -10.46 -10.58
C39 PNS B . 11.42 -10.92 -9.12
O40 PNS B . 10.54 -11.63 -8.62
N41 PNS B . 12.45 -10.41 -8.42
C42 PNS B . 12.90 -10.93 -7.15
C43 PNS B . 13.70 -9.87 -6.38
S44 PNS B . 14.83 -10.60 -5.18
H282 PNS B . 15.07 -4.89 -12.55
H281 PNS B . 13.52 -4.32 -12.01
H303 PNS B . 12.20 -5.51 -10.52
H302 PNS B . 11.77 -6.72 -11.73
H301 PNS B . 12.43 -7.22 -10.18
H313 PNS B . 14.70 -6.82 -9.57
H312 PNS B . 15.91 -6.17 -10.71
H311 PNS B . 14.71 -5.10 -10.00
H32 PNS B . 13.60 -7.68 -13.16
H33 PNS B . 16.19 -7.70 -12.05
H36 PNS B . 12.58 -9.31 -12.87
H372 PNS B . 12.20 -11.63 -12.16
H371 PNS B . 13.26 -11.34 -10.78
H382 PNS B . 11.21 -9.38 -10.60
H381 PNS B . 10.40 -10.89 -11.01
H41 PNS B . 13.09 -9.78 -8.91
H422 PNS B . 12.05 -11.26 -6.55
H421 PNS B . 13.55 -11.78 -7.35
H431 PNS B . 14.27 -9.28 -7.08
H432 PNS B . 12.99 -9.23 -5.86
C1 MAH C . 16.29 -10.49 -6.07
C2 MAH C . 17.39 -9.50 -5.65
C3 MAH C . 17.27 -8.11 -6.29
C4 MAH C . 18.52 -7.27 -5.92
C5 MAH C . 18.84 -7.24 -4.41
C6 MAH C . 17.18 -8.16 -7.83
O1 MAH C . 16.36 -11.28 -7.02
O3 MAH C . 19.98 -7.47 -4.02
O4 MAH C . 17.89 -6.86 -3.52
O7 MAH C . 16.10 -7.48 -5.83
H21 MAH C . 17.35 -9.40 -4.57
H22 MAH C . 18.35 -9.95 -5.89
H41 MAH C . 19.38 -7.68 -6.44
H42 MAH C . 18.39 -6.25 -6.27
H61 MAH C . 16.31 -8.72 -8.14
H62 MAH C . 17.08 -7.14 -8.23
H63 MAH C . 18.07 -8.61 -8.25
HO4 MAH C . 18.21 -6.85 -2.61
HO7 MAH C . 16.21 -7.28 -4.89
N SER A 1 -7.12 1.77 14.66
CA SER A 1 -7.31 2.24 13.28
C SER A 1 -6.73 3.61 13.07
N GLY A 2 -6.14 3.88 11.91
CA GLY A 2 -5.56 5.19 11.61
C GLY A 2 -6.21 5.90 10.44
N LEU A 3 -7.41 5.47 10.06
CA LEU A 3 -8.15 6.03 8.93
C LEU A 3 -8.97 7.22 9.36
N VAL A 4 -8.41 8.40 9.13
CA VAL A 4 -9.05 9.66 9.40
C VAL A 4 -8.94 10.36 8.04
N PRO A 5 -9.93 10.21 7.13
CA PRO A 5 -9.85 10.83 5.81
C PRO A 5 -10.01 12.34 5.86
N ARG A 6 -9.48 13.04 4.84
CA ARG A 6 -9.55 14.50 4.75
C ARG A 6 -10.99 15.03 4.63
N GLY A 7 -11.98 14.17 4.39
CA GLY A 7 -13.38 14.54 4.27
C GLY A 7 -14.03 13.89 3.07
N SER A 8 -13.91 12.56 2.96
CA SER A 8 -14.47 11.80 1.85
C SER A 8 -15.49 10.79 2.39
N HIS A 9 -15.06 9.77 3.14
CA HIS A 9 -15.94 8.76 3.70
C HIS A 9 -15.25 8.05 4.89
N MET A 10 -15.64 8.34 6.13
CA MET A 10 -15.05 7.65 7.29
C MET A 10 -15.59 6.21 7.30
N THR A 11 -14.92 5.31 8.00
CA THR A 11 -15.29 3.90 8.07
C THR A 11 -15.81 3.50 9.48
N PRO A 12 -16.47 2.34 9.65
CA PRO A 12 -16.97 1.87 10.94
C PRO A 12 -15.82 1.34 11.81
N GLN A 13 -16.13 0.79 12.98
CA GLN A 13 -15.14 0.23 13.90
C GLN A 13 -14.61 -1.10 13.32
N VAL A 14 -13.68 -1.01 12.39
CA VAL A 14 -13.03 -2.13 11.72
C VAL A 14 -11.70 -2.24 12.46
N ASN A 15 -11.69 -2.97 13.57
CA ASN A 15 -10.50 -3.14 14.37
C ASN A 15 -9.38 -3.87 13.62
N GLN A 16 -9.76 -4.88 12.83
CA GLN A 16 -8.83 -5.67 12.03
C GLN A 16 -8.19 -4.76 10.97
N VAL A 17 -7.12 -5.24 10.35
CA VAL A 17 -6.42 -4.46 9.32
C VAL A 17 -7.26 -4.48 8.04
N ASN A 18 -8.05 -3.41 7.86
CA ASN A 18 -8.93 -3.15 6.73
C ASN A 18 -8.11 -2.76 5.52
N LEU A 19 -8.62 -2.96 4.32
CA LEU A 19 -7.98 -2.62 3.05
C LEU A 19 -7.50 -1.17 3.01
N SER A 20 -8.30 -0.24 3.51
CA SER A 20 -7.96 1.16 3.51
C SER A 20 -6.73 1.42 4.39
N GLU A 21 -6.54 0.68 5.49
CA GLU A 21 -5.41 0.85 6.42
C GLU A 21 -4.05 0.66 5.71
N ILE A 22 -3.87 -0.47 5.03
CA ILE A 22 -2.62 -0.77 4.33
C ILE A 22 -2.53 0.14 3.11
N LYS A 23 -3.63 0.36 2.37
CA LYS A 23 -3.57 1.23 1.19
C LYS A 23 -3.05 2.62 1.58
N GLN A 24 -3.61 3.27 2.61
CA GLN A 24 -3.11 4.60 2.96
C GLN A 24 -1.65 4.54 3.43
N VAL A 25 -1.25 3.47 4.11
CA VAL A 25 0.12 3.29 4.60
C VAL A 25 1.02 3.22 3.36
N LEU A 26 0.66 2.38 2.40
CA LEU A 26 1.37 2.21 1.14
C LEU A 26 1.44 3.53 0.39
N LYS A 27 0.46 4.45 0.51
CA LYS A 27 0.51 5.73 -0.19
C LYS A 27 1.73 6.49 0.29
N GLN A 28 1.82 6.75 1.59
CA GLN A 28 2.95 7.51 2.13
C GLN A 28 4.26 6.84 1.78
N GLN A 29 4.28 5.51 1.87
CA GLN A 29 5.45 4.70 1.60
C GLN A 29 5.84 4.78 0.12
N LEU A 30 4.86 4.88 -0.78
CA LEU A 30 5.10 4.98 -2.21
C LEU A 30 5.59 6.37 -2.54
N ALA A 31 4.92 7.39 -2.01
CA ALA A 31 5.31 8.76 -2.28
C ALA A 31 6.74 8.99 -1.86
N GLU A 32 7.14 8.54 -0.67
CA GLU A 32 8.51 8.73 -0.22
C GLU A 32 9.50 7.93 -1.05
N ALA A 33 9.11 6.73 -1.48
CA ALA A 33 9.96 5.87 -2.31
C ALA A 33 10.17 6.49 -3.70
N LEU A 34 9.24 7.36 -4.11
CA LEU A 34 9.27 8.09 -5.37
C LEU A 34 9.70 9.55 -5.11
N TYR A 35 10.08 9.89 -3.87
CA TYR A 35 10.53 11.21 -3.41
C TYR A 35 9.53 12.32 -3.77
N THR A 36 8.22 12.06 -3.68
CA THR A 36 7.14 12.97 -4.02
C THR A 36 6.19 13.14 -2.84
N GLU A 37 5.03 13.72 -3.08
CA GLU A 37 4.02 13.97 -2.07
C GLU A 37 2.87 13.01 -2.21
N GLU A 38 2.23 12.70 -1.09
CA GLU A 38 1.09 11.80 -1.07
C GLU A 38 -0.10 12.41 -1.79
N SER A 39 -0.16 13.74 -1.82
CA SER A 39 -1.21 14.50 -2.46
C SER A 39 -1.22 14.31 -3.96
N GLU A 40 -0.22 13.62 -4.52
CA GLU A 40 -0.11 13.39 -5.94
C GLU A 40 -0.37 11.92 -6.35
N ILE A 41 -0.48 11.02 -5.37
CA ILE A 41 -0.68 9.58 -5.55
C ILE A 41 -2.18 9.28 -5.65
N ALA A 42 -2.50 8.10 -6.19
CA ALA A 42 -3.85 7.60 -6.34
C ALA A 42 -3.86 6.16 -5.86
N GLU A 43 -5.03 5.65 -5.54
CA GLU A 43 -5.20 4.29 -5.01
C GLU A 43 -5.37 3.23 -6.10
N ASP A 44 -5.87 3.65 -7.25
CA ASP A 44 -6.18 2.90 -8.46
C ASP A 44 -5.28 3.26 -9.65
N GLN A 45 -4.31 4.16 -9.45
CA GLN A 45 -3.35 4.60 -10.46
C GLN A 45 -2.11 3.73 -10.36
N LYS A 46 -1.49 3.46 -11.50
CA LYS A 46 -0.32 2.60 -11.54
C LYS A 46 0.89 3.31 -10.96
N PHE A 47 1.64 2.68 -10.07
CA PHE A 47 2.83 3.26 -9.47
C PHE A 47 3.80 3.76 -10.54
N VAL A 48 3.94 3.06 -11.67
CA VAL A 48 4.84 3.45 -12.74
C VAL A 48 4.53 4.88 -13.23
N ASP A 49 3.25 5.27 -13.26
CA ASP A 49 2.81 6.60 -13.68
C ASP A 49 3.30 7.64 -12.69
N LEU A 50 3.30 7.30 -11.40
CA LEU A 50 3.77 8.18 -10.34
C LEU A 50 5.31 8.30 -10.44
N GLY A 51 5.99 7.34 -11.07
CA GLY A 51 7.43 7.29 -11.25
C GLY A 51 8.08 6.00 -10.77
N LEU A 52 7.30 4.95 -10.51
CA LEU A 52 7.83 3.66 -10.03
C LEU A 52 8.59 3.00 -11.14
N ASP A 53 9.90 3.05 -11.03
CA ASP A 53 10.74 2.45 -12.03
C ASP A 53 10.99 1.01 -11.59
N SER A 54 11.40 0.20 -12.54
CA SER A 54 11.66 -1.21 -12.33
C SER A 54 12.60 -1.49 -11.15
N ILE A 55 13.58 -0.62 -10.89
CA ILE A 55 14.51 -0.82 -9.78
C ILE A 55 13.80 -0.42 -8.49
N VAL A 56 13.14 0.74 -8.49
CA VAL A 56 12.42 1.26 -7.35
C VAL A 56 11.35 0.27 -6.89
N GLY A 57 10.75 -0.51 -7.80
CA GLY A 57 9.72 -1.45 -7.44
C GLY A 57 10.28 -2.61 -6.63
N VAL A 58 11.41 -3.17 -7.07
CA VAL A 58 12.01 -4.28 -6.37
C VAL A 58 12.54 -3.87 -5.00
N GLU A 59 13.09 -2.66 -4.84
CA GLU A 59 13.59 -2.25 -3.54
C GLU A 59 12.46 -1.87 -2.59
N TRP A 60 11.42 -1.21 -3.08
CA TRP A 60 10.27 -0.79 -2.28
C TRP A 60 9.51 -2.01 -1.76
N THR A 61 9.43 -3.09 -2.55
CA THR A 61 8.75 -4.31 -2.12
C THR A 61 9.35 -4.82 -0.78
N THR A 62 10.63 -4.56 -0.54
CA THR A 62 11.30 -5.00 0.67
C THR A 62 10.82 -4.20 1.89
N THR A 63 10.60 -2.90 1.74
CA THR A 63 10.17 -2.02 2.82
C THR A 63 8.89 -2.56 3.45
N ILE A 64 7.96 -3.01 2.61
CA ILE A 64 6.69 -3.56 3.02
C ILE A 64 6.89 -4.86 3.81
N ASN A 65 7.84 -5.69 3.41
CA ASN A 65 8.10 -6.94 4.09
C ASN A 65 8.56 -6.65 5.50
N GLN A 66 9.49 -5.70 5.63
CA GLN A 66 10.04 -5.31 6.91
C GLN A 66 8.91 -4.70 7.76
N THR A 67 8.03 -3.93 7.13
CA THR A 67 6.92 -3.29 7.82
C THR A 67 5.96 -4.29 8.44
N TYR A 68 5.54 -5.31 7.69
CA TYR A 68 4.56 -6.30 8.14
C TYR A 68 5.09 -7.68 8.53
N ASN A 69 6.41 -7.89 8.49
CA ASN A 69 7.08 -9.16 8.79
C ASN A 69 6.66 -10.24 7.77
N LEU A 70 6.54 -9.85 6.50
CA LEU A 70 6.12 -10.72 5.41
C LEU A 70 7.29 -11.03 4.47
N ASN A 71 7.03 -11.70 3.36
CA ASN A 71 8.00 -12.08 2.34
C ASN A 71 7.35 -11.83 0.98
N LEU A 72 7.87 -10.87 0.24
CA LEU A 72 7.38 -10.44 -1.07
C LEU A 72 8.56 -9.93 -1.87
N LYS A 73 8.33 -9.89 -3.16
CA LYS A 73 9.25 -9.49 -4.19
C LYS A 73 8.58 -8.62 -5.23
N ALA A 74 9.38 -8.20 -6.21
CA ALA A 74 9.01 -7.37 -7.35
C ALA A 74 7.77 -7.90 -8.07
N THR A 75 7.51 -9.22 -7.99
CA THR A 75 6.34 -9.85 -8.60
C THR A 75 5.10 -9.12 -8.08
N LYS A 76 5.10 -8.68 -6.81
CA LYS A 76 3.95 -7.96 -6.26
C LYS A 76 3.74 -6.62 -6.97
N LEU A 77 4.80 -5.85 -7.24
CA LEU A 77 4.71 -4.55 -7.93
C LEU A 77 4.25 -4.73 -9.36
N TYR A 78 4.42 -5.92 -9.93
CA TYR A 78 4.03 -6.23 -11.29
C TYR A 78 2.56 -6.62 -11.30
N ASP A 79 2.16 -7.52 -10.40
CA ASP A 79 0.82 -8.06 -10.26
C ASP A 79 -0.20 -7.08 -9.69
N TYR A 80 0.27 -6.20 -8.82
CA TYR A 80 -0.55 -5.21 -8.14
C TYR A 80 0.12 -3.85 -8.24
N PRO A 81 0.06 -3.20 -9.42
CA PRO A 81 0.65 -1.89 -9.64
C PRO A 81 -0.14 -0.76 -8.96
N THR A 82 -1.22 -1.03 -8.23
CA THR A 82 -2.04 -0.01 -7.56
C THR A 82 -2.05 -0.22 -6.04
N LEU A 83 -2.27 0.85 -5.26
CA LEU A 83 -2.31 0.74 -3.80
C LEU A 83 -3.42 -0.19 -3.35
N LEU A 84 -4.60 -0.11 -3.97
CA LEU A 84 -5.74 -0.95 -3.58
C LEU A 84 -5.42 -2.43 -3.69
N GLU A 85 -4.75 -2.82 -4.77
CA GLU A 85 -4.39 -4.20 -5.05
C GLU A 85 -3.23 -4.65 -4.15
N LEU A 86 -2.17 -3.85 -4.08
CA LEU A 86 -0.99 -4.16 -3.28
C LEU A 86 -1.44 -4.33 -1.82
N SER A 87 -2.39 -3.49 -1.41
CA SER A 87 -2.99 -3.48 -0.10
C SER A 87 -3.82 -4.75 0.12
N GLY A 88 -4.66 -5.11 -0.85
CA GLY A 88 -5.53 -6.28 -0.76
C GLY A 88 -4.79 -7.56 -0.47
N TYR A 89 -3.61 -7.73 -1.07
CA TYR A 89 -2.86 -8.94 -0.83
C TYR A 89 -2.35 -8.97 0.61
N ILE A 90 -1.86 -7.85 1.13
CA ILE A 90 -1.34 -7.76 2.49
C ILE A 90 -2.50 -7.82 3.51
N ALA A 91 -3.66 -7.22 3.21
CA ALA A 91 -4.83 -7.18 4.08
C ALA A 91 -5.19 -8.58 4.56
N GLN A 92 -5.32 -9.53 3.64
CA GLN A 92 -5.69 -10.89 3.98
C GLN A 92 -4.64 -11.56 4.87
N ILE A 93 -3.36 -11.26 4.66
CA ILE A 93 -2.27 -11.82 5.44
C ILE A 93 -2.36 -11.27 6.86
N LEU A 94 -2.39 -9.95 7.01
CA LEU A 94 -2.45 -9.30 8.31
C LEU A 94 -3.69 -9.67 9.10
N SER A 95 -4.85 -9.70 8.45
CA SER A 95 -6.09 -10.05 9.13
C SER A 95 -6.03 -11.50 9.67
N SER A 96 -5.20 -12.35 9.07
CA SER A 96 -4.97 -13.76 9.41
C SER A 96 -3.74 -13.95 10.32
N GLN A 97 -2.89 -12.92 10.47
CA GLN A 97 -1.71 -12.95 11.32
C GLN A 97 -2.11 -12.71 12.78
N GLY A 98 -3.33 -12.21 12.99
CA GLY A 98 -3.93 -11.92 14.28
C GLY A 98 -5.33 -12.50 14.27
N THR A 99 -5.47 -13.80 14.00
CA THR A 99 -6.74 -14.51 13.96
C THR A 99 -7.46 -14.31 15.30
P24 PNS B . 12.20 -4.14 -14.86
O25 PNS B . 11.36 -5.34 -14.79
O26 PNS B . 12.34 -3.44 -16.16
O27 PNS B . 13.67 -4.54 -14.33
C28 PNS B . 14.10 -4.48 -12.98
C29 PNS B . 13.80 -5.70 -12.07
C30 PNS B . 12.34 -5.82 -11.66
C31 PNS B . 14.51 -5.40 -10.74
C32 PNS B . 14.24 -7.05 -12.69
O33 PNS B . 13.34 -7.56 -13.65
C34 PNS B . 15.61 -6.99 -13.36
O35 PNS B . 15.68 -6.78 -14.57
N36 PNS B . 16.71 -7.11 -12.61
C37 PNS B . 16.92 -7.64 -11.27
C38 PNS B . 16.67 -9.15 -11.21
C39 PNS B . 15.77 -9.60 -10.06
O40 PNS B . 15.95 -10.70 -9.50
N41 PNS B . 14.64 -8.91 -9.88
C42 PNS B . 13.69 -9.02 -8.81
C43 PNS B . 12.79 -10.24 -8.93
S44 PNS B . 12.36 -10.96 -10.54
H282 PNS B . 15.19 -4.36 -13.01
H281 PNS B . 13.74 -3.58 -12.51
H303 PNS B . 11.97 -4.91 -11.20
H302 PNS B . 11.82 -6.05 -12.56
H301 PNS B . 12.22 -6.66 -10.97
H313 PNS B . 14.32 -6.22 -10.03
H312 PNS B . 15.57 -5.23 -10.89
H311 PNS B . 14.11 -4.48 -10.33
H32 PNS B . 14.26 -7.80 -11.92
H33 PNS B . 13.36 -6.98 -14.42
H36 PNS B . 17.39 -6.49 -12.97
H372 PNS B . 17.95 -7.45 -10.97
H371 PNS B . 16.28 -7.14 -10.55
H382 PNS B . 16.20 -9.46 -12.15
H381 PNS B . 17.63 -9.67 -11.14
H41 PNS B . 14.54 -8.07 -10.44
H422 PNS B . 14.20 -9.04 -7.85
H421 PNS B . 13.04 -8.13 -8.85
H431 PNS B . 13.26 -11.03 -8.35
H432 PNS B . 11.87 -9.98 -8.41
C1 MAH C . 11.10 -9.94 -11.12
C2 MAH C . 11.12 -9.69 -12.64
C3 MAH C . 10.12 -10.53 -13.48
C4 MAH C . 10.42 -10.51 -15.00
C5 MAH C . 11.49 -9.52 -15.45
C6 MAH C . 10.15 -12.02 -13.08
O1 MAH C . 10.06 -10.20 -10.49
O3 MAH C . 11.19 -8.36 -15.68
O4 MAH C . 12.78 -9.95 -15.55
O7 MAH C . 8.82 -10.04 -13.28
H21 MAH C . 10.91 -8.63 -12.81
H22 MAH C . 12.12 -9.89 -12.98
H41 MAH C . 10.78 -11.50 -15.30
H42 MAH C . 9.50 -10.33 -15.56
H61 MAH C . 9.79 -12.16 -12.06
H62 MAH C . 9.51 -12.60 -13.74
H63 MAH C . 11.16 -12.41 -13.13
HO4 MAH C . 13.38 -9.25 -15.84
HO7 MAH C . 8.77 -9.13 -13.61
N SER A 1 -8.24 4.78 15.77
CA SER A 1 -7.84 4.96 14.36
C SER A 1 -8.44 6.27 13.87
N GLY A 2 -7.63 7.09 13.21
CA GLY A 2 -8.04 8.38 12.65
C GLY A 2 -8.21 8.33 11.14
N LEU A 3 -8.10 7.15 10.54
CA LEU A 3 -8.21 6.93 9.11
C LEU A 3 -9.57 7.40 8.61
N VAL A 4 -9.52 8.25 7.60
CA VAL A 4 -10.66 8.86 6.97
C VAL A 4 -10.67 8.54 5.47
N PRO A 5 -11.82 8.18 4.89
CA PRO A 5 -11.94 7.89 3.48
C PRO A 5 -11.96 9.23 2.72
N ARG A 6 -11.58 9.24 1.44
CA ARG A 6 -11.60 10.47 0.64
C ARG A 6 -13.00 10.82 0.14
N GLY A 7 -13.94 9.89 0.22
CA GLY A 7 -15.31 10.09 -0.22
C GLY A 7 -16.25 8.96 0.18
N SER A 8 -15.73 7.73 0.31
CA SER A 8 -16.55 6.59 0.71
C SER A 8 -17.04 6.74 2.16
N HIS A 9 -17.88 5.81 2.60
CA HIS A 9 -18.43 5.85 3.95
C HIS A 9 -17.36 5.56 5.00
N MET A 10 -17.64 6.00 6.22
CA MET A 10 -16.78 5.81 7.37
C MET A 10 -16.88 4.35 7.83
N THR A 11 -15.91 3.93 8.63
CA THR A 11 -15.84 2.60 9.22
C THR A 11 -15.82 2.80 10.76
N PRO A 12 -16.36 1.86 11.55
CA PRO A 12 -16.39 1.93 13.01
C PRO A 12 -15.00 1.63 13.57
N GLN A 13 -14.91 1.24 14.84
CA GLN A 13 -13.64 0.90 15.48
C GLN A 13 -13.17 -0.44 14.93
N VAL A 14 -12.61 -0.43 13.73
CA VAL A 14 -12.09 -1.57 13.02
C VAL A 14 -10.63 -1.65 13.41
N ASN A 15 -10.37 -2.23 14.59
CA ASN A 15 -9.03 -2.43 15.13
C ASN A 15 -8.21 -3.43 14.28
N GLN A 16 -8.84 -4.11 13.32
CA GLN A 16 -8.23 -5.08 12.42
C GLN A 16 -7.48 -4.32 11.33
N VAL A 17 -6.64 -5.01 10.55
CA VAL A 17 -5.89 -4.36 9.49
C VAL A 17 -6.74 -4.18 8.23
N ASN A 18 -7.64 -3.21 8.33
CA ASN A 18 -8.60 -2.74 7.33
C ASN A 18 -7.83 -2.30 6.10
N LEU A 19 -8.45 -2.39 4.94
CA LEU A 19 -7.87 -1.99 3.66
C LEU A 19 -7.31 -0.57 3.66
N SER A 20 -7.96 0.36 4.38
CA SER A 20 -7.47 1.73 4.44
C SER A 20 -6.14 1.78 5.19
N GLU A 21 -5.92 0.92 6.19
CA GLU A 21 -4.68 0.91 6.98
C GLU A 21 -3.46 0.70 6.10
N ILE A 22 -3.45 -0.35 5.29
CA ILE A 22 -2.31 -0.66 4.43
C ILE A 22 -2.26 0.32 3.27
N LYS A 23 -3.40 0.68 2.65
CA LYS A 23 -3.40 1.61 1.53
C LYS A 23 -2.75 2.95 1.91
N GLN A 24 -3.22 3.58 2.98
CA GLN A 24 -2.68 4.88 3.38
C GLN A 24 -1.21 4.76 3.80
N VAL A 25 -0.81 3.62 4.38
CA VAL A 25 0.55 3.36 4.81
C VAL A 25 1.40 3.29 3.54
N LEU A 26 1.00 2.46 2.57
CA LEU A 26 1.68 2.27 1.30
C LEU A 26 1.83 3.61 0.59
N LYS A 27 0.90 4.56 0.73
CA LYS A 27 1.01 5.86 0.09
C LYS A 27 2.27 6.56 0.56
N GLN A 28 2.38 6.80 1.87
CA GLN A 28 3.54 7.49 2.42
C GLN A 28 4.83 6.78 2.03
N GLN A 29 4.78 5.45 2.09
CA GLN A 29 5.92 4.61 1.78
C GLN A 29 6.27 4.68 0.28
N LEU A 30 5.28 4.92 -0.59
CA LEU A 30 5.47 5.02 -2.03
C LEU A 30 6.02 6.39 -2.35
N ALA A 31 5.44 7.45 -1.76
CA ALA A 31 5.89 8.80 -2.03
C ALA A 31 7.38 8.92 -1.67
N GLU A 32 7.79 8.38 -0.53
CA GLU A 32 9.20 8.44 -0.12
C GLU A 32 10.09 7.63 -1.05
N ALA A 33 9.59 6.50 -1.56
CA ALA A 33 10.33 5.65 -2.48
C ALA A 33 10.48 6.32 -3.86
N LEU A 34 9.64 7.33 -4.14
CA LEU A 34 9.62 8.09 -5.37
C LEU A 34 10.10 9.54 -5.15
N TYR A 35 10.61 9.90 -3.96
CA TYR A 35 11.10 11.22 -3.57
C TYR A 35 10.06 12.34 -3.82
N THR A 36 8.79 12.09 -3.47
CA THR A 36 7.69 13.04 -3.68
C THR A 36 6.87 13.20 -2.40
N GLU A 37 5.72 13.86 -2.48
CA GLU A 37 4.82 14.07 -1.35
C GLU A 37 3.56 13.26 -1.55
N GLU A 38 2.98 12.83 -0.45
CA GLU A 38 1.77 12.02 -0.48
C GLU A 38 0.58 12.77 -1.06
N SER A 39 0.68 14.10 -1.06
CA SER A 39 -0.33 14.97 -1.59
C SER A 39 -0.52 14.75 -3.08
N GLU A 40 0.45 14.08 -3.72
CA GLU A 40 0.41 13.88 -5.15
C GLU A 40 -0.05 12.49 -5.58
N ILE A 41 0.02 11.53 -4.67
CA ILE A 41 -0.29 10.13 -4.90
C ILE A 41 -1.80 9.89 -4.78
N ALA A 42 -2.26 8.95 -5.57
CA ALA A 42 -3.61 8.44 -5.68
C ALA A 42 -3.52 6.95 -5.34
N GLU A 43 -4.64 6.39 -4.90
CA GLU A 43 -4.74 4.98 -4.51
C GLU A 43 -5.18 4.07 -5.65
N ASP A 44 -5.65 4.66 -6.75
CA ASP A 44 -6.13 4.00 -7.97
C ASP A 44 -5.27 4.33 -9.19
N GLN A 45 -4.20 5.11 -9.01
CA GLN A 45 -3.29 5.49 -10.09
C GLN A 45 -2.10 4.55 -10.04
N LYS A 46 -1.52 4.27 -11.20
CA LYS A 46 -0.39 3.36 -11.28
C LYS A 46 0.85 4.01 -10.73
N PHE A 47 1.59 3.29 -9.89
CA PHE A 47 2.84 3.79 -9.33
C PHE A 47 3.80 4.21 -10.44
N VAL A 48 3.79 3.50 -11.57
CA VAL A 48 4.66 3.81 -12.71
C VAL A 48 4.47 5.25 -13.16
N ASP A 49 3.25 5.76 -13.09
CA ASP A 49 2.92 7.11 -13.49
C ASP A 49 3.54 8.12 -12.52
N LEU A 50 3.55 7.76 -11.23
CA LEU A 50 4.12 8.56 -10.15
C LEU A 50 5.65 8.55 -10.25
N GLY A 51 6.24 7.55 -10.91
CA GLY A 51 7.69 7.38 -11.11
C GLY A 51 8.25 6.01 -10.71
N LEU A 52 7.40 4.99 -10.59
CA LEU A 52 7.83 3.64 -10.20
C LEU A 52 8.35 2.87 -11.40
N ASP A 53 9.68 2.78 -11.47
CA ASP A 53 10.33 2.06 -12.55
C ASP A 53 10.59 0.61 -12.12
N SER A 54 10.99 -0.25 -13.06
CA SER A 54 11.24 -1.66 -12.77
C SER A 54 12.25 -1.90 -11.65
N ILE A 55 13.21 -0.98 -11.45
CA ILE A 55 14.22 -1.10 -10.43
C ILE A 55 13.59 -0.73 -9.09
N VAL A 56 12.96 0.45 -9.04
CA VAL A 56 12.31 0.96 -7.86
C VAL A 56 11.24 -0.02 -7.35
N GLY A 57 10.53 -0.71 -8.24
CA GLY A 57 9.49 -1.64 -7.86
C GLY A 57 10.03 -2.88 -7.14
N VAL A 58 11.22 -3.35 -7.51
CA VAL A 58 11.83 -4.53 -6.90
C VAL A 58 12.43 -4.19 -5.55
N GLU A 59 13.02 -3.00 -5.40
CA GLU A 59 13.61 -2.61 -4.13
C GLU A 59 12.55 -2.21 -3.11
N TRP A 60 11.53 -1.44 -3.53
CA TRP A 60 10.44 -1.01 -2.66
C TRP A 60 9.73 -2.22 -2.11
N THR A 61 9.60 -3.26 -2.95
CA THR A 61 8.92 -4.50 -2.61
C THR A 61 9.49 -5.11 -1.31
N THR A 62 10.77 -4.90 -1.01
CA THR A 62 11.35 -5.46 0.21
C THR A 62 10.85 -4.73 1.45
N THR A 63 10.68 -3.41 1.36
CA THR A 63 10.24 -2.59 2.48
C THR A 63 8.92 -3.11 3.04
N ILE A 64 7.96 -3.47 2.18
CA ILE A 64 6.66 -3.98 2.62
C ILE A 64 6.81 -5.28 3.39
N ASN A 65 7.70 -6.15 2.93
CA ASN A 65 7.93 -7.43 3.55
C ASN A 65 8.43 -7.21 4.96
N GLN A 66 9.36 -6.27 5.11
CA GLN A 66 9.97 -5.92 6.37
C GLN A 66 8.92 -5.24 7.26
N THR A 67 7.93 -4.56 6.68
CA THR A 67 6.89 -3.91 7.47
C THR A 67 5.93 -4.94 8.08
N TYR A 68 5.53 -5.95 7.31
CA TYR A 68 4.56 -6.98 7.73
C TYR A 68 5.10 -8.38 7.99
N ASN A 69 6.41 -8.53 8.02
CA ASN A 69 7.12 -9.79 8.24
C ASN A 69 6.67 -10.87 7.23
N LEU A 70 6.62 -10.48 5.95
CA LEU A 70 6.20 -11.31 4.81
C LEU A 70 7.35 -11.53 3.84
N ASN A 71 7.06 -12.07 2.66
CA ASN A 71 7.99 -12.33 1.56
C ASN A 71 7.19 -12.11 0.30
N LEU A 72 7.58 -11.13 -0.49
CA LEU A 72 7.01 -10.70 -1.75
C LEU A 72 8.16 -10.24 -2.60
N LYS A 73 7.82 -10.11 -3.86
CA LYS A 73 8.68 -9.76 -4.94
C LYS A 73 8.05 -8.75 -5.87
N ALA A 74 8.89 -8.31 -6.79
CA ALA A 74 8.63 -7.34 -7.83
C ALA A 74 7.34 -7.64 -8.60
N THR A 75 6.95 -8.92 -8.74
CA THR A 75 5.72 -9.29 -9.43
C THR A 75 4.53 -8.57 -8.80
N LYS A 76 4.51 -8.36 -7.47
CA LYS A 76 3.42 -7.65 -6.81
C LYS A 76 3.27 -6.26 -7.41
N LEU A 77 4.37 -5.55 -7.58
CA LEU A 77 4.38 -4.20 -8.17
C LEU A 77 3.87 -4.24 -9.61
N TYR A 78 3.95 -5.39 -10.28
CA TYR A 78 3.50 -5.60 -11.67
C TYR A 78 2.11 -6.22 -11.76
N ASP A 79 1.45 -6.57 -10.65
CA ASP A 79 0.11 -7.14 -10.66
C ASP A 79 -0.86 -6.23 -9.94
N TYR A 80 -0.33 -5.46 -8.98
CA TYR A 80 -1.04 -4.52 -8.14
C TYR A 80 -0.31 -3.18 -8.21
N PRO A 81 -0.43 -2.46 -9.33
CA PRO A 81 0.21 -1.16 -9.53
C PRO A 81 -0.46 -0.01 -8.76
N THR A 82 -1.53 -0.26 -8.00
CA THR A 82 -2.25 0.78 -7.25
C THR A 82 -2.20 0.50 -5.73
N LEU A 83 -2.42 1.50 -4.86
CA LEU A 83 -2.36 1.28 -3.41
C LEU A 83 -3.53 0.44 -2.97
N LEU A 84 -4.68 0.62 -3.59
CA LEU A 84 -5.87 -0.14 -3.23
C LEU A 84 -5.65 -1.63 -3.47
N GLU A 85 -5.00 -1.97 -4.58
CA GLU A 85 -4.70 -3.35 -4.97
C GLU A 85 -3.60 -3.94 -4.11
N LEU A 86 -2.47 -3.23 -4.00
CA LEU A 86 -1.33 -3.69 -3.21
C LEU A 86 -1.77 -3.90 -1.76
N SER A 87 -2.63 -3.00 -1.27
CA SER A 87 -3.18 -3.07 0.07
C SER A 87 -4.10 -4.28 0.18
N GLY A 88 -4.93 -4.51 -0.85
CA GLY A 88 -5.90 -5.57 -0.94
C GLY A 88 -5.29 -6.94 -0.73
N TYR A 89 -4.07 -7.16 -1.20
CA TYR A 89 -3.43 -8.46 -1.03
C TYR A 89 -3.01 -8.58 0.44
N ILE A 90 -2.15 -7.67 0.88
CA ILE A 90 -1.62 -7.62 2.24
C ILE A 90 -2.74 -7.68 3.30
N ALA A 91 -3.88 -7.00 3.10
CA ALA A 91 -5.02 -6.99 4.01
C ALA A 91 -5.43 -8.41 4.37
N GLN A 92 -5.54 -9.30 3.38
CA GLN A 92 -5.94 -10.69 3.59
C GLN A 92 -4.91 -11.45 4.41
N ILE A 93 -3.63 -11.16 4.21
CA ILE A 93 -2.54 -11.81 4.92
C ILE A 93 -2.56 -11.37 6.38
N LEU A 94 -2.53 -10.07 6.65
CA LEU A 94 -2.51 -9.51 7.99
C LEU A 94 -3.75 -9.86 8.79
N SER A 95 -4.92 -9.81 8.16
CA SER A 95 -6.15 -10.16 8.84
C SER A 95 -6.13 -11.65 9.25
N SER A 96 -5.32 -12.49 8.58
CA SER A 96 -5.16 -13.92 8.86
C SER A 96 -3.98 -14.14 9.81
N GLN A 97 -3.09 -13.16 10.01
CA GLN A 97 -1.97 -13.27 10.96
C GLN A 97 -2.52 -13.17 12.39
N GLY A 98 -3.77 -12.72 12.52
CA GLY A 98 -4.51 -12.55 13.75
C GLY A 98 -5.84 -13.25 13.54
N THR A 99 -5.81 -14.56 13.40
CA THR A 99 -6.96 -15.46 13.19
C THR A 99 -7.79 -15.57 14.47
P24 PNS B . 11.93 -4.79 -15.03
O25 PNS B . 11.10 -6.01 -14.89
O26 PNS B . 12.02 -4.12 -16.36
O27 PNS B . 13.43 -5.19 -14.61
C28 PNS B . 13.94 -5.17 -13.30
C29 PNS B . 13.72 -6.42 -12.41
C30 PNS B . 12.30 -6.47 -11.86
C31 PNS B . 14.61 -6.20 -11.18
C32 PNS B . 14.02 -7.80 -13.09
O33 PNS B . 13.09 -8.18 -14.09
C34 PNS B . 15.38 -7.81 -13.78
O35 PNS B . 15.53 -7.26 -14.88
N36 PNS B . 16.44 -8.23 -13.09
C37 PNS B . 16.54 -8.92 -11.80
C38 PNS B . 16.59 -10.44 -12.00
C39 PNS B . 16.28 -11.14 -10.68
O40 PNS B . 17.18 -11.55 -9.92
N41 PNS B . 14.98 -11.10 -10.33
C42 PNS B . 14.49 -11.19 -8.98
C43 PNS B . 13.42 -10.11 -8.83
S44 PNS B . 12.82 -9.78 -7.16
H282 PNS B . 15.03 -5.04 -13.40
H281 PNS B . 13.59 -4.28 -12.78
H303 PNS B . 11.93 -5.48 -11.65
H302 PNS B . 11.72 -6.95 -12.62
H301 PNS B . 12.26 -7.08 -10.95
H313 PNS B . 14.41 -6.95 -10.41
H312 PNS B . 15.66 -6.30 -11.45
H311 PNS B . 14.44 -5.22 -10.79
H32 PNS B . 13.97 -8.58 -12.33
H33 PNS B . 13.21 -7.61 -14.85
H36 PNS B . 17.22 -7.70 -13.37
H372 PNS B . 17.43 -8.59 -11.28
H371 PNS B . 15.67 -8.67 -11.20
H382 PNS B . 15.83 -10.70 -12.73
H381 PNS B . 17.57 -10.73 -12.37
H41 PNS B . 14.34 -10.71 -11.01
H422 PNS B . 14.06 -12.18 -8.80
H421 PNS B . 15.29 -10.99 -8.26
H431 PNS B . 13.78 -9.17 -9.24
H432 PNS B . 12.56 -10.43 -9.43
C1 MAH C . 12.38 -11.34 -6.66
C2 MAH C . 13.36 -12.17 -5.85
C3 MAH C . 12.76 -12.62 -4.50
C4 MAH C . 13.87 -13.39 -3.77
C5 MAH C . 13.52 -13.76 -2.32
C6 MAH C . 12.33 -11.39 -3.67
O1 MAH C . 11.53 -11.81 -7.43
O3 MAH C . 13.98 -13.09 -1.40
O4 MAH C . 12.96 -14.98 -2.07
O7 MAH C . 11.65 -13.47 -4.71
H21 MAH C . 13.65 -13.03 -6.43
H22 MAH C . 14.24 -11.57 -5.66
H41 MAH C . 14.10 -14.30 -4.32
H42 MAH C . 14.78 -12.78 -3.76
H61 MAH C . 11.57 -10.81 -4.19
H62 MAH C . 11.91 -11.70 -2.71
H63 MAH C . 13.19 -10.75 -3.50
HO4 MAH C . 12.87 -15.16 -1.13
HO7 MAH C . 11.94 -14.23 -5.21
N SER A 1 -14.19 3.30 1.86
CA SER A 1 -12.80 3.45 2.28
C SER A 1 -12.53 4.88 2.78
N GLY A 2 -11.93 5.75 1.96
CA GLY A 2 -11.62 7.15 2.27
C GLY A 2 -10.98 7.43 3.63
N LEU A 3 -9.84 6.82 3.93
CA LEU A 3 -9.11 7.00 5.18
C LEU A 3 -7.99 8.01 4.94
N VAL A 4 -8.14 9.27 5.36
CA VAL A 4 -7.11 10.29 5.21
C VAL A 4 -6.77 10.91 6.58
N PRO A 5 -5.51 10.83 7.07
CA PRO A 5 -5.12 11.38 8.35
C PRO A 5 -4.88 12.89 8.29
N ARG A 6 -5.83 13.71 8.75
CA ARG A 6 -5.70 15.16 8.74
C ARG A 6 -6.36 15.90 9.90
N GLY A 7 -7.40 15.35 10.53
CA GLY A 7 -8.09 15.99 11.63
C GLY A 7 -9.58 16.21 11.35
N SER A 8 -10.07 15.82 10.16
CA SER A 8 -11.46 16.01 9.81
C SER A 8 -12.31 14.81 10.19
N HIS A 9 -12.03 13.63 9.62
CA HIS A 9 -12.79 12.42 9.90
C HIS A 9 -11.84 11.33 10.42
N MET A 10 -12.35 10.44 11.27
CA MET A 10 -11.63 9.34 11.90
C MET A 10 -12.38 8.03 11.65
N THR A 11 -11.73 6.91 11.94
CA THR A 11 -12.28 5.56 11.78
C THR A 11 -12.46 4.98 13.20
N PRO A 12 -13.40 4.04 13.43
CA PRO A 12 -13.62 3.44 14.75
C PRO A 12 -12.49 2.46 15.10
N GLN A 13 -12.72 1.58 16.06
CA GLN A 13 -11.78 0.57 16.51
C GLN A 13 -11.80 -0.55 15.47
N VAL A 14 -11.09 -0.35 14.37
CA VAL A 14 -10.99 -1.29 13.27
C VAL A 14 -9.83 -2.24 13.60
N ASN A 15 -10.11 -3.20 14.49
CA ASN A 15 -9.14 -4.22 14.91
C ASN A 15 -8.63 -5.05 13.73
N GLN A 16 -9.55 -5.40 12.85
CA GLN A 16 -9.32 -6.18 11.65
C GLN A 16 -8.45 -5.39 10.66
N VAL A 17 -7.75 -6.09 9.78
CA VAL A 17 -6.92 -5.41 8.79
C VAL A 17 -7.74 -5.43 7.51
N ASN A 18 -8.55 -4.39 7.36
CA ASN A 18 -9.42 -4.18 6.22
C ASN A 18 -8.64 -3.78 4.98
N LEU A 19 -9.27 -3.78 3.81
CA LEU A 19 -8.64 -3.40 2.56
C LEU A 19 -8.11 -1.97 2.56
N SER A 20 -8.95 -1.02 2.96
CA SER A 20 -8.59 0.39 2.98
C SER A 20 -7.40 0.61 3.90
N GLU A 21 -7.29 -0.13 5.01
CA GLU A 21 -6.21 0.01 5.99
C GLU A 21 -4.83 -0.09 5.33
N ILE A 22 -4.57 -1.14 4.56
CA ILE A 22 -3.31 -1.34 3.87
C ILE A 22 -3.23 -0.41 2.66
N LYS A 23 -4.31 -0.23 1.88
CA LYS A 23 -4.31 0.62 0.70
C LYS A 23 -3.87 2.04 1.01
N GLN A 24 -4.54 2.67 1.98
CA GLN A 24 -4.21 4.03 2.39
C GLN A 24 -2.72 4.12 2.82
N VAL A 25 -2.22 3.07 3.49
CA VAL A 25 -0.85 2.98 3.97
C VAL A 25 0.09 2.85 2.77
N LEU A 26 -0.19 2.00 1.81
CA LEU A 26 0.66 1.86 0.64
C LEU A 26 0.76 3.19 -0.10
N LYS A 27 -0.27 4.06 -0.08
CA LYS A 27 -0.21 5.35 -0.77
C LYS A 27 0.92 6.19 -0.19
N GLN A 28 0.85 6.46 1.11
CA GLN A 28 1.84 7.26 1.80
C GLN A 28 3.24 6.74 1.55
N GLN A 29 3.35 5.43 1.59
CA GLN A 29 4.57 4.69 1.41
C GLN A 29 5.09 4.78 -0.04
N LEU A 30 4.19 4.91 -1.02
CA LEU A 30 4.51 4.99 -2.43
C LEU A 30 4.89 6.41 -2.79
N ALA A 31 4.13 7.41 -2.35
CA ALA A 31 4.44 8.79 -2.66
C ALA A 31 5.84 9.13 -2.20
N GLU A 32 6.23 8.73 -0.99
CA GLU A 32 7.57 9.01 -0.50
C GLU A 32 8.62 8.25 -1.32
N ALA A 33 8.32 7.00 -1.72
CA ALA A 33 9.23 6.19 -2.52
C ALA A 33 9.38 6.72 -3.94
N LEU A 34 8.43 7.54 -4.40
CA LEU A 34 8.40 8.17 -5.71
C LEU A 34 8.71 9.67 -5.61
N TYR A 35 9.13 10.14 -4.43
CA TYR A 35 9.48 11.52 -4.14
C TYR A 35 8.37 12.49 -4.57
N THR A 36 7.16 12.28 -4.04
CA THR A 36 6.00 13.10 -4.33
C THR A 36 5.08 13.18 -3.10
N GLU A 37 3.85 13.67 -3.30
CA GLU A 37 2.82 13.86 -2.30
C GLU A 37 1.65 12.93 -2.57
N GLU A 38 1.02 12.45 -1.51
CA GLU A 38 -0.12 11.55 -1.58
C GLU A 38 -1.33 12.18 -2.26
N SER A 39 -1.36 13.50 -2.29
CA SER A 39 -2.43 14.26 -2.90
C SER A 39 -2.42 14.12 -4.42
N GLU A 40 -1.43 13.42 -4.98
CA GLU A 40 -1.27 13.21 -6.42
C GLU A 40 -1.39 11.74 -6.86
N ILE A 41 -1.37 10.80 -5.93
CA ILE A 41 -1.44 9.37 -6.18
C ILE A 41 -2.90 8.94 -6.32
N ALA A 42 -3.12 7.76 -6.87
CA ALA A 42 -4.42 7.15 -7.03
C ALA A 42 -4.27 5.70 -6.58
N GLU A 43 -5.36 5.11 -6.13
CA GLU A 43 -5.35 3.75 -5.64
C GLU A 43 -5.49 2.74 -6.77
N ASP A 44 -5.97 3.21 -7.91
CA ASP A 44 -6.23 2.45 -9.13
C ASP A 44 -5.28 2.82 -10.27
N GLN A 45 -4.41 3.81 -10.09
CA GLN A 45 -3.45 4.21 -11.13
C GLN A 45 -2.21 3.34 -10.96
N LYS A 46 -1.58 3.01 -12.08
CA LYS A 46 -0.40 2.17 -12.05
C LYS A 46 0.76 2.96 -11.47
N PHE A 47 1.47 2.41 -10.49
CA PHE A 47 2.62 3.06 -9.87
C PHE A 47 3.62 3.51 -10.92
N VAL A 48 3.80 2.73 -12.01
CA VAL A 48 4.73 3.07 -13.07
C VAL A 48 4.38 4.44 -13.68
N ASP A 49 3.10 4.81 -13.72
CA ASP A 49 2.67 6.09 -14.24
C ASP A 49 3.03 7.21 -13.26
N LEU A 50 2.99 6.93 -11.96
CA LEU A 50 3.35 7.89 -10.90
C LEU A 50 4.88 8.10 -10.96
N GLY A 51 5.63 7.10 -11.48
CA GLY A 51 7.09 7.12 -11.62
C GLY A 51 7.80 5.88 -11.06
N LEU A 52 7.07 4.79 -10.78
CA LEU A 52 7.65 3.56 -10.23
C LEU A 52 8.48 2.87 -11.29
N ASP A 53 9.78 2.97 -11.12
CA ASP A 53 10.71 2.35 -12.06
C ASP A 53 11.04 0.96 -11.54
N SER A 54 11.62 0.11 -12.38
CA SER A 54 11.92 -1.25 -12.00
C SER A 54 12.78 -1.43 -10.75
N ILE A 55 13.76 -0.55 -10.49
CA ILE A 55 14.62 -0.67 -9.33
C ILE A 55 13.83 -0.21 -8.11
N VAL A 56 13.13 0.91 -8.24
CA VAL A 56 12.33 1.48 -7.18
C VAL A 56 11.27 0.46 -6.73
N GLY A 57 10.70 -0.31 -7.66
CA GLY A 57 9.68 -1.29 -7.33
C GLY A 57 10.24 -2.42 -6.47
N VAL A 58 11.42 -2.93 -6.80
CA VAL A 58 12.00 -4.02 -6.04
C VAL A 58 12.46 -3.58 -4.66
N GLU A 59 12.97 -2.37 -4.49
CA GLU A 59 13.40 -1.93 -3.16
C GLU A 59 12.20 -1.56 -2.31
N TRP A 60 11.21 -0.88 -2.89
CA TRP A 60 10.02 -0.47 -2.17
C TRP A 60 9.27 -1.69 -1.66
N THR A 61 9.27 -2.77 -2.45
CA THR A 61 8.57 -3.97 -2.01
C THR A 61 9.14 -4.50 -0.69
N THR A 62 10.42 -4.25 -0.40
CA THR A 62 11.01 -4.71 0.83
C THR A 62 10.42 -3.96 2.02
N THR A 63 10.18 -2.65 1.89
CA THR A 63 9.62 -1.85 2.99
C THR A 63 8.29 -2.46 3.44
N ILE A 64 7.48 -2.95 2.52
CA ILE A 64 6.20 -3.58 2.81
C ILE A 64 6.38 -4.87 3.63
N ASN A 65 7.41 -5.67 3.32
CA ASN A 65 7.67 -6.93 4.02
C ASN A 65 7.99 -6.63 5.45
N GLN A 66 8.86 -5.64 5.67
CA GLN A 66 9.28 -5.23 6.98
C GLN A 66 8.08 -4.73 7.77
N THR A 67 7.22 -3.96 7.09
CA THR A 67 6.04 -3.38 7.71
C THR A 67 5.04 -4.43 8.19
N TYR A 68 4.71 -5.42 7.35
CA TYR A 68 3.72 -6.44 7.70
C TYR A 68 4.30 -7.79 8.11
N ASN A 69 5.62 -7.90 8.27
CA ASN A 69 6.33 -9.13 8.63
C ASN A 69 6.02 -10.23 7.62
N LEU A 70 5.94 -9.87 6.34
CA LEU A 70 5.63 -10.75 5.22
C LEU A 70 6.86 -11.06 4.36
N ASN A 71 6.62 -11.80 3.28
CA ASN A 71 7.59 -12.22 2.29
C ASN A 71 6.99 -11.89 0.93
N LEU A 72 7.59 -10.94 0.23
CA LEU A 72 7.18 -10.44 -1.07
C LEU A 72 8.44 -9.95 -1.76
N LYS A 73 8.36 -9.92 -3.08
CA LYS A 73 9.42 -9.50 -3.97
C LYS A 73 8.85 -8.62 -5.06
N ALA A 74 9.71 -8.18 -5.98
CA ALA A 74 9.34 -7.32 -7.10
C ALA A 74 8.16 -7.89 -7.88
N THR A 75 7.92 -9.21 -7.80
CA THR A 75 6.78 -9.85 -8.45
C THR A 75 5.51 -9.13 -8.02
N LYS A 76 5.40 -8.72 -6.73
CA LYS A 76 4.21 -8.03 -6.28
C LYS A 76 3.97 -6.72 -7.02
N LEU A 77 5.02 -5.92 -7.19
CA LEU A 77 4.92 -4.62 -7.88
C LEU A 77 4.55 -4.80 -9.35
N TYR A 78 4.81 -5.99 -9.91
CA TYR A 78 4.53 -6.29 -11.29
C TYR A 78 3.14 -6.91 -11.47
N ASP A 79 2.65 -7.66 -10.50
CA ASP A 79 1.35 -8.31 -10.55
C ASP A 79 0.23 -7.40 -10.06
N TYR A 80 0.55 -6.46 -9.16
CA TYR A 80 -0.39 -5.52 -8.58
C TYR A 80 0.18 -4.10 -8.66
N PRO A 81 0.12 -3.46 -9.83
CA PRO A 81 0.63 -2.10 -10.01
C PRO A 81 -0.26 -1.01 -9.37
N THR A 82 -1.36 -1.32 -8.67
CA THR A 82 -2.25 -0.32 -8.05
C THR A 82 -2.32 -0.51 -6.53
N LEU A 83 -2.72 0.50 -5.73
CA LEU A 83 -2.78 0.31 -4.28
C LEU A 83 -3.89 -0.66 -3.97
N LEU A 84 -4.97 -0.62 -4.74
CA LEU A 84 -6.11 -1.50 -4.54
C LEU A 84 -5.71 -2.95 -4.72
N GLU A 85 -4.91 -3.27 -5.73
CA GLU A 85 -4.48 -4.63 -5.99
C GLU A 85 -3.42 -5.04 -4.96
N LEU A 86 -2.41 -4.17 -4.75
CA LEU A 86 -1.33 -4.44 -3.82
C LEU A 86 -1.87 -4.67 -2.42
N SER A 87 -2.89 -3.89 -2.01
CA SER A 87 -3.50 -4.02 -0.71
C SER A 87 -4.39 -5.27 -0.69
N GLY A 88 -5.11 -5.53 -1.79
CA GLY A 88 -6.02 -6.65 -1.99
C GLY A 88 -5.39 -8.00 -1.72
N TYR A 89 -4.06 -8.09 -1.82
CA TYR A 89 -3.31 -9.30 -1.57
C TYR A 89 -2.95 -9.33 -0.07
N ILE A 90 -2.25 -8.29 0.39
CA ILE A 90 -1.80 -8.15 1.78
C ILE A 90 -2.97 -8.30 2.77
N ALA A 91 -4.17 -7.78 2.45
CA ALA A 91 -5.38 -7.85 3.28
C ALA A 91 -5.70 -9.31 3.61
N GLN A 92 -5.60 -10.22 2.63
CA GLN A 92 -5.89 -11.62 2.84
C GLN A 92 -4.89 -12.18 3.84
N ILE A 93 -3.60 -11.95 3.57
CA ILE A 93 -2.50 -12.42 4.39
C ILE A 93 -2.65 -11.94 5.83
N LEU A 94 -2.77 -10.64 6.06
CA LEU A 94 -2.88 -10.09 7.41
C LEU A 94 -4.08 -10.62 8.15
N SER A 95 -5.22 -10.72 7.48
CA SER A 95 -6.42 -11.24 8.12
C SER A 95 -6.20 -12.70 8.60
N SER A 96 -5.22 -13.40 8.02
CA SER A 96 -4.86 -14.77 8.35
C SER A 96 -3.72 -14.87 9.36
N GLN A 97 -3.03 -13.76 9.59
CA GLN A 97 -1.95 -13.69 10.58
C GLN A 97 -2.55 -13.73 11.99
N GLY A 98 -3.84 -13.42 12.11
CA GLY A 98 -4.61 -13.41 13.34
C GLY A 98 -5.79 -14.36 13.23
N THR A 99 -5.60 -15.59 12.75
CA THR A 99 -6.67 -16.58 12.65
C THR A 99 -7.18 -16.79 14.07
P24 PNS B . 12.96 -4.54 -13.77
O25 PNS B . 12.49 -5.81 -13.19
O26 PNS B . 12.82 -4.37 -15.24
O27 PNS B . 14.51 -4.40 -13.39
C28 PNS B . 14.98 -4.31 -12.04
C29 PNS B . 15.05 -5.59 -11.16
C30 PNS B . 13.79 -5.75 -10.30
C31 PNS B . 16.18 -5.32 -10.16
C32 PNS B . 15.30 -6.87 -12.01
O33 PNS B . 16.60 -6.90 -12.55
C34 PNS B . 15.06 -8.19 -11.27
O35 PNS B . 15.66 -8.48 -10.23
N36 PNS B . 14.06 -8.91 -11.78
C37 PNS B . 13.50 -10.12 -11.21
C38 PNS B . 12.28 -9.77 -10.34
C39 PNS B . 12.50 -9.96 -8.84
O40 PNS B . 11.60 -10.38 -8.10
N41 PNS B . 13.65 -9.47 -8.36
C42 PNS B . 13.99 -9.30 -6.97
C43 PNS B . 15.39 -8.71 -6.86
S44 PNS B . 16.76 -9.88 -6.69
H282 PNS B . 16.00 -3.91 -12.12
H281 PNS B . 14.41 -3.55 -11.52
H303 PNS B . 13.55 -4.80 -9.84
H302 PNS B . 12.95 -6.08 -10.90
H301 PNS B . 13.94 -6.48 -9.51
H313 PNS B . 16.19 -6.12 -9.40
H312 PNS B . 17.14 -5.28 -10.66
H311 PNS B . 16.02 -4.36 -9.67
H32 PNS B . 14.60 -6.87 -12.83
H33 PNS B . 17.22 -7.06 -11.84
H36 PNS B . 13.57 -8.51 -12.57
H372 PNS B . 13.16 -10.76 -12.02
H371 PNS B . 14.25 -10.64 -10.63
H382 PNS B . 12.03 -8.71 -10.54
H381 PNS B . 11.45 -10.39 -10.64
H41 PNS B . 14.31 -9.09 -9.02
H422 PNS B . 13.27 -8.61 -6.52
H421 PNS B . 13.93 -10.24 -6.44
H431 PNS B . 15.56 -8.06 -7.71
H432 PNS B . 15.42 -8.07 -5.97
C1 MAH C . 16.53 -10.21 -5.02
C2 MAH C . 17.59 -9.89 -3.94
C3 MAH C . 17.98 -8.42 -3.67
C4 MAH C . 18.79 -7.89 -4.87
C5 MAH C . 19.41 -6.51 -4.74
C6 MAH C . 16.79 -7.53 -3.31
O1 MAH C . 15.72 -11.14 -4.92
O3 MAH C . 18.67 -5.51 -4.72
O4 MAH C . 20.69 -6.39 -5.17
O7 MAH C . 18.83 -8.46 -2.54
H21 MAH C . 17.21 -10.30 -3.02
H22 MAH C . 18.49 -10.43 -4.19
H41 MAH C . 19.59 -8.61 -5.09
H42 MAH C . 18.15 -7.87 -5.74
H61 MAH C . 17.14 -6.58 -2.90
H62 MAH C . 16.16 -7.34 -4.16
H63 MAH C . 16.20 -8.00 -2.53
HO4 MAH C . 20.97 -5.48 -5.23
HO7 MAH C . 19.60 -9.00 -2.75
N SER A 1 -4.77 2.39 12.71
CA SER A 1 -5.07 3.80 12.98
C SER A 1 -4.26 4.73 12.09
N GLY A 2 -4.48 6.05 12.20
CA GLY A 2 -3.81 7.08 11.42
C GLY A 2 -4.60 7.49 10.18
N LEU A 3 -5.77 6.90 9.99
CA LEU A 3 -6.66 7.15 8.87
C LEU A 3 -7.29 8.52 9.11
N VAL A 4 -7.09 9.44 8.15
CA VAL A 4 -7.58 10.81 8.19
C VAL A 4 -8.43 11.02 6.91
N PRO A 5 -9.76 10.78 6.96
CA PRO A 5 -10.65 10.93 5.82
C PRO A 5 -10.94 12.40 5.48
N ARG A 6 -10.08 13.05 4.70
CA ARG A 6 -10.26 14.46 4.35
C ARG A 6 -11.46 14.74 3.44
N GLY A 7 -11.83 13.81 2.57
CA GLY A 7 -12.94 14.00 1.64
C GLY A 7 -13.65 12.69 1.39
N SER A 8 -12.90 11.71 0.88
CA SER A 8 -13.39 10.38 0.58
C SER A 8 -13.91 9.72 1.88
N HIS A 9 -14.79 8.73 1.73
CA HIS A 9 -15.43 8.00 2.83
C HIS A 9 -14.45 7.20 3.70
N MET A 10 -14.94 6.72 4.85
CA MET A 10 -14.20 5.93 5.83
C MET A 10 -14.92 4.63 6.22
N THR A 11 -14.20 3.72 6.90
CA THR A 11 -14.68 2.44 7.39
C THR A 11 -15.07 2.54 8.88
N PRO A 12 -15.77 1.54 9.43
CA PRO A 12 -16.19 1.51 10.83
C PRO A 12 -15.07 0.91 11.69
N GLN A 13 -15.43 0.47 12.90
CA GLN A 13 -14.52 -0.16 13.85
C GLN A 13 -14.11 -1.53 13.27
N VAL A 14 -12.93 -1.58 12.66
CA VAL A 14 -12.35 -2.77 12.07
C VAL A 14 -11.02 -2.97 12.76
N ASN A 15 -11.01 -3.79 13.82
CA ASN A 15 -9.81 -4.10 14.59
C ASN A 15 -8.74 -4.69 13.70
N GLN A 16 -9.11 -5.71 12.91
CA GLN A 16 -8.22 -6.39 11.98
C GLN A 16 -7.75 -5.37 10.94
N VAL A 17 -6.61 -5.63 10.30
CA VAL A 17 -6.06 -4.72 9.32
C VAL A 17 -6.96 -4.68 8.07
N ASN A 18 -7.74 -3.62 8.00
CA ASN A 18 -8.67 -3.30 6.93
C ASN A 18 -7.89 -2.83 5.71
N LEU A 19 -8.50 -2.98 4.55
CA LEU A 19 -7.98 -2.58 3.26
C LEU A 19 -7.43 -1.17 3.25
N SER A 20 -8.26 -0.22 3.69
CA SER A 20 -7.92 1.18 3.75
C SER A 20 -6.69 1.43 4.61
N GLU A 21 -6.50 0.66 5.69
CA GLU A 21 -5.34 0.83 6.55
C GLU A 21 -4.05 0.64 5.75
N ILE A 22 -3.92 -0.47 5.03
CA ILE A 22 -2.74 -0.78 4.26
C ILE A 22 -2.68 0.16 3.07
N LYS A 23 -3.79 0.41 2.35
CA LYS A 23 -3.76 1.31 1.21
C LYS A 23 -3.23 2.69 1.60
N GLN A 24 -3.81 3.31 2.63
CA GLN A 24 -3.36 4.64 3.01
C GLN A 24 -1.92 4.65 3.52
N VAL A 25 -1.47 3.55 4.15
CA VAL A 25 -0.11 3.42 4.66
C VAL A 25 0.81 3.28 3.44
N LEU A 26 0.49 2.40 2.49
CA LEU A 26 1.25 2.18 1.27
C LEU A 26 1.37 3.51 0.53
N LYS A 27 0.37 4.39 0.57
CA LYS A 27 0.45 5.68 -0.12
C LYS A 27 1.64 6.46 0.43
N GLN A 28 1.69 6.67 1.75
CA GLN A 28 2.80 7.41 2.36
C GLN A 28 4.14 6.83 1.97
N GLN A 29 4.23 5.51 1.99
CA GLN A 29 5.42 4.75 1.68
C GLN A 29 5.77 4.83 0.19
N LEU A 30 4.79 4.96 -0.69
CA LEU A 30 5.01 5.05 -2.12
C LEU A 30 5.50 6.44 -2.46
N ALA A 31 4.81 7.48 -1.96
CA ALA A 31 5.20 8.85 -2.24
C ALA A 31 6.63 9.11 -1.78
N GLU A 32 7.01 8.64 -0.57
CA GLU A 32 8.37 8.88 -0.09
C GLU A 32 9.42 8.17 -0.95
N ALA A 33 9.10 6.98 -1.45
CA ALA A 33 10.00 6.18 -2.28
C ALA A 33 10.15 6.77 -3.68
N LEU A 34 9.13 7.51 -4.14
CA LEU A 34 9.11 8.16 -5.43
C LEU A 34 9.51 9.64 -5.28
N TYR A 35 9.86 10.09 -4.06
CA TYR A 35 10.24 11.45 -3.67
C TYR A 35 9.15 12.46 -4.06
N THR A 36 7.96 12.32 -3.47
CA THR A 36 6.84 13.21 -3.73
C THR A 36 5.88 13.25 -2.53
N GLU A 37 4.81 14.02 -2.69
CA GLU A 37 3.76 14.24 -1.72
C GLU A 37 2.64 13.24 -1.96
N GLU A 38 1.99 12.84 -0.89
CA GLU A 38 0.89 11.89 -0.97
C GLU A 38 -0.32 12.49 -1.69
N SER A 39 -0.39 13.81 -1.78
CA SER A 39 -1.49 14.47 -2.47
C SER A 39 -1.46 14.19 -3.98
N GLU A 40 -0.35 13.68 -4.54
CA GLU A 40 -0.27 13.41 -5.96
C GLU A 40 -0.64 11.96 -6.31
N ILE A 41 -0.59 11.06 -5.32
CA ILE A 41 -0.84 9.64 -5.45
C ILE A 41 -2.34 9.30 -5.46
N ALA A 42 -2.67 8.23 -6.16
CA ALA A 42 -4.01 7.69 -6.29
C ALA A 42 -4.00 6.27 -5.74
N GLU A 43 -5.18 5.69 -5.60
CA GLU A 43 -5.33 4.35 -5.04
C GLU A 43 -5.51 3.28 -6.11
N ASP A 44 -5.98 3.69 -7.28
CA ASP A 44 -6.29 2.90 -8.46
C ASP A 44 -5.38 3.25 -9.64
N GLN A 45 -4.35 4.07 -9.44
CA GLN A 45 -3.40 4.46 -10.47
C GLN A 45 -2.16 3.61 -10.31
N LYS A 46 -1.54 3.30 -11.45
CA LYS A 46 -0.34 2.47 -11.48
C LYS A 46 0.85 3.24 -10.96
N PHE A 47 1.58 2.67 -10.00
CA PHE A 47 2.76 3.27 -9.42
C PHE A 47 3.75 3.69 -10.51
N VAL A 48 3.84 2.94 -11.62
CA VAL A 48 4.74 3.25 -12.72
C VAL A 48 4.50 4.68 -13.23
N ASP A 49 3.25 5.13 -13.31
CA ASP A 49 2.90 6.48 -13.75
C ASP A 49 3.34 7.50 -12.72
N LEU A 50 3.24 7.15 -11.43
CA LEU A 50 3.64 8.01 -10.34
C LEU A 50 5.19 8.12 -10.34
N GLY A 51 5.91 7.20 -10.99
CA GLY A 51 7.38 7.17 -11.11
C GLY A 51 8.04 5.87 -10.64
N LEU A 52 7.28 4.79 -10.47
CA LEU A 52 7.81 3.50 -10.00
C LEU A 52 8.48 2.73 -11.11
N ASP A 53 9.80 2.76 -11.09
CA ASP A 53 10.59 2.03 -12.06
C ASP A 53 10.97 0.71 -11.40
N SER A 54 11.54 -0.20 -12.19
CA SER A 54 11.95 -1.53 -11.80
C SER A 54 12.82 -1.60 -10.54
N ILE A 55 13.72 -0.63 -10.35
CA ILE A 55 14.63 -0.58 -9.23
C ILE A 55 13.82 -0.22 -7.99
N VAL A 56 13.10 0.89 -8.07
CA VAL A 56 12.30 1.40 -7.00
C VAL A 56 11.27 0.35 -6.55
N GLY A 57 10.66 -0.36 -7.50
CA GLY A 57 9.67 -1.38 -7.19
C GLY A 57 10.26 -2.54 -6.37
N VAL A 58 11.43 -3.04 -6.77
CA VAL A 58 12.07 -4.14 -6.05
C VAL A 58 12.60 -3.70 -4.70
N GLU A 59 13.06 -2.47 -4.54
CA GLU A 59 13.56 -2.05 -3.24
C GLU A 59 12.40 -1.78 -2.28
N TRP A 60 11.32 -1.17 -2.77
CA TRP A 60 10.13 -0.81 -2.00
C TRP A 60 9.38 -2.02 -1.49
N THR A 61 9.37 -3.12 -2.26
CA THR A 61 8.69 -4.34 -1.81
C THR A 61 9.23 -4.76 -0.42
N THR A 62 10.49 -4.44 -0.11
CA THR A 62 11.13 -4.76 1.16
C THR A 62 10.53 -3.92 2.28
N THR A 63 10.28 -2.61 2.08
CA THR A 63 9.72 -1.75 3.11
C THR A 63 8.41 -2.37 3.61
N ILE A 64 7.58 -2.83 2.68
CA ILE A 64 6.30 -3.48 2.94
C ILE A 64 6.52 -4.74 3.78
N ASN A 65 7.48 -5.58 3.39
CA ASN A 65 7.77 -6.82 4.11
C ASN A 65 8.15 -6.51 5.53
N GLN A 66 9.03 -5.54 5.74
CA GLN A 66 9.50 -5.16 7.05
C GLN A 66 8.34 -4.59 7.86
N THR A 67 7.44 -3.84 7.21
CA THR A 67 6.32 -3.23 7.89
C THR A 67 5.35 -4.28 8.46
N TYR A 68 5.07 -5.32 7.69
CA TYR A 68 4.13 -6.37 8.07
C TYR A 68 4.75 -7.71 8.45
N ASN A 69 6.08 -7.79 8.50
CA ASN A 69 6.87 -8.98 8.82
C ASN A 69 6.52 -10.15 7.88
N LEU A 70 6.37 -9.83 6.60
CA LEU A 70 6.01 -10.74 5.51
C LEU A 70 7.19 -10.97 4.57
N ASN A 71 6.95 -11.61 3.43
CA ASN A 71 7.94 -11.92 2.41
C ASN A 71 7.26 -11.74 1.07
N LEU A 72 7.72 -10.75 0.31
CA LEU A 72 7.24 -10.35 -1.00
C LEU A 72 8.43 -9.84 -1.78
N LYS A 73 8.22 -9.78 -3.08
CA LYS A 73 9.18 -9.32 -4.04
C LYS A 73 8.52 -8.43 -5.06
N ALA A 74 9.34 -7.95 -5.99
CA ALA A 74 8.93 -7.08 -7.09
C ALA A 74 7.72 -7.63 -7.85
N THR A 75 7.49 -8.96 -7.81
CA THR A 75 6.36 -9.60 -8.45
C THR A 75 5.09 -8.91 -7.93
N LYS A 76 5.03 -8.56 -6.64
CA LYS A 76 3.86 -7.90 -6.09
C LYS A 76 3.64 -6.54 -6.73
N LEU A 77 4.70 -5.76 -6.92
CA LEU A 77 4.64 -4.43 -7.52
C LEU A 77 4.13 -4.49 -8.96
N TYR A 78 4.30 -5.61 -9.65
CA TYR A 78 3.87 -5.80 -11.02
C TYR A 78 2.49 -6.44 -11.09
N ASP A 79 2.14 -7.33 -10.16
CA ASP A 79 0.87 -8.02 -10.13
C ASP A 79 -0.23 -7.07 -9.65
N TYR A 80 0.14 -6.22 -8.68
CA TYR A 80 -0.69 -5.24 -8.04
C TYR A 80 0.01 -3.88 -8.10
N PRO A 81 -0.07 -3.20 -9.25
CA PRO A 81 0.55 -1.90 -9.47
C PRO A 81 -0.21 -0.74 -8.82
N THR A 82 -1.30 -0.97 -8.09
CA THR A 82 -2.10 0.07 -7.44
C THR A 82 -2.16 -0.19 -5.94
N LEU A 83 -2.44 0.86 -5.15
CA LEU A 83 -2.53 0.71 -3.70
C LEU A 83 -3.69 -0.20 -3.34
N LEU A 84 -4.83 -0.12 -4.02
CA LEU A 84 -5.98 -0.96 -3.71
C LEU A 84 -5.68 -2.44 -3.90
N GLU A 85 -4.99 -2.81 -4.96
CA GLU A 85 -4.65 -4.22 -5.18
C GLU A 85 -3.54 -4.67 -4.24
N LEU A 86 -2.50 -3.84 -4.08
CA LEU A 86 -1.37 -4.17 -3.22
C LEU A 86 -1.84 -4.35 -1.78
N SER A 87 -2.77 -3.48 -1.35
CA SER A 87 -3.32 -3.55 -0.01
C SER A 87 -4.22 -4.76 0.17
N GLY A 88 -5.00 -5.14 -0.86
CA GLY A 88 -5.93 -6.25 -0.81
C GLY A 88 -5.25 -7.55 -0.41
N TYR A 89 -4.08 -7.82 -0.99
CA TYR A 89 -3.36 -9.04 -0.68
C TYR A 89 -2.92 -9.01 0.78
N ILE A 90 -2.22 -7.94 1.17
CA ILE A 90 -1.70 -7.76 2.52
C ILE A 90 -2.83 -7.79 3.55
N ALA A 91 -4.00 -7.22 3.27
CA ALA A 91 -5.17 -7.19 4.17
C ALA A 91 -5.52 -8.61 4.58
N GLN A 92 -5.66 -9.52 3.59
CA GLN A 92 -6.00 -10.91 3.86
C GLN A 92 -4.95 -11.56 4.76
N ILE A 93 -3.67 -11.34 4.46
CA ILE A 93 -2.57 -11.91 5.22
C ILE A 93 -2.63 -11.39 6.66
N LEU A 94 -2.63 -10.08 6.86
CA LEU A 94 -2.64 -9.46 8.17
C LEU A 94 -3.86 -9.85 8.99
N SER A 95 -5.04 -9.81 8.38
CA SER A 95 -6.23 -10.17 9.13
C SER A 95 -6.22 -11.66 9.51
N SER A 96 -5.45 -12.50 8.80
CA SER A 96 -5.33 -13.93 9.09
C SER A 96 -4.18 -14.22 10.05
N GLN A 97 -3.18 -13.34 10.11
CA GLN A 97 -2.03 -13.49 11.00
C GLN A 97 -2.50 -13.36 12.45
N GLY A 98 -3.59 -12.62 12.70
CA GLY A 98 -4.18 -12.41 14.01
C GLY A 98 -5.47 -13.21 14.08
N THR A 99 -5.43 -14.47 13.67
CA THR A 99 -6.53 -15.42 13.64
C THR A 99 -7.26 -15.36 14.98
P24 PNS B . 13.91 -4.29 -13.80
O25 PNS B . 13.71 -5.74 -13.59
O26 PNS B . 13.88 -3.77 -15.18
O27 PNS B . 15.33 -3.87 -13.13
C28 PNS B . 15.59 -3.88 -11.72
C29 PNS B . 15.81 -5.27 -11.06
C30 PNS B . 14.45 -5.76 -10.52
C31 PNS B . 16.69 -5.20 -9.81
C32 PNS B . 16.52 -6.26 -12.02
O33 PNS B . 17.71 -5.71 -12.55
C34 PNS B . 16.83 -7.64 -11.43
O35 PNS B . 17.79 -7.87 -10.68
N36 PNS B . 16.00 -8.57 -11.86
C37 PNS B . 16.12 -9.98 -11.67
C38 PNS B . 14.86 -10.59 -12.23
C39 PNS B . 13.72 -10.69 -11.22
O40 PNS B . 12.97 -11.67 -11.21
N41 PNS B . 13.43 -9.55 -10.59
C42 PNS B . 12.11 -9.13 -10.19
C43 PNS B . 11.72 -7.94 -11.06
S44 PNS B . 10.50 -8.12 -12.39
H282 PNS B . 16.50 -3.30 -11.56
H281 PNS B . 14.79 -3.35 -11.20
H303 PNS B . 14.09 -5.07 -9.76
H302 PNS B . 13.70 -5.78 -11.29
H301 PNS B . 14.53 -6.75 -10.07
H313 PNS B . 16.53 -6.16 -9.29
H312 PNS B . 17.74 -5.11 -10.07
H311 PNS B . 16.41 -4.36 -9.19
H32 PNS B . 15.85 -6.42 -12.84
H33 PNS B . 18.36 -5.64 -11.85
H36 PNS B . 15.25 -8.28 -12.48
H372 PNS B . 16.97 -10.35 -12.23
H371 PNS B . 16.20 -10.25 -10.61
H382 PNS B . 14.53 -9.88 -12.98
H381 PNS B . 15.06 -11.55 -12.66
H41 PNS B . 14.08 -8.79 -10.71
H422 PNS B . 11.38 -9.92 -10.30
H421 PNS B . 12.16 -8.82 -9.15
H431 PNS B . 11.39 -7.15 -10.39
H432 PNS B . 12.62 -7.55 -11.54
C1 MAH C . 11.19 -9.33 -13.40
C2 MAH C . 10.82 -10.80 -13.16
C3 MAH C . 9.44 -11.24 -13.66
C4 MAH C . 9.11 -10.65 -15.05
C5 MAH C . 7.87 -11.27 -15.74
C6 MAH C . 9.49 -12.78 -13.75
O1 MAH C . 12.34 -9.02 -13.74
O3 MAH C . 7.94 -11.63 -16.92
O4 MAH C . 6.69 -11.42 -15.09
O7 MAH C . 8.47 -10.88 -12.69
H21 MAH C . 11.59 -11.41 -13.65
H22 MAH C . 10.86 -11.00 -12.10
H41 MAH C . 8.96 -9.58 -14.97
H42 MAH C . 9.96 -10.84 -15.70
H61 MAH C . 10.21 -13.09 -14.52
H62 MAH C . 9.80 -13.19 -12.79
H63 MAH C . 8.52 -13.17 -14.01
HO4 MAH C . 5.99 -11.77 -15.64
HO7 MAH C . 8.32 -9.94 -12.74
#